data_8PNS
#
_entry.id   8PNS
#
_cell.length_a   155.918
_cell.length_b   155.918
_cell.length_c   99.511
_cell.angle_alpha   90.00
_cell.angle_beta   90.00
_cell.angle_gamma   120.00
#
_symmetry.space_group_name_H-M   'P 65'
#
loop_
_entity.id
_entity.type
_entity.pdbx_description
1 polymer 'Acyl-CoA dehydrogenase'
2 non-polymer 'FLAVIN-ADENINE DINUCLEOTIDE'
3 non-polymer DI(HYDROXYETHYL)ETHER
4 non-polymer 'OCTANOYL-COENZYME A'
5 water water
#
_entity_poly.entity_id   1
_entity_poly.type   'polypeptide(L)'
_entity_poly.pdbx_seq_one_letter_code
;GHMPDYKAPLRDIRFVRDELLGYEAHYQSLPGAEDATPDMVNAILEEGAKFCEQVIAPLNRVGDLEGCTWSADGVKTPTG
FKEAYQQFVEGGWPSLAHDVEHGGQGLPESLGLAISEMVGQANWSWGMYPGLSHGAMNTLHAHGTAEQQATYLTKLVSGE
WTGTMCLTEPHCGTDLGMLRTKAEPQADGSYKVTGTKIFISAGEHDMADNIVHIVLARLPDAPQGTKGISLFIVPKFLPN
AEGNAGERNAVSCGSIEHKMGIHGNATCVMNFDAATGFLIGPPNKGLNCMFTFMNTARLGTALQGLAHAEVGFQGGIAYA
RERLQMRSLTGPKAPEKPADPIIVHPDVRRMLLTMKAFAEGNRAMLYFAAKQVDIVQRSQDEEQKKAADSMLAFLTPIAK
AFMTEVGFESANHGVQIFGGHGFIAEHGMEQNVRDSRISMLYEGTTGVQALDLLGRKVLMTQGEALKGFTKIVHKFCQAN
EANEAVKEFVAPLAQLNKEWGDLTMKVGMAAMKDREEVGAASVDYLMYSGYACLAYFWADMARLAAEKLAAGTGEEAFYK
AKLQTARFYFQRILPRTRAHVAAMLSGANNLMEMAEEDFALGY
;
_entity_poly.pdbx_strand_id   A,B
#
loop_
_chem_comp.id
_chem_comp.type
_chem_comp.name
_chem_comp.formula
CO8 non-polymer 'OCTANOYL-COENZYME A' 'C29 H50 N7 O17 P3 S'
FAD non-polymer 'FLAVIN-ADENINE DINUCLEOTIDE' 'C27 H33 N9 O15 P2'
PEG non-polymer DI(HYDROXYETHYL)ETHER 'C4 H10 O3'
#
# COMPACT_ATOMS: atom_id res chain seq x y z
N PRO A 4 6.54 -21.58 8.00
CA PRO A 4 6.33 -22.12 6.64
C PRO A 4 7.11 -21.33 5.58
N ASP A 5 7.98 -22.00 4.83
CA ASP A 5 8.80 -21.36 3.75
C ASP A 5 8.06 -21.43 2.41
N TYR A 6 8.49 -20.70 1.37
CA TYR A 6 7.87 -20.72 0.02
C TYR A 6 7.56 -22.15 -0.42
N LYS A 7 6.31 -22.41 -0.83
CA LYS A 7 5.84 -23.67 -1.43
C LYS A 7 5.26 -23.34 -2.82
N ALA A 8 5.83 -23.89 -3.89
CA ALA A 8 5.28 -23.72 -5.26
C ALA A 8 3.83 -24.15 -5.29
N PRO A 9 2.91 -23.35 -5.89
CA PRO A 9 1.52 -23.78 -6.03
C PRO A 9 1.32 -24.67 -7.26
N LEU A 10 2.11 -25.74 -7.39
CA LEU A 10 2.02 -26.65 -8.57
C LEU A 10 0.60 -27.20 -8.77
N ARG A 11 -0.13 -27.57 -7.72
CA ARG A 11 -1.48 -28.19 -7.93
C ARG A 11 -2.40 -27.18 -8.64
N ASP A 12 -2.24 -25.89 -8.31
CA ASP A 12 -3.12 -24.85 -8.89
C ASP A 12 -2.61 -24.52 -10.29
N ILE A 13 -1.29 -24.55 -10.51
CA ILE A 13 -0.71 -24.30 -11.85
C ILE A 13 -1.20 -25.40 -12.79
N ARG A 14 -1.27 -26.64 -12.34
CA ARG A 14 -1.77 -27.77 -13.16
C ARG A 14 -3.27 -27.60 -13.41
N PHE A 15 -4.02 -27.26 -12.38
CA PHE A 15 -5.47 -27.02 -12.53
C PHE A 15 -5.65 -26.02 -13.67
N VAL A 16 -4.89 -24.92 -13.64
CA VAL A 16 -5.14 -23.78 -14.57
C VAL A 16 -4.81 -24.20 -16.01
N ARG A 17 -3.64 -24.80 -16.25
CA ARG A 17 -3.09 -25.15 -17.59
C ARG A 17 -3.74 -26.42 -18.14
N ASP A 18 -3.78 -27.47 -17.33
CA ASP A 18 -4.17 -28.81 -17.79
C ASP A 18 -5.70 -28.85 -17.85
N GLU A 19 -6.37 -28.45 -16.79
CA GLU A 19 -7.84 -28.64 -16.63
C GLU A 19 -8.60 -27.44 -17.23
N LEU A 20 -8.32 -26.19 -16.84
CA LEU A 20 -9.09 -25.01 -17.32
C LEU A 20 -8.68 -24.69 -18.75
N LEU A 21 -7.40 -24.71 -19.11
CA LEU A 21 -6.93 -24.07 -20.37
C LEU A 21 -6.48 -25.07 -21.43
N GLY A 22 -6.57 -26.39 -21.20
CA GLY A 22 -6.42 -27.40 -22.26
C GLY A 22 -5.02 -27.44 -22.80
N TYR A 23 -4.02 -27.19 -21.94
CA TYR A 23 -2.60 -27.07 -22.37
C TYR A 23 -2.08 -28.34 -23.09
N GLU A 24 -2.60 -29.54 -22.82
CA GLU A 24 -2.09 -30.75 -23.53
C GLU A 24 -2.40 -30.61 -25.04
N ALA A 25 -3.68 -30.39 -25.38
CA ALA A 25 -4.24 -30.20 -26.75
C ALA A 25 -3.59 -28.99 -27.42
N HIS A 26 -3.38 -27.90 -26.69
CA HIS A 26 -2.74 -26.68 -27.22
C HIS A 26 -1.31 -26.97 -27.66
N TYR A 27 -0.60 -27.78 -26.90
CA TYR A 27 0.83 -28.03 -27.18
C TYR A 27 0.97 -28.93 -28.42
N GLN A 28 0.08 -29.91 -28.52
CA GLN A 28 0.03 -30.82 -29.70
C GLN A 28 -0.41 -30.09 -30.97
N SER A 29 -1.09 -28.97 -30.86
CA SER A 29 -1.59 -28.18 -32.02
C SER A 29 -0.53 -27.20 -32.50
N LEU A 30 0.67 -27.24 -31.94
CA LEU A 30 1.68 -26.19 -32.19
C LEU A 30 2.97 -26.79 -32.71
N PRO A 31 3.53 -26.24 -33.82
CA PRO A 31 4.77 -26.74 -34.38
C PRO A 31 5.85 -26.60 -33.30
N GLY A 32 6.72 -27.59 -33.19
CA GLY A 32 7.93 -27.56 -32.32
C GLY A 32 7.62 -27.91 -30.88
N ALA A 33 6.35 -28.20 -30.57
CA ALA A 33 5.84 -28.46 -29.21
C ALA A 33 5.72 -29.98 -28.93
N GLU A 34 6.31 -30.81 -29.79
CA GLU A 34 6.22 -32.28 -29.63
C GLU A 34 7.04 -32.75 -28.41
N ASP A 35 8.04 -31.98 -27.99
CA ASP A 35 8.91 -32.35 -26.85
C ASP A 35 8.26 -31.88 -25.54
N ALA A 36 7.19 -31.10 -25.61
CA ALA A 36 6.48 -30.69 -24.39
C ALA A 36 5.41 -31.74 -24.06
N THR A 37 5.84 -33.00 -23.96
CA THR A 37 4.93 -34.10 -23.56
C THR A 37 4.41 -33.81 -22.15
N PRO A 38 3.18 -34.23 -21.80
CA PRO A 38 2.68 -34.04 -20.45
C PRO A 38 3.65 -34.48 -19.35
N ASP A 39 4.35 -35.60 -19.55
CA ASP A 39 5.22 -36.16 -18.49
C ASP A 39 6.50 -35.33 -18.38
N MET A 40 6.96 -34.78 -19.50
CA MET A 40 8.18 -33.92 -19.49
C MET A 40 7.87 -32.60 -18.80
N VAL A 41 6.73 -32.01 -19.13
CA VAL A 41 6.31 -30.72 -18.51
C VAL A 41 6.24 -30.96 -17.00
N ASN A 42 5.61 -32.05 -16.58
CA ASN A 42 5.45 -32.30 -15.13
C ASN A 42 6.83 -32.52 -14.50
N ALA A 43 7.77 -33.10 -15.24
CA ALA A 43 9.14 -33.33 -14.70
C ALA A 43 9.86 -31.98 -14.51
N ILE A 44 9.75 -31.12 -15.53
CA ILE A 44 10.40 -29.77 -15.52
C ILE A 44 9.74 -28.91 -14.44
N LEU A 45 8.41 -29.03 -14.30
CA LEU A 45 7.71 -28.27 -13.24
C LEU A 45 8.24 -28.68 -11.86
N GLU A 46 8.44 -29.97 -11.63
CA GLU A 46 8.97 -30.48 -10.33
C GLU A 46 10.39 -29.97 -10.11
N GLU A 47 11.24 -30.09 -11.12
CA GLU A 47 12.66 -29.65 -10.95
C GLU A 47 12.70 -28.15 -10.75
N GLY A 48 11.79 -27.42 -11.41
CA GLY A 48 11.62 -25.97 -11.27
C GLY A 48 11.29 -25.57 -9.83
N ALA A 49 10.26 -26.17 -9.26
CA ALA A 49 9.85 -25.99 -7.84
C ALA A 49 10.99 -26.35 -6.89
N LYS A 50 11.70 -27.47 -7.09
CA LYS A 50 12.86 -27.87 -6.25
C LYS A 50 13.86 -26.72 -6.25
N PHE A 51 14.24 -26.25 -7.42
CA PHE A 51 15.23 -25.15 -7.50
C PHE A 51 14.70 -23.89 -6.78
N CYS A 52 13.41 -23.59 -6.92
CA CYS A 52 12.84 -22.33 -6.39
C CYS A 52 12.79 -22.42 -4.87
N GLU A 53 12.23 -23.53 -4.35
CA GLU A 53 12.03 -23.80 -2.89
C GLU A 53 13.36 -24.06 -2.17
N GLN A 54 14.40 -24.59 -2.81
CA GLN A 54 15.59 -25.07 -2.08
C GLN A 54 16.80 -24.17 -2.31
N VAL A 55 16.92 -23.52 -3.48
CA VAL A 55 18.13 -22.72 -3.81
C VAL A 55 17.84 -21.24 -3.67
N ILE A 56 16.78 -20.70 -4.28
CA ILE A 56 16.60 -19.21 -4.27
C ILE A 56 15.67 -18.69 -3.15
N ALA A 57 14.63 -19.42 -2.77
CA ALA A 57 13.69 -18.92 -1.74
C ALA A 57 14.45 -18.65 -0.46
N PRO A 58 15.42 -19.48 -0.02
CA PRO A 58 16.17 -19.16 1.20
C PRO A 58 17.02 -17.89 1.09
N LEU A 59 17.29 -17.42 -0.12
CA LEU A 59 18.19 -16.24 -0.31
C LEU A 59 17.40 -14.92 -0.34
N ASN A 60 16.07 -14.98 -0.31
CA ASN A 60 15.24 -13.76 -0.46
C ASN A 60 15.44 -12.78 0.71
N ARG A 61 15.50 -13.29 1.95
CA ARG A 61 15.74 -12.40 3.12
C ARG A 61 17.15 -11.81 3.05
N VAL A 62 18.14 -12.65 2.69
CA VAL A 62 19.57 -12.22 2.62
C VAL A 62 19.70 -11.10 1.59
N GLY A 63 19.07 -11.28 0.42
CA GLY A 63 19.05 -10.26 -0.65
C GLY A 63 18.59 -8.92 -0.10
N ASP A 64 17.50 -8.93 0.66
CA ASP A 64 16.86 -7.71 1.19
C ASP A 64 17.73 -7.08 2.28
N LEU A 65 18.37 -7.87 3.15
CA LEU A 65 19.22 -7.36 4.28
C LEU A 65 20.56 -6.80 3.75
N GLU A 66 21.27 -7.54 2.91
CA GLU A 66 22.59 -7.07 2.40
C GLU A 66 22.39 -6.07 1.28
N GLY A 67 21.39 -6.27 0.43
CA GLY A 67 21.42 -5.69 -0.92
C GLY A 67 22.80 -5.84 -1.56
N CYS A 68 23.12 -4.92 -2.45
CA CYS A 68 24.28 -4.95 -3.37
C CYS A 68 25.30 -3.93 -2.90
N THR A 69 26.59 -4.17 -3.15
CA THR A 69 27.68 -3.26 -2.70
C THR A 69 28.44 -2.74 -3.91
N TRP A 70 28.39 -1.44 -4.12
CA TRP A 70 29.12 -0.75 -5.20
C TRP A 70 30.58 -0.53 -4.78
N SER A 71 31.50 -0.68 -5.73
CA SER A 71 32.83 -0.03 -5.70
C SER A 71 33.18 0.43 -7.12
N ALA A 72 34.21 1.26 -7.25
CA ALA A 72 34.68 1.78 -8.55
C ALA A 72 34.79 0.62 -9.56
N ASP A 73 35.25 -0.55 -9.10
CA ASP A 73 35.63 -1.73 -9.92
C ASP A 73 34.45 -2.64 -10.26
N GLY A 74 33.27 -2.46 -9.66
CA GLY A 74 32.25 -3.52 -9.73
C GLY A 74 31.13 -3.37 -8.71
N VAL A 75 30.24 -4.34 -8.72
CA VAL A 75 29.01 -4.35 -7.89
C VAL A 75 28.89 -5.77 -7.38
N LYS A 76 28.97 -5.90 -6.05
CA LYS A 76 28.85 -7.18 -5.31
C LYS A 76 27.35 -7.46 -5.12
N THR A 77 26.97 -8.72 -5.30
CA THR A 77 25.57 -9.17 -5.14
C THR A 77 25.44 -9.81 -3.76
N PRO A 78 24.22 -9.97 -3.23
CA PRO A 78 24.03 -10.58 -1.93
C PRO A 78 24.64 -11.99 -1.80
N THR A 79 25.00 -12.39 -0.59
CA THR A 79 25.63 -13.72 -0.36
C THR A 79 24.74 -14.84 -0.88
N GLY A 80 25.28 -15.72 -1.73
CA GLY A 80 24.54 -16.88 -2.26
C GLY A 80 23.98 -16.67 -3.66
N PHE A 81 23.77 -15.42 -4.09
CA PHE A 81 23.09 -15.12 -5.38
C PHE A 81 23.86 -15.70 -6.57
N LYS A 82 25.17 -15.45 -6.65
CA LYS A 82 25.95 -15.87 -7.85
C LYS A 82 26.11 -17.39 -7.85
N GLU A 83 26.31 -17.99 -6.68
CA GLU A 83 26.40 -19.45 -6.60
C GLU A 83 25.08 -20.02 -7.08
N ALA A 84 23.98 -19.47 -6.57
CA ALA A 84 22.64 -19.86 -7.05
C ALA A 84 22.55 -19.68 -8.59
N TYR A 85 23.03 -18.57 -9.14
CA TYR A 85 22.99 -18.31 -10.61
C TYR A 85 23.83 -19.40 -11.33
N GLN A 86 24.97 -19.82 -10.76
CA GLN A 86 25.75 -20.98 -11.30
C GLN A 86 24.88 -22.24 -11.35
N GLN A 87 24.19 -22.61 -10.27
CA GLN A 87 23.40 -23.88 -10.24
C GLN A 87 22.30 -23.80 -11.30
N PHE A 88 21.81 -22.59 -11.57
CA PHE A 88 20.69 -22.31 -12.50
C PHE A 88 21.20 -22.48 -13.93
N VAL A 89 22.37 -21.90 -14.24
CA VAL A 89 23.13 -22.15 -15.50
C VAL A 89 23.40 -23.64 -15.64
N GLU A 90 23.92 -24.32 -14.61
CA GLU A 90 24.19 -25.78 -14.60
C GLU A 90 22.88 -26.56 -14.80
N GLY A 91 21.75 -26.00 -14.38
CA GLY A 91 20.45 -26.67 -14.58
C GLY A 91 19.89 -26.55 -15.99
N GLY A 92 20.45 -25.67 -16.79
CA GLY A 92 20.00 -25.43 -18.18
C GLY A 92 18.74 -24.58 -18.28
N TRP A 93 18.33 -23.96 -17.18
CA TRP A 93 17.07 -23.17 -17.15
C TRP A 93 17.07 -22.00 -18.15
N PRO A 94 18.16 -21.21 -18.35
CA PRO A 94 18.08 -20.09 -19.28
C PRO A 94 17.79 -20.50 -20.75
N SER A 95 18.19 -21.71 -21.12
CA SER A 95 18.11 -22.26 -22.50
C SER A 95 16.71 -22.84 -22.75
N LEU A 96 15.91 -23.00 -21.71
CA LEU A 96 14.61 -23.73 -21.85
C LEU A 96 13.74 -23.29 -23.02
N ALA A 97 13.31 -22.03 -23.05
CA ALA A 97 12.32 -21.62 -24.05
C ALA A 97 12.99 -20.77 -25.13
N HIS A 98 14.09 -21.25 -25.71
CA HIS A 98 14.81 -20.58 -26.83
C HIS A 98 15.12 -21.58 -27.95
N ASP A 99 15.33 -21.05 -29.15
CA ASP A 99 15.40 -21.84 -30.41
C ASP A 99 16.58 -22.83 -30.33
N VAL A 100 16.40 -24.00 -30.93
CA VAL A 100 17.39 -25.11 -30.86
C VAL A 100 18.70 -24.67 -31.52
N GLU A 101 18.68 -23.85 -32.58
CA GLU A 101 19.94 -23.64 -33.37
C GLU A 101 20.89 -22.72 -32.59
N HIS A 102 20.42 -21.97 -31.58
CA HIS A 102 21.27 -20.99 -30.85
C HIS A 102 21.62 -21.45 -29.43
N GLY A 103 21.44 -22.75 -29.14
CA GLY A 103 21.83 -23.36 -27.87
C GLY A 103 20.62 -23.83 -27.07
N GLY A 104 19.41 -23.56 -27.58
CA GLY A 104 18.15 -23.65 -26.80
C GLY A 104 17.62 -25.07 -26.77
N GLN A 105 16.61 -25.32 -25.93
CA GLN A 105 15.95 -26.64 -25.82
C GLN A 105 14.69 -26.57 -26.67
N GLY A 106 14.29 -25.37 -27.07
CA GLY A 106 13.16 -25.13 -28.00
C GLY A 106 11.78 -25.40 -27.40
N LEU A 107 11.63 -25.51 -26.08
CA LEU A 107 10.30 -25.66 -25.40
C LEU A 107 9.49 -24.36 -25.48
N PRO A 108 8.14 -24.41 -25.42
CA PRO A 108 7.30 -23.22 -25.51
C PRO A 108 7.52 -22.12 -24.44
N GLU A 109 7.25 -20.88 -24.80
CA GLU A 109 7.42 -19.73 -23.90
C GLU A 109 6.52 -19.85 -22.68
N SER A 110 5.32 -20.38 -22.87
CA SER A 110 4.33 -20.61 -21.81
C SER A 110 4.80 -21.68 -20.80
N LEU A 111 5.72 -22.59 -21.17
CA LEU A 111 6.37 -23.50 -20.18
C LEU A 111 7.42 -22.72 -19.38
N GLY A 112 8.25 -21.95 -20.06
CA GLY A 112 9.23 -21.03 -19.44
C GLY A 112 8.60 -20.03 -18.50
N LEU A 113 7.37 -19.61 -18.76
CA LEU A 113 6.59 -18.71 -17.89
C LEU A 113 6.21 -19.40 -16.58
N ALA A 114 5.82 -20.68 -16.59
CA ALA A 114 5.54 -21.41 -15.33
C ALA A 114 6.78 -21.36 -14.42
N ILE A 115 7.98 -21.59 -14.95
CA ILE A 115 9.23 -21.47 -14.16
C ILE A 115 9.34 -20.04 -13.60
N SER A 116 9.18 -19.02 -14.44
CA SER A 116 9.23 -17.60 -14.02
C SER A 116 8.21 -17.32 -12.90
N GLU A 117 7.01 -17.89 -12.98
CA GLU A 117 6.00 -17.70 -11.91
C GLU A 117 6.66 -18.12 -10.59
N MET A 118 7.30 -19.29 -10.55
CA MET A 118 7.85 -19.89 -9.30
C MET A 118 9.13 -19.14 -8.88
N VAL A 119 9.93 -18.64 -9.83
CA VAL A 119 11.15 -17.87 -9.49
C VAL A 119 10.78 -16.56 -8.78
N GLY A 120 9.87 -15.77 -9.37
CA GLY A 120 9.50 -14.45 -8.82
C GLY A 120 8.87 -14.54 -7.45
N GLN A 121 8.12 -15.62 -7.21
CA GLN A 121 7.52 -15.87 -5.88
C GLN A 121 8.64 -16.20 -4.88
N ALA A 122 9.65 -16.97 -5.30
CA ALA A 122 10.76 -17.40 -4.41
C ALA A 122 11.71 -16.26 -4.07
N ASN A 123 12.05 -15.43 -5.05
CA ASN A 123 13.02 -14.32 -4.85
C ASN A 123 12.97 -13.46 -6.11
N TRP A 124 12.11 -12.43 -6.12
CA TRP A 124 11.95 -11.57 -7.31
C TRP A 124 13.28 -10.90 -7.69
N SER A 125 13.99 -10.33 -6.71
CA SER A 125 15.25 -9.59 -6.97
C SER A 125 16.25 -10.45 -7.74
N TRP A 126 16.41 -11.71 -7.34
CA TRP A 126 17.33 -12.66 -8.01
C TRP A 126 16.81 -12.98 -9.41
N GLY A 127 15.50 -13.21 -9.53
CA GLY A 127 14.88 -13.55 -10.82
C GLY A 127 14.94 -12.45 -11.86
N MET A 128 15.12 -11.21 -11.42
CA MET A 128 15.26 -10.11 -12.40
C MET A 128 16.52 -10.30 -13.25
N TYR A 129 17.55 -10.97 -12.68
CA TYR A 129 18.86 -11.12 -13.35
C TYR A 129 18.63 -11.95 -14.60
N PRO A 130 18.13 -13.21 -14.50
CA PRO A 130 17.84 -14.02 -15.67
C PRO A 130 16.62 -13.45 -16.42
N GLY A 131 15.61 -12.97 -15.70
CA GLY A 131 14.36 -12.46 -16.32
C GLY A 131 14.62 -11.33 -17.30
N LEU A 132 15.52 -10.40 -16.99
CA LEU A 132 15.93 -9.33 -17.94
C LEU A 132 16.70 -9.91 -19.13
N SER A 133 17.59 -10.89 -18.90
CA SER A 133 18.29 -11.65 -19.98
C SER A 133 17.23 -12.18 -20.97
N HIS A 134 16.19 -12.88 -20.45
CA HIS A 134 15.07 -13.49 -21.20
C HIS A 134 14.50 -12.49 -22.22
N GLY A 135 14.38 -11.22 -21.83
CA GLY A 135 13.96 -10.11 -22.70
C GLY A 135 14.90 -9.86 -23.88
N ALA A 136 16.18 -9.57 -23.63
CA ALA A 136 17.21 -9.15 -24.63
C ALA A 136 17.47 -10.27 -25.66
N MET A 137 17.30 -11.53 -25.23
CA MET A 137 17.34 -12.75 -26.08
C MET A 137 16.22 -12.63 -27.14
N ASN A 138 14.97 -12.43 -26.69
CA ASN A 138 13.76 -12.26 -27.55
C ASN A 138 14.01 -11.16 -28.61
N THR A 139 14.71 -10.07 -28.24
CA THR A 139 15.04 -8.93 -29.14
C THR A 139 16.11 -9.31 -30.18
N LEU A 140 17.14 -10.06 -29.76
CA LEU A 140 18.18 -10.58 -30.69
C LEU A 140 17.53 -11.59 -31.63
N HIS A 141 16.62 -12.41 -31.13
CA HIS A 141 15.94 -13.42 -31.96
C HIS A 141 15.19 -12.68 -33.07
N ALA A 142 14.45 -11.62 -32.72
CA ALA A 142 13.44 -10.98 -33.60
C ALA A 142 14.08 -10.07 -34.64
N HIS A 143 15.22 -9.45 -34.34
CA HIS A 143 15.74 -8.25 -35.06
C HIS A 143 17.25 -8.31 -35.27
N GLY A 144 17.94 -9.27 -34.65
CA GLY A 144 19.41 -9.40 -34.77
C GLY A 144 19.80 -10.05 -36.10
N THR A 145 20.93 -9.66 -36.69
CA THR A 145 21.54 -10.35 -37.87
C THR A 145 22.02 -11.73 -37.40
N ALA A 146 22.05 -12.73 -38.29
CA ALA A 146 22.51 -14.11 -37.96
C ALA A 146 23.88 -14.08 -37.26
N GLU A 147 24.74 -13.12 -37.59
CA GLU A 147 26.08 -12.97 -36.96
C GLU A 147 25.89 -12.55 -35.50
N GLN A 148 25.09 -11.52 -35.29
CA GLN A 148 24.76 -10.94 -33.97
C GLN A 148 24.18 -12.03 -33.08
N GLN A 149 23.30 -12.89 -33.61
CA GLN A 149 22.75 -14.05 -32.84
C GLN A 149 23.85 -15.06 -32.50
N ALA A 150 24.78 -15.34 -33.43
CA ALA A 150 25.91 -16.26 -33.20
C ALA A 150 26.70 -15.78 -31.99
N THR A 151 27.14 -14.52 -31.98
CA THR A 151 27.99 -13.94 -30.91
C THR A 151 27.19 -13.81 -29.59
N TYR A 152 26.09 -13.03 -29.57
CA TYR A 152 25.39 -12.59 -28.33
C TYR A 152 24.28 -13.56 -27.93
N LEU A 153 23.44 -14.06 -28.85
CA LEU A 153 22.23 -14.81 -28.45
C LEU A 153 22.63 -16.18 -27.89
N THR A 154 23.76 -16.74 -28.35
CA THR A 154 24.21 -18.10 -27.97
C THR A 154 24.65 -18.03 -26.52
N LYS A 155 25.47 -17.02 -26.18
CA LYS A 155 25.98 -16.78 -24.80
C LYS A 155 24.81 -16.49 -23.84
N LEU A 156 23.77 -15.80 -24.30
CA LEU A 156 22.61 -15.43 -23.46
C LEU A 156 21.77 -16.69 -23.26
N VAL A 157 21.68 -17.55 -24.27
CA VAL A 157 20.79 -18.74 -24.19
C VAL A 157 21.40 -19.77 -23.22
N SER A 158 22.73 -19.90 -23.19
CA SER A 158 23.52 -20.74 -22.24
C SER A 158 23.40 -20.19 -20.82
N GLY A 159 23.24 -18.87 -20.68
CA GLY A 159 23.17 -18.15 -19.40
C GLY A 159 24.53 -17.65 -18.95
N GLU A 160 25.58 -17.89 -19.74
CA GLU A 160 26.98 -17.46 -19.39
C GLU A 160 27.02 -15.94 -19.37
N TRP A 161 26.29 -15.30 -20.30
CA TRP A 161 26.14 -13.82 -20.36
C TRP A 161 24.72 -13.46 -19.97
N THR A 162 24.55 -12.31 -19.31
CA THR A 162 23.23 -11.75 -18.93
C THR A 162 22.99 -10.51 -19.80
N GLY A 163 21.75 -10.04 -19.84
CA GLY A 163 21.32 -8.92 -20.71
C GLY A 163 20.50 -7.88 -19.94
N THR A 164 20.66 -6.62 -20.33
CA THR A 164 19.95 -5.43 -19.81
C THR A 164 19.13 -4.74 -20.90
N MET A 165 18.15 -3.95 -20.46
CA MET A 165 17.44 -2.96 -21.31
C MET A 165 17.86 -1.58 -20.79
N CYS A 166 18.43 -0.72 -21.65
CA CYS A 166 18.97 0.59 -21.24
C CYS A 166 18.19 1.69 -21.94
N LEU A 167 17.05 2.10 -21.38
CA LEU A 167 16.20 3.18 -21.95
C LEU A 167 16.38 4.47 -21.14
N THR A 168 16.05 4.37 -19.85
CA THR A 168 15.89 5.55 -18.98
C THR A 168 17.09 6.46 -18.74
N GLU A 169 16.83 7.77 -18.83
CA GLU A 169 17.82 8.80 -18.43
C GLU A 169 17.21 9.71 -17.35
N PRO A 170 17.99 10.59 -16.69
CA PRO A 170 17.50 11.40 -15.56
C PRO A 170 16.23 12.20 -15.89
N HIS A 171 16.15 12.75 -17.09
CA HIS A 171 15.01 13.61 -17.53
C HIS A 171 13.87 12.78 -18.19
N CYS A 172 14.11 11.51 -18.46
CA CYS A 172 13.11 10.77 -19.25
C CYS A 172 12.93 9.29 -18.89
N GLY A 173 11.70 8.89 -18.60
CA GLY A 173 11.38 7.46 -18.37
C GLY A 173 10.23 7.08 -19.27
N THR A 174 9.09 7.73 -19.11
CA THR A 174 7.93 7.50 -20.01
C THR A 174 8.20 8.18 -21.35
N ASP A 175 8.76 9.39 -21.35
CA ASP A 175 8.95 10.17 -22.60
C ASP A 175 10.30 9.83 -23.24
N LEU A 176 10.40 8.63 -23.82
CA LEU A 176 11.68 8.17 -24.43
C LEU A 176 12.04 9.07 -25.62
N GLY A 177 11.08 9.76 -26.21
CA GLY A 177 11.39 10.69 -27.31
C GLY A 177 12.43 11.74 -26.94
N MET A 178 12.56 12.06 -25.65
CA MET A 178 13.49 13.14 -25.23
C MET A 178 14.90 12.59 -24.98
N LEU A 179 15.12 11.28 -25.07
CA LEU A 179 16.45 10.68 -24.75
C LEU A 179 17.55 11.33 -25.61
N ARG A 180 18.76 11.43 -25.05
CA ARG A 180 19.86 12.17 -25.73
C ARG A 180 21.16 11.34 -25.73
N THR A 181 21.10 10.07 -25.35
CA THR A 181 22.31 9.22 -25.46
C THR A 181 22.68 9.15 -26.95
N LYS A 182 23.94 9.36 -27.30
CA LYS A 182 24.36 9.47 -28.71
C LYS A 182 25.08 8.23 -29.24
N ALA A 183 25.01 8.01 -30.55
CA ALA A 183 25.76 6.91 -31.20
C ALA A 183 26.46 7.49 -32.43
N GLU A 184 27.79 7.61 -32.38
CA GLU A 184 28.61 8.14 -33.51
C GLU A 184 29.04 6.98 -34.42
N PRO A 185 28.68 6.95 -35.73
CA PRO A 185 29.25 5.99 -36.70
C PRO A 185 30.79 5.96 -36.74
N GLN A 186 31.40 4.77 -36.78
CA GLN A 186 32.88 4.56 -36.95
C GLN A 186 33.15 3.97 -38.34
N ALA A 187 34.35 4.19 -38.88
CA ALA A 187 34.78 3.75 -40.24
C ALA A 187 34.52 2.24 -40.43
N ASP A 188 34.68 1.41 -39.40
CA ASP A 188 34.53 -0.07 -39.48
C ASP A 188 33.09 -0.54 -39.31
N GLY A 189 32.09 0.35 -39.36
CA GLY A 189 30.66 -0.03 -39.31
C GLY A 189 30.14 -0.29 -37.89
N SER A 190 30.99 -0.24 -36.87
CA SER A 190 30.57 -0.23 -35.45
C SER A 190 30.18 1.20 -35.08
N TYR A 191 29.65 1.39 -33.88
CA TYR A 191 29.28 2.71 -33.31
C TYR A 191 29.97 2.90 -31.94
N LYS A 192 29.97 4.15 -31.50
CA LYS A 192 30.51 4.59 -30.19
C LYS A 192 29.40 5.33 -29.42
N VAL A 193 28.92 4.71 -28.35
CA VAL A 193 27.76 5.21 -27.57
C VAL A 193 28.30 6.06 -26.42
N THR A 194 27.84 7.30 -26.34
CA THR A 194 28.20 8.24 -25.25
C THR A 194 26.88 8.71 -24.59
N GLY A 195 26.75 8.50 -23.28
CA GLY A 195 25.63 8.99 -22.48
C GLY A 195 25.51 8.27 -21.15
N THR A 196 24.69 8.84 -20.25
CA THR A 196 24.39 8.26 -18.94
C THR A 196 22.95 7.72 -18.96
N LYS A 197 22.81 6.46 -18.61
CA LYS A 197 21.52 5.78 -18.37
C LYS A 197 21.38 5.54 -16.87
N ILE A 198 20.18 5.75 -16.34
CA ILE A 198 19.86 5.55 -14.89
C ILE A 198 18.86 4.39 -14.73
N PHE A 199 18.84 3.83 -13.52
CA PHE A 199 17.86 2.81 -13.11
C PHE A 199 18.03 1.55 -13.97
N ILE A 200 19.24 1.21 -14.43
CA ILE A 200 19.47 -0.06 -15.18
C ILE A 200 19.57 -1.26 -14.22
N SER A 201 18.53 -2.08 -14.21
CA SER A 201 18.46 -3.35 -13.45
C SER A 201 19.57 -4.29 -13.95
N ALA A 202 20.40 -4.82 -13.05
CA ALA A 202 21.42 -5.81 -13.39
C ALA A 202 22.49 -5.15 -14.30
N GLY A 203 22.65 -3.84 -14.20
CA GLY A 203 23.52 -3.03 -15.07
C GLY A 203 24.98 -3.43 -14.88
N GLU A 204 25.33 -3.80 -13.65
CA GLU A 204 26.65 -4.33 -13.22
C GLU A 204 26.42 -5.25 -12.04
N HIS A 205 27.08 -6.40 -12.04
CA HIS A 205 27.00 -7.43 -10.98
C HIS A 205 28.18 -8.38 -11.15
N ASP A 206 28.27 -9.41 -10.31
CA ASP A 206 29.41 -10.36 -10.32
C ASP A 206 28.89 -11.78 -10.56
N MET A 207 27.78 -11.91 -11.27
CA MET A 207 27.15 -13.25 -11.41
C MET A 207 27.54 -13.95 -12.73
N ALA A 208 28.00 -13.23 -13.74
CA ALA A 208 28.23 -13.81 -15.09
C ALA A 208 29.59 -13.38 -15.68
N ASP A 209 29.94 -13.84 -16.89
CA ASP A 209 31.27 -13.61 -17.53
C ASP A 209 31.20 -12.36 -18.38
N ASN A 210 29.99 -11.90 -18.67
CA ASN A 210 29.75 -10.73 -19.54
C ASN A 210 28.32 -10.26 -19.32
N ILE A 211 28.07 -9.00 -19.67
CA ILE A 211 26.74 -8.35 -19.66
C ILE A 211 26.53 -7.70 -21.03
N VAL A 212 25.43 -8.03 -21.68
CA VAL A 212 25.01 -7.49 -23.00
C VAL A 212 23.93 -6.40 -22.84
N HIS A 213 24.31 -5.14 -22.97
CA HIS A 213 23.39 -3.98 -22.91
C HIS A 213 22.72 -3.77 -24.27
N ILE A 214 21.39 -3.70 -24.27
CA ILE A 214 20.55 -3.27 -25.42
C ILE A 214 20.16 -1.84 -25.07
N VAL A 215 20.76 -0.88 -25.75
CA VAL A 215 20.79 0.58 -25.43
C VAL A 215 19.97 1.37 -26.46
N LEU A 216 19.10 2.28 -26.01
CA LEU A 216 18.41 3.23 -26.91
C LEU A 216 19.28 4.47 -27.04
N ALA A 217 19.66 4.83 -28.26
CA ALA A 217 20.54 5.98 -28.50
C ALA A 217 20.20 6.66 -29.83
N ARG A 218 20.66 7.90 -30.01
CA ARG A 218 20.29 8.68 -31.22
C ARG A 218 21.46 8.78 -32.20
N LEU A 219 21.20 8.49 -33.47
CA LEU A 219 22.24 8.70 -34.52
C LEU A 219 22.36 10.21 -34.77
N PRO A 220 23.51 10.71 -35.26
CA PRO A 220 23.74 12.18 -35.36
C PRO A 220 22.80 13.18 -36.08
N ASP A 221 21.98 12.75 -37.03
CA ASP A 221 21.03 13.71 -37.68
C ASP A 221 19.63 13.10 -37.69
N ALA A 222 19.33 12.28 -36.68
CA ALA A 222 18.06 11.55 -36.62
C ALA A 222 16.97 12.58 -36.38
N PRO A 223 15.72 12.26 -36.78
CA PRO A 223 14.61 13.14 -36.53
C PRO A 223 14.35 13.26 -35.03
N GLN A 224 13.55 14.25 -34.65
CA GLN A 224 13.26 14.49 -33.22
C GLN A 224 12.22 13.49 -32.72
N GLY A 225 12.26 13.18 -31.44
CA GLY A 225 11.24 12.30 -30.85
C GLY A 225 11.55 10.83 -30.98
N THR A 226 10.51 10.01 -30.88
CA THR A 226 10.68 8.55 -30.93
C THR A 226 11.11 8.13 -32.34
N LYS A 227 10.78 8.92 -33.37
CA LYS A 227 11.21 8.68 -34.78
C LYS A 227 12.74 8.72 -34.92
N GLY A 228 13.47 9.15 -33.91
CA GLY A 228 14.94 9.29 -34.02
C GLY A 228 15.71 8.39 -33.09
N ILE A 229 15.09 7.32 -32.63
CA ILE A 229 15.75 6.42 -31.64
C ILE A 229 16.18 5.13 -32.32
N SER A 230 17.43 4.74 -32.13
CA SER A 230 17.97 3.49 -32.68
C SER A 230 18.44 2.61 -31.50
N LEU A 231 18.62 1.33 -31.78
CA LEU A 231 18.87 0.29 -30.76
C LEU A 231 20.24 -0.33 -31.04
N PHE A 232 21.07 -0.47 -29.99
CA PHE A 232 22.50 -0.83 -30.04
C PHE A 232 22.81 -1.92 -29.01
N ILE A 233 23.55 -2.93 -29.45
CA ILE A 233 24.20 -3.94 -28.58
C ILE A 233 25.49 -3.31 -28.07
N VAL A 234 25.65 -3.15 -26.76
CA VAL A 234 26.91 -2.61 -26.14
C VAL A 234 27.33 -3.58 -25.05
N PRO A 235 28.24 -4.53 -25.32
CA PRO A 235 28.67 -5.47 -24.30
C PRO A 235 29.72 -4.85 -23.39
N LYS A 236 29.81 -5.36 -22.18
CA LYS A 236 30.75 -4.88 -21.14
C LYS A 236 32.15 -5.25 -21.63
N PHE A 237 32.34 -6.53 -21.99
CA PHE A 237 33.54 -7.14 -22.64
C PHE A 237 33.18 -7.41 -24.11
N LEU A 238 33.81 -6.68 -25.03
CA LEU A 238 33.80 -6.96 -26.49
C LEU A 238 34.20 -8.41 -26.75
N PRO A 239 33.48 -9.16 -27.61
CA PRO A 239 33.88 -10.52 -27.94
C PRO A 239 35.32 -10.57 -28.47
N ASN A 240 36.07 -11.65 -28.20
CA ASN A 240 37.37 -11.97 -28.86
C ASN A 240 37.09 -12.93 -30.03
N ALA A 241 38.16 -13.37 -30.71
CA ALA A 241 38.10 -14.22 -31.93
C ALA A 241 37.31 -15.52 -31.65
N GLU A 242 37.48 -16.13 -30.48
CA GLU A 242 36.74 -17.37 -30.07
C GLU A 242 35.24 -17.09 -29.83
N GLY A 243 34.83 -15.85 -29.54
CA GLY A 243 33.44 -15.48 -29.20
C GLY A 243 33.21 -15.35 -27.70
N ASN A 244 34.28 -15.15 -26.94
CA ASN A 244 34.31 -15.12 -25.46
C ASN A 244 34.65 -13.72 -24.99
N ALA A 245 34.50 -13.47 -23.69
CA ALA A 245 34.77 -12.16 -23.06
C ALA A 245 36.22 -11.77 -23.32
N GLY A 246 36.42 -10.71 -24.12
CA GLY A 246 37.73 -10.13 -24.48
C GLY A 246 37.95 -8.77 -23.86
N GLU A 247 38.28 -7.78 -24.68
CA GLU A 247 38.59 -6.37 -24.32
C GLU A 247 37.48 -5.79 -23.47
N ARG A 248 37.83 -5.14 -22.36
CA ARG A 248 36.87 -4.36 -21.54
C ARG A 248 36.38 -3.18 -22.40
N ASN A 249 35.09 -3.16 -22.78
CA ASN A 249 34.39 -1.99 -23.42
C ASN A 249 34.41 -0.80 -22.46
N ALA A 250 34.11 0.44 -22.87
CA ALA A 250 34.07 1.64 -22.00
C ALA A 250 32.67 1.82 -21.36
N VAL A 251 32.20 0.75 -20.70
CA VAL A 251 30.90 0.60 -19.98
C VAL A 251 31.21 0.49 -18.48
N SER A 252 30.82 1.48 -17.67
CA SER A 252 31.01 1.41 -16.19
C SER A 252 29.79 1.93 -15.42
N CYS A 253 29.62 1.36 -14.23
CA CYS A 253 28.58 1.68 -13.23
C CYS A 253 29.13 2.74 -12.26
N GLY A 254 28.67 3.99 -12.38
CA GLY A 254 29.05 5.11 -11.49
C GLY A 254 28.38 5.03 -10.12
N SER A 255 27.24 4.35 -9.96
CA SER A 255 26.59 4.12 -8.64
C SER A 255 25.41 3.16 -8.76
N ILE A 256 24.96 2.68 -7.61
CA ILE A 256 23.64 2.00 -7.44
C ILE A 256 22.75 2.82 -6.50
N GLU A 257 21.44 2.72 -6.68
CA GLU A 257 20.43 3.48 -5.90
C GLU A 257 20.26 2.76 -4.56
N HIS A 258 19.90 3.55 -3.54
CA HIS A 258 19.29 3.10 -2.26
C HIS A 258 17.77 3.12 -2.47
N LYS A 259 17.11 1.99 -2.35
CA LYS A 259 15.69 1.87 -2.76
C LYS A 259 14.82 1.36 -1.60
N MET A 260 13.51 1.57 -1.70
CA MET A 260 12.49 0.97 -0.80
C MET A 260 12.61 -0.55 -0.73
N GLY A 261 12.98 -1.19 -1.84
CA GLY A 261 12.89 -2.65 -1.96
C GLY A 261 13.68 -3.20 -3.14
N ILE A 262 13.45 -4.47 -3.47
CA ILE A 262 14.27 -5.26 -4.43
C ILE A 262 15.73 -4.82 -4.28
N HIS A 263 16.20 -4.83 -3.02
CA HIS A 263 17.60 -4.46 -2.64
C HIS A 263 18.59 -5.38 -3.35
N GLY A 264 18.23 -6.65 -3.58
CA GLY A 264 19.13 -7.67 -4.13
C GLY A 264 19.39 -7.48 -5.61
N ASN A 265 18.60 -6.65 -6.29
CA ASN A 265 18.78 -6.38 -7.73
C ASN A 265 19.43 -5.02 -7.90
N ALA A 266 20.67 -5.01 -8.40
CA ALA A 266 21.50 -3.79 -8.51
C ALA A 266 20.88 -2.84 -9.54
N THR A 267 20.58 -1.63 -9.10
CA THR A 267 19.89 -0.58 -9.89
C THR A 267 20.93 0.52 -10.19
N CYS A 268 21.46 0.53 -11.42
CA CYS A 268 22.79 1.10 -11.74
C CYS A 268 22.69 2.36 -12.60
N VAL A 269 23.51 3.35 -12.26
CA VAL A 269 23.82 4.49 -13.14
C VAL A 269 24.93 3.98 -14.07
N MET A 270 24.61 3.76 -15.34
CA MET A 270 25.54 3.20 -16.36
C MET A 270 26.08 4.35 -17.21
N ASN A 271 27.40 4.57 -17.14
CA ASN A 271 28.15 5.56 -17.95
C ASN A 271 28.76 4.85 -19.17
N PHE A 272 28.26 5.17 -20.38
CA PHE A 272 28.82 4.73 -21.69
C PHE A 272 29.73 5.84 -22.21
N ASP A 273 31.04 5.60 -22.24
CA ASP A 273 32.07 6.62 -22.52
C ASP A 273 32.65 6.37 -23.93
N ALA A 274 31.89 6.67 -24.98
CA ALA A 274 32.13 6.15 -26.35
C ALA A 274 32.46 4.66 -26.29
N ALA A 275 31.60 3.85 -25.68
CA ALA A 275 31.67 2.37 -25.74
C ALA A 275 31.32 1.94 -27.16
N THR A 276 31.89 0.83 -27.60
CA THR A 276 31.66 0.22 -28.94
C THR A 276 30.29 -0.48 -28.86
N GLY A 277 29.40 -0.14 -29.79
CA GLY A 277 28.10 -0.80 -29.97
C GLY A 277 27.81 -1.15 -31.42
N PHE A 278 26.87 -2.06 -31.63
CA PHE A 278 26.48 -2.53 -32.98
C PHE A 278 24.99 -2.28 -33.18
N LEU A 279 24.62 -1.54 -34.23
CA LEU A 279 23.21 -1.27 -34.58
C LEU A 279 22.53 -2.61 -34.76
N ILE A 280 21.41 -2.79 -34.06
CA ILE A 280 20.49 -3.94 -34.22
C ILE A 280 19.16 -3.30 -34.62
N GLY A 281 18.57 -3.82 -35.70
CA GLY A 281 17.35 -3.31 -36.32
C GLY A 281 17.62 -2.05 -37.16
N PRO A 282 16.61 -1.56 -37.90
CA PRO A 282 16.85 -0.44 -38.80
C PRO A 282 17.22 0.82 -38.01
N PRO A 283 17.93 1.79 -38.62
CA PRO A 283 18.28 3.02 -37.92
C PRO A 283 16.91 3.72 -37.73
N ASN A 284 16.72 4.42 -36.60
CA ASN A 284 15.53 5.25 -36.29
C ASN A 284 14.28 4.39 -36.05
N LYS A 285 14.40 3.07 -36.03
CA LYS A 285 13.28 2.16 -35.69
C LYS A 285 13.59 1.45 -34.36
N GLY A 286 14.43 2.05 -33.52
CA GLY A 286 14.78 1.51 -32.19
C GLY A 286 13.54 1.17 -31.38
N LEU A 287 12.58 2.09 -31.28
CA LEU A 287 11.45 1.91 -30.36
C LEU A 287 10.64 0.70 -30.82
N ASN A 288 10.43 0.53 -32.11
CA ASN A 288 9.72 -0.65 -32.70
C ASN A 288 10.43 -1.95 -32.23
N CYS A 289 11.72 -2.07 -32.52
CA CYS A 289 12.53 -3.23 -32.09
C CYS A 289 12.53 -3.42 -30.57
N MET A 290 12.68 -2.37 -29.77
CA MET A 290 12.78 -2.46 -28.29
C MET A 290 11.43 -2.93 -27.70
N PHE A 291 10.34 -3.07 -28.48
CA PHE A 291 9.00 -3.46 -27.96
C PHE A 291 8.75 -4.98 -27.93
N THR A 292 9.58 -5.79 -28.58
CA THR A 292 9.63 -7.26 -28.33
C THR A 292 10.12 -7.49 -26.89
N PHE A 293 11.21 -6.82 -26.50
CA PHE A 293 11.81 -6.75 -25.14
C PHE A 293 10.82 -6.19 -24.10
N MET A 294 10.11 -5.08 -24.41
CA MET A 294 9.19 -4.38 -23.46
C MET A 294 7.91 -5.23 -23.21
N ASN A 295 7.27 -5.86 -24.21
CA ASN A 295 6.00 -6.62 -23.97
C ASN A 295 6.27 -7.95 -23.22
N THR A 296 7.32 -8.67 -23.55
CA THR A 296 7.83 -9.82 -22.74
C THR A 296 7.81 -9.35 -21.29
N ALA A 297 8.56 -8.26 -21.02
CA ALA A 297 8.81 -7.67 -19.68
C ALA A 297 7.53 -7.07 -19.07
N ARG A 298 6.47 -6.88 -19.86
CA ARG A 298 5.16 -6.40 -19.34
C ARG A 298 4.36 -7.61 -18.85
N LEU A 299 4.25 -8.67 -19.66
CA LEU A 299 3.63 -9.93 -19.16
C LEU A 299 4.52 -10.50 -18.02
N GLY A 300 5.84 -10.28 -18.09
CA GLY A 300 6.81 -10.60 -17.04
C GLY A 300 6.54 -9.83 -15.76
N THR A 301 6.13 -8.55 -15.84
CA THR A 301 5.87 -7.70 -14.66
C THR A 301 4.46 -8.00 -14.12
N ALA A 302 3.52 -8.42 -14.96
CA ALA A 302 2.19 -8.87 -14.52
C ALA A 302 2.38 -10.04 -13.55
N LEU A 303 3.30 -10.92 -13.91
CA LEU A 303 3.72 -12.11 -13.15
C LEU A 303 4.27 -11.68 -11.78
N GLN A 304 4.93 -10.53 -11.68
CA GLN A 304 5.42 -9.99 -10.38
C GLN A 304 4.23 -9.68 -9.48
N GLY A 305 3.18 -9.05 -10.03
CA GLY A 305 1.90 -8.83 -9.35
C GLY A 305 1.30 -10.13 -8.86
N LEU A 306 1.29 -11.18 -9.69
CA LEU A 306 0.76 -12.50 -9.25
C LEU A 306 1.62 -12.96 -8.07
N ALA A 307 2.95 -12.84 -8.18
CA ALA A 307 3.93 -13.31 -7.18
C ALA A 307 3.63 -12.71 -5.80
N HIS A 308 3.41 -11.40 -5.74
CA HIS A 308 3.15 -10.66 -4.48
C HIS A 308 1.85 -11.15 -3.83
N ALA A 309 0.78 -11.35 -4.61
CA ALA A 309 -0.50 -11.90 -4.12
C ALA A 309 -0.32 -13.32 -3.58
N GLU A 310 0.41 -14.16 -4.32
CA GLU A 310 0.76 -15.54 -3.92
C GLU A 310 1.51 -15.56 -2.57
N VAL A 311 2.54 -14.73 -2.41
CA VAL A 311 3.39 -14.74 -1.17
C VAL A 311 2.57 -14.23 0.02
N GLY A 312 1.70 -13.24 -0.18
CA GLY A 312 0.84 -12.75 0.90
C GLY A 312 -0.15 -13.81 1.32
N PHE A 313 -0.69 -14.53 0.34
CA PHE A 313 -1.64 -15.63 0.62
C PHE A 313 -0.95 -16.74 1.44
N GLN A 314 0.24 -17.20 1.02
CA GLN A 314 0.97 -18.32 1.70
C GLN A 314 1.34 -17.91 3.12
N GLY A 315 1.74 -16.67 3.33
CA GLY A 315 2.05 -16.25 4.70
C GLY A 315 0.78 -16.15 5.53
N GLY A 316 -0.23 -15.47 5.00
CA GLY A 316 -1.48 -15.23 5.74
C GLY A 316 -2.20 -16.50 6.12
N ILE A 317 -2.35 -17.47 5.23
CA ILE A 317 -3.14 -18.70 5.57
C ILE A 317 -2.46 -19.46 6.71
N ALA A 318 -1.14 -19.59 6.64
CA ALA A 318 -0.37 -20.29 7.69
C ALA A 318 -0.55 -19.57 9.04
N TYR A 319 -0.40 -18.26 9.06
CA TYR A 319 -0.54 -17.47 10.32
C TYR A 319 -1.98 -17.48 10.81
N ALA A 320 -2.96 -17.38 9.92
CA ALA A 320 -4.39 -17.36 10.30
C ALA A 320 -4.78 -18.67 10.98
N ARG A 321 -4.13 -19.76 10.60
CA ARG A 321 -4.40 -21.08 11.24
CA ARG A 321 -4.40 -21.08 11.24
C ARG A 321 -3.63 -21.39 12.54
N GLU A 322 -2.56 -20.62 12.73
CA GLU A 322 -1.70 -20.86 13.92
C GLU A 322 -1.95 -19.80 15.00
N ARG A 323 -2.13 -18.54 14.63
CA ARG A 323 -2.32 -17.45 15.62
C ARG A 323 -3.67 -17.55 16.34
N LEU A 324 -3.62 -17.66 17.66
CA LEU A 324 -4.84 -17.66 18.49
C LEU A 324 -5.03 -16.25 19.06
N GLN A 325 -6.14 -15.61 18.72
CA GLN A 325 -6.46 -14.28 19.29
C GLN A 325 -7.99 -14.13 19.30
N MET A 326 -8.54 -13.87 20.48
CA MET A 326 -10.00 -13.68 20.64
C MET A 326 -10.77 -14.97 20.36
N ARG A 327 -12.09 -14.86 20.23
CA ARG A 327 -12.95 -16.06 20.03
C ARG A 327 -13.97 -15.77 18.92
N SER A 328 -14.45 -16.83 18.26
CA SER A 328 -15.44 -16.68 17.16
C SER A 328 -16.60 -15.87 17.69
N LEU A 329 -17.31 -15.13 16.85
CA LEU A 329 -18.52 -14.40 17.29
C LEU A 329 -19.66 -15.36 17.68
N THR A 330 -19.65 -16.64 17.25
CA THR A 330 -20.73 -17.63 17.48
C THR A 330 -20.30 -18.65 18.55
N GLY A 331 -19.50 -18.26 19.54
CA GLY A 331 -19.07 -19.14 20.64
C GLY A 331 -17.71 -19.78 20.34
N PRO A 332 -16.85 -20.03 21.36
CA PRO A 332 -15.50 -20.53 21.14
C PRO A 332 -15.47 -21.79 20.28
N LYS A 333 -14.73 -21.77 19.17
CA LYS A 333 -14.57 -22.90 18.22
C LYS A 333 -13.41 -23.81 18.67
N ALA A 334 -12.53 -23.37 19.54
CA ALA A 334 -11.40 -24.18 20.06
C ALA A 334 -11.33 -23.97 21.55
N PRO A 335 -12.39 -24.40 22.31
CA PRO A 335 -12.53 -24.11 23.73
C PRO A 335 -11.43 -24.76 24.60
N GLU A 336 -10.83 -25.82 24.08
CA GLU A 336 -9.70 -26.57 24.73
C GLU A 336 -8.43 -25.71 24.66
N LYS A 337 -8.43 -24.62 23.88
CA LYS A 337 -7.27 -23.71 23.71
C LYS A 337 -7.61 -22.38 24.36
N PRO A 338 -6.59 -21.54 24.67
CA PRO A 338 -6.82 -20.27 25.35
C PRO A 338 -7.48 -19.19 24.44
N ALA A 339 -7.37 -19.36 23.13
CA ALA A 339 -8.04 -18.48 22.15
C ALA A 339 -8.32 -19.27 20.87
N ASP A 340 -9.10 -18.71 19.96
CA ASP A 340 -9.46 -19.40 18.70
C ASP A 340 -8.48 -18.98 17.59
N PRO A 341 -8.18 -19.83 16.58
CA PRO A 341 -7.36 -19.41 15.45
C PRO A 341 -8.02 -18.16 14.82
N ILE A 342 -7.22 -17.20 14.35
CA ILE A 342 -7.81 -15.91 13.87
C ILE A 342 -8.62 -16.16 12.59
N ILE A 343 -8.47 -17.30 11.95
CA ILE A 343 -9.28 -17.67 10.75
C ILE A 343 -10.79 -17.80 11.09
N VAL A 344 -11.15 -17.87 12.37
CA VAL A 344 -12.58 -17.96 12.79
C VAL A 344 -13.23 -16.59 12.58
N HIS A 345 -12.44 -15.53 12.48
CA HIS A 345 -12.99 -14.16 12.37
C HIS A 345 -13.33 -13.83 10.92
N PRO A 346 -14.55 -13.33 10.64
CA PRO A 346 -14.93 -13.06 9.25
C PRO A 346 -13.93 -12.11 8.55
N ASP A 347 -13.44 -11.08 9.23
CA ASP A 347 -12.59 -10.06 8.57
C ASP A 347 -11.26 -10.70 8.08
N VAL A 348 -10.66 -11.59 8.89
CA VAL A 348 -9.44 -12.37 8.49
C VAL A 348 -9.79 -13.28 7.30
N ARG A 349 -10.96 -13.87 7.28
CA ARG A 349 -11.37 -14.67 6.10
C ARG A 349 -11.52 -13.74 4.89
N ARG A 350 -12.03 -12.53 5.11
CA ARG A 350 -12.18 -11.57 4.00
C ARG A 350 -10.80 -11.25 3.40
N MET A 351 -9.78 -11.05 4.23
CA MET A 351 -8.42 -10.69 3.72
C MET A 351 -7.83 -11.90 3.03
N LEU A 352 -8.02 -13.10 3.60
CA LEU A 352 -7.53 -14.38 3.01
C LEU A 352 -8.09 -14.58 1.60
N LEU A 353 -9.43 -14.54 1.50
CA LEU A 353 -10.20 -14.78 0.26
C LEU A 353 -9.93 -13.69 -0.79
N THR A 354 -9.69 -12.41 -0.40
CA THR A 354 -9.21 -11.34 -1.32
C THR A 354 -7.88 -11.80 -1.97
N MET A 355 -6.91 -12.22 -1.17
CA MET A 355 -5.60 -12.62 -1.72
C MET A 355 -5.82 -13.85 -2.60
N LYS A 356 -6.74 -14.72 -2.22
CA LYS A 356 -6.98 -16.01 -2.92
C LYS A 356 -7.66 -15.71 -4.24
N ALA A 357 -8.72 -14.91 -4.25
CA ALA A 357 -9.43 -14.54 -5.50
C ALA A 357 -8.43 -13.95 -6.49
N PHE A 358 -7.51 -13.10 -6.03
CA PHE A 358 -6.57 -12.36 -6.90
C PHE A 358 -5.48 -13.30 -7.41
N ALA A 359 -4.85 -14.09 -6.54
CA ALA A 359 -3.79 -15.04 -6.94
C ALA A 359 -4.31 -16.05 -7.98
N GLU A 360 -5.42 -16.72 -7.68
CA GLU A 360 -5.91 -17.85 -8.50
C GLU A 360 -6.56 -17.28 -9.77
N GLY A 361 -7.31 -16.17 -9.67
CA GLY A 361 -7.91 -15.47 -10.82
C GLY A 361 -6.83 -14.97 -11.79
N ASN A 362 -5.78 -14.28 -11.27
CA ASN A 362 -4.65 -13.76 -12.07
C ASN A 362 -3.85 -14.93 -12.66
N ARG A 363 -3.67 -16.05 -11.96
CA ARG A 363 -2.93 -17.20 -12.53
C ARG A 363 -3.66 -17.65 -13.82
N ALA A 364 -4.99 -17.73 -13.75
CA ALA A 364 -5.86 -18.15 -14.85
C ALA A 364 -5.68 -17.16 -16.01
N MET A 365 -5.80 -15.87 -15.72
CA MET A 365 -5.58 -14.81 -16.74
C MET A 365 -4.17 -14.99 -17.35
N LEU A 366 -3.15 -15.21 -16.54
CA LEU A 366 -1.75 -15.23 -17.04
C LEU A 366 -1.53 -16.34 -18.08
N TYR A 367 -2.04 -17.55 -17.85
CA TYR A 367 -1.74 -18.74 -18.70
C TYR A 367 -2.69 -18.73 -19.89
N PHE A 368 -3.84 -18.05 -19.76
CA PHE A 368 -4.69 -17.67 -20.90
C PHE A 368 -3.84 -16.80 -21.84
N ALA A 369 -3.20 -15.73 -21.33
CA ALA A 369 -2.36 -14.83 -22.14
C ALA A 369 -1.19 -15.62 -22.73
N ALA A 370 -0.55 -16.48 -21.95
CA ALA A 370 0.67 -17.19 -22.39
C ALA A 370 0.36 -18.14 -23.56
N LYS A 371 -0.86 -18.66 -23.63
CA LYS A 371 -1.25 -19.50 -24.79
C LYS A 371 -1.23 -18.63 -26.06
N GLN A 372 -1.50 -17.34 -25.94
CA GLN A 372 -1.49 -16.41 -27.10
C GLN A 372 -0.06 -16.18 -27.53
N VAL A 373 0.82 -15.84 -26.59
CA VAL A 373 2.27 -15.74 -26.88
C VAL A 373 2.66 -16.93 -27.75
N ASP A 374 2.23 -18.15 -27.40
CA ASP A 374 2.69 -19.42 -28.05
C ASP A 374 2.19 -19.43 -29.52
N ILE A 375 0.93 -19.04 -29.73
CA ILE A 375 0.35 -18.98 -31.10
C ILE A 375 1.05 -17.91 -31.93
N VAL A 376 1.22 -16.71 -31.37
CA VAL A 376 1.98 -15.67 -32.12
C VAL A 376 3.35 -16.25 -32.56
N GLN A 377 4.05 -17.00 -31.72
CA GLN A 377 5.46 -17.35 -32.01
C GLN A 377 5.59 -18.54 -32.97
N ARG A 378 4.64 -19.48 -32.99
CA ARG A 378 4.77 -20.82 -33.59
C ARG A 378 3.68 -21.13 -34.64
N SER A 379 2.47 -20.56 -34.55
CA SER A 379 1.37 -20.95 -35.45
C SER A 379 1.72 -20.47 -36.86
N GLN A 380 1.29 -21.26 -37.84
CA GLN A 380 1.53 -20.98 -39.27
C GLN A 380 0.21 -20.60 -39.95
N ASP A 381 -0.92 -20.74 -39.26
CA ASP A 381 -2.23 -20.18 -39.66
C ASP A 381 -2.22 -18.68 -39.36
N GLU A 382 -2.58 -17.86 -40.35
CA GLU A 382 -2.46 -16.38 -40.25
C GLU A 382 -3.64 -15.84 -39.46
N GLU A 383 -4.84 -16.39 -39.67
CA GLU A 383 -6.07 -15.89 -39.00
C GLU A 383 -5.91 -16.05 -37.47
N GLN A 384 -5.21 -17.10 -37.05
CA GLN A 384 -5.04 -17.50 -35.62
C GLN A 384 -3.94 -16.62 -35.00
N LYS A 385 -2.82 -16.43 -35.71
CA LYS A 385 -1.68 -15.54 -35.37
C LYS A 385 -2.18 -14.11 -35.17
N LYS A 386 -3.05 -13.64 -36.06
CA LYS A 386 -3.66 -12.29 -36.06
C LYS A 386 -4.54 -12.14 -34.81
N ALA A 387 -5.38 -13.13 -34.50
CA ALA A 387 -6.36 -13.03 -33.39
C ALA A 387 -5.62 -13.12 -32.05
N ALA A 388 -4.60 -13.96 -31.96
CA ALA A 388 -3.82 -14.17 -30.72
C ALA A 388 -3.00 -12.89 -30.50
N ASP A 389 -2.38 -12.39 -31.55
CA ASP A 389 -1.62 -11.10 -31.51
C ASP A 389 -2.52 -9.96 -31.00
N SER A 390 -3.76 -9.92 -31.49
CA SER A 390 -4.73 -8.87 -31.13
C SER A 390 -5.22 -9.07 -29.68
N MET A 391 -5.44 -10.31 -29.26
CA MET A 391 -5.82 -10.64 -27.87
C MET A 391 -4.68 -10.23 -26.90
N LEU A 392 -3.41 -10.51 -27.22
CA LEU A 392 -2.24 -10.11 -26.40
C LEU A 392 -2.20 -8.61 -26.25
N ALA A 393 -2.42 -7.87 -27.34
CA ALA A 393 -2.38 -6.39 -27.40
C ALA A 393 -3.36 -5.82 -26.37
N PHE A 394 -4.53 -6.43 -26.23
CA PHE A 394 -5.61 -6.03 -25.28
C PHE A 394 -5.20 -6.40 -23.85
N LEU A 395 -4.72 -7.63 -23.62
CA LEU A 395 -4.58 -8.23 -22.26
C LEU A 395 -3.27 -7.78 -21.58
N THR A 396 -2.23 -7.56 -22.36
CA THR A 396 -0.84 -7.27 -21.89
C THR A 396 -0.84 -6.10 -20.91
N PRO A 397 -1.39 -4.91 -21.24
CA PRO A 397 -1.45 -3.78 -20.29
C PRO A 397 -2.46 -3.96 -19.14
N ILE A 398 -3.56 -4.67 -19.37
CA ILE A 398 -4.52 -5.03 -18.29
C ILE A 398 -3.78 -5.93 -17.31
N ALA A 399 -3.14 -6.99 -17.82
CA ALA A 399 -2.37 -7.92 -16.97
C ALA A 399 -1.29 -7.14 -16.20
N LYS A 400 -0.49 -6.28 -16.84
CA LYS A 400 0.62 -5.61 -16.11
C LYS A 400 0.08 -4.67 -15.02
N ALA A 401 -0.82 -3.76 -15.35
CA ALA A 401 -1.34 -2.74 -14.42
C ALA A 401 -2.22 -3.39 -13.34
N PHE A 402 -3.25 -4.10 -13.76
CA PHE A 402 -4.23 -4.69 -12.82
C PHE A 402 -3.50 -5.62 -11.86
N MET A 403 -2.75 -6.60 -12.38
CA MET A 403 -2.15 -7.64 -11.51
C MET A 403 -1.14 -7.01 -10.53
N THR A 404 -0.40 -5.94 -10.90
CA THR A 404 0.54 -5.24 -9.99
C THR A 404 -0.26 -4.53 -8.90
N GLU A 405 -1.23 -3.72 -9.29
CA GLU A 405 -2.09 -3.01 -8.33
C GLU A 405 -2.76 -3.98 -7.34
N VAL A 406 -3.38 -5.06 -7.81
CA VAL A 406 -4.13 -5.92 -6.85
C VAL A 406 -3.12 -6.84 -6.11
N GLY A 407 -1.94 -7.00 -6.71
CA GLY A 407 -0.78 -7.64 -6.07
C GLY A 407 -0.29 -6.88 -4.85
N PHE A 408 -0.16 -5.56 -4.96
CA PHE A 408 0.21 -4.66 -3.84
C PHE A 408 -0.88 -4.72 -2.76
N GLU A 409 -2.15 -4.61 -3.15
CA GLU A 409 -3.25 -4.75 -2.17
C GLU A 409 -3.04 -6.08 -1.42
N SER A 410 -2.91 -7.19 -2.16
CA SER A 410 -2.85 -8.56 -1.59
C SER A 410 -1.65 -8.71 -0.62
N ALA A 411 -0.51 -8.11 -0.95
CA ALA A 411 0.69 -8.13 -0.08
C ALA A 411 0.35 -7.41 1.22
N ASN A 412 -0.35 -6.28 1.12
CA ASN A 412 -0.80 -5.49 2.29
C ASN A 412 -1.82 -6.28 3.11
N HIS A 413 -2.75 -7.01 2.50
CA HIS A 413 -3.64 -7.91 3.29
C HIS A 413 -2.75 -8.88 4.08
N GLY A 414 -1.76 -9.50 3.43
CA GLY A 414 -0.84 -10.40 4.13
C GLY A 414 -0.30 -9.81 5.44
N VAL A 415 0.32 -8.64 5.37
CA VAL A 415 0.79 -7.94 6.60
C VAL A 415 -0.37 -7.74 7.58
N GLN A 416 -1.53 -7.29 7.09
CA GLN A 416 -2.66 -6.98 8.01
C GLN A 416 -3.03 -8.20 8.89
N ILE A 417 -2.97 -9.41 8.32
CA ILE A 417 -3.31 -10.69 9.00
C ILE A 417 -2.33 -10.95 10.16
N PHE A 418 -1.09 -10.52 10.02
CA PHE A 418 -0.05 -10.75 11.06
C PHE A 418 -0.14 -9.65 12.13
N GLY A 419 -1.03 -8.68 11.97
CA GLY A 419 -1.13 -7.51 12.87
C GLY A 419 0.22 -6.82 13.00
N GLY A 420 0.57 -6.33 14.18
CA GLY A 420 1.87 -5.70 14.45
C GLY A 420 3.02 -6.53 13.96
N HIS A 421 2.96 -7.85 14.13
CA HIS A 421 4.06 -8.78 13.77
C HIS A 421 4.39 -8.66 12.27
N GLY A 422 3.43 -8.25 11.45
CA GLY A 422 3.63 -8.07 10.00
C GLY A 422 4.52 -6.89 9.63
N PHE A 423 4.66 -5.92 10.53
CA PHE A 423 5.58 -4.75 10.29
C PHE A 423 7.03 -5.12 10.60
N ILE A 424 7.27 -6.30 11.14
CA ILE A 424 8.63 -6.73 11.61
C ILE A 424 9.33 -7.50 10.49
N ALA A 425 10.62 -7.26 10.28
CA ALA A 425 11.41 -7.76 9.13
C ALA A 425 11.40 -9.29 9.10
N GLU A 426 11.47 -9.91 10.27
CA GLU A 426 11.71 -11.37 10.45
C GLU A 426 10.67 -12.17 9.64
N HIS A 427 9.41 -11.74 9.56
CA HIS A 427 8.33 -12.56 8.93
C HIS A 427 8.32 -12.50 7.39
N GLY A 428 8.94 -11.51 6.79
CA GLY A 428 9.05 -11.46 5.32
C GLY A 428 7.86 -10.82 4.62
N MET A 429 6.78 -10.59 5.35
CA MET A 429 5.55 -9.98 4.76
CA MET A 429 5.55 -9.98 4.76
C MET A 429 5.71 -8.50 4.36
N GLU A 430 6.51 -7.81 5.17
CA GLU A 430 6.75 -6.37 4.89
C GLU A 430 7.70 -6.22 3.69
N GLN A 431 8.61 -7.18 3.50
CA GLN A 431 9.50 -7.16 2.31
C GLN A 431 8.63 -7.37 1.07
N ASN A 432 7.68 -8.30 1.16
CA ASN A 432 6.76 -8.56 0.02
C ASN A 432 6.11 -7.24 -0.41
N VAL A 433 5.69 -6.42 0.56
CA VAL A 433 5.03 -5.12 0.25
C VAL A 433 6.06 -4.16 -0.38
N ARG A 434 7.26 -4.10 0.19
CA ARG A 434 8.27 -3.15 -0.31
C ARG A 434 8.77 -3.56 -1.72
N ASP A 435 8.99 -4.85 -1.97
CA ASP A 435 9.36 -5.41 -3.30
C ASP A 435 8.21 -5.12 -4.28
N SER A 436 6.96 -5.24 -3.81
CA SER A 436 5.75 -5.10 -4.66
C SER A 436 5.66 -3.66 -5.20
N ARG A 437 6.06 -2.65 -4.43
CA ARG A 437 5.69 -1.26 -4.76
C ARG A 437 6.30 -0.83 -6.11
N ILE A 438 7.52 -1.27 -6.43
CA ILE A 438 8.17 -0.94 -7.74
C ILE A 438 7.29 -1.42 -8.91
N SER A 439 6.54 -2.52 -8.75
CA SER A 439 5.85 -3.19 -9.87
C SER A 439 4.84 -2.24 -10.55
N MET A 440 4.31 -1.24 -9.85
CA MET A 440 3.40 -0.24 -10.47
C MET A 440 4.16 0.96 -11.06
N LEU A 441 5.47 1.01 -10.90
CA LEU A 441 6.27 2.17 -11.37
C LEU A 441 7.10 1.82 -12.61
N TYR A 442 7.75 0.66 -12.63
CA TYR A 442 8.64 0.32 -13.77
C TYR A 442 7.89 -0.50 -14.82
N GLU A 443 8.53 -0.71 -15.98
CA GLU A 443 7.91 -1.45 -17.12
C GLU A 443 6.59 -0.77 -17.49
N GLY A 444 6.57 0.56 -17.48
CA GLY A 444 5.33 1.30 -17.76
C GLY A 444 4.49 1.50 -16.52
N THR A 445 4.30 2.75 -16.12
CA THR A 445 3.48 3.09 -14.93
C THR A 445 2.03 2.66 -15.13
N THR A 446 1.29 2.50 -14.04
CA THR A 446 -0.16 2.17 -14.12
C THR A 446 -0.83 3.20 -15.05
N GLY A 447 -0.60 4.49 -14.83
CA GLY A 447 -1.19 5.55 -15.66
C GLY A 447 -0.86 5.36 -17.13
N VAL A 448 0.38 4.94 -17.44
CA VAL A 448 0.82 4.82 -18.86
C VAL A 448 0.20 3.58 -19.51
N GLN A 449 0.18 2.45 -18.81
CA GLN A 449 -0.47 1.22 -19.32
C GLN A 449 -1.96 1.52 -19.57
N ALA A 450 -2.61 2.22 -18.63
CA ALA A 450 -4.04 2.63 -18.76
C ALA A 450 -4.23 3.48 -20.03
N LEU A 451 -3.34 4.43 -20.30
CA LEU A 451 -3.43 5.23 -21.55
C LEU A 451 -3.19 4.33 -22.77
N ASP A 452 -2.24 3.40 -22.69
CA ASP A 452 -1.98 2.45 -23.79
C ASP A 452 -3.27 1.68 -24.10
N LEU A 453 -3.83 0.94 -23.14
CA LEU A 453 -5.11 0.20 -23.28
C LEU A 453 -6.19 1.08 -23.95
N LEU A 454 -6.62 2.19 -23.33
CA LEU A 454 -7.82 2.98 -23.74
C LEU A 454 -7.54 3.80 -25.00
N GLY A 455 -6.44 4.54 -25.01
CA GLY A 455 -6.09 5.50 -26.08
C GLY A 455 -5.54 4.80 -27.31
N ARG A 456 -4.54 3.94 -27.17
CA ARG A 456 -3.80 3.34 -28.31
C ARG A 456 -4.54 2.14 -28.88
N LYS A 457 -5.11 1.27 -28.06
CA LYS A 457 -5.65 -0.02 -28.52
C LYS A 457 -7.17 0.09 -28.63
N VAL A 458 -7.88 0.46 -27.56
CA VAL A 458 -9.37 0.41 -27.55
C VAL A 458 -9.95 1.53 -28.43
N LEU A 459 -9.71 2.82 -28.13
CA LEU A 459 -10.37 3.91 -28.91
C LEU A 459 -9.76 4.02 -30.32
N MET A 460 -8.50 3.69 -30.53
CA MET A 460 -7.89 3.75 -31.89
C MET A 460 -8.54 2.72 -32.83
N THR A 461 -9.10 1.62 -32.30
CA THR A 461 -9.75 0.53 -33.07
C THR A 461 -11.27 0.70 -32.96
N GLN A 462 -11.74 1.87 -32.50
CA GLN A 462 -13.18 2.19 -32.25
C GLN A 462 -13.91 1.08 -31.51
N GLY A 463 -13.21 0.36 -30.62
CA GLY A 463 -13.79 -0.64 -29.70
C GLY A 463 -13.50 -2.07 -30.13
N GLU A 464 -12.88 -2.25 -31.31
CA GLU A 464 -12.58 -3.58 -31.89
C GLU A 464 -11.64 -4.38 -30.98
N ALA A 465 -10.65 -3.76 -30.34
CA ALA A 465 -9.65 -4.51 -29.53
C ALA A 465 -10.34 -5.27 -28.39
N LEU A 466 -11.44 -4.75 -27.85
CA LEU A 466 -12.26 -5.34 -26.76
C LEU A 466 -13.03 -6.59 -27.23
N LYS A 467 -13.36 -6.67 -28.53
CA LYS A 467 -14.31 -7.68 -29.10
C LYS A 467 -13.76 -9.10 -28.93
N GLY A 468 -12.48 -9.33 -29.23
CA GLY A 468 -11.85 -10.66 -29.11
C GLY A 468 -12.31 -11.32 -27.82
N PHE A 469 -12.23 -10.56 -26.72
CA PHE A 469 -12.46 -11.03 -25.34
C PHE A 469 -13.97 -11.06 -25.04
N THR A 470 -14.73 -10.01 -25.36
CA THR A 470 -16.19 -9.96 -25.07
C THR A 470 -16.92 -11.11 -25.80
N LYS A 471 -16.48 -11.42 -27.02
CA LYS A 471 -16.96 -12.56 -27.84
C LYS A 471 -16.84 -13.84 -26.99
N ILE A 472 -15.61 -14.16 -26.56
CA ILE A 472 -15.33 -15.35 -25.71
C ILE A 472 -16.30 -15.33 -24.52
N VAL A 473 -16.54 -14.18 -23.90
CA VAL A 473 -17.34 -14.11 -22.65
C VAL A 473 -18.81 -14.38 -22.97
N HIS A 474 -19.26 -13.87 -24.12
CA HIS A 474 -20.68 -13.94 -24.57
C HIS A 474 -21.02 -15.40 -24.90
N LYS A 475 -20.16 -16.08 -25.68
CA LYS A 475 -20.27 -17.54 -25.94
C LYS A 475 -20.33 -18.34 -24.62
N PHE A 476 -19.60 -17.93 -23.59
CA PHE A 476 -19.58 -18.65 -22.29
C PHE A 476 -20.96 -18.49 -21.65
N CYS A 477 -21.52 -17.28 -21.68
CA CYS A 477 -22.82 -16.95 -21.05
C CYS A 477 -23.98 -17.67 -21.75
N GLN A 478 -23.90 -17.83 -23.09
CA GLN A 478 -24.88 -18.61 -23.88
C GLN A 478 -24.71 -20.10 -23.58
N ALA A 479 -23.48 -20.60 -23.64
CA ALA A 479 -23.14 -22.02 -23.38
C ALA A 479 -23.58 -22.45 -21.97
N ASN A 480 -23.84 -21.53 -21.02
CA ASN A 480 -24.10 -21.87 -19.61
C ASN A 480 -25.31 -21.12 -19.03
N GLU A 481 -26.15 -20.44 -19.85
CA GLU A 481 -27.42 -19.79 -19.39
C GLU A 481 -28.26 -20.81 -18.62
N ALA A 482 -28.35 -22.06 -19.09
CA ALA A 482 -29.22 -23.14 -18.56
C ALA A 482 -28.51 -23.98 -17.50
N ASN A 483 -27.20 -23.79 -17.32
CA ASN A 483 -26.35 -24.61 -16.40
C ASN A 483 -26.61 -24.20 -14.94
N GLU A 484 -27.30 -25.07 -14.19
CA GLU A 484 -27.82 -24.80 -12.82
C GLU A 484 -26.65 -24.45 -11.89
N ALA A 485 -25.57 -25.23 -11.88
CA ALA A 485 -24.46 -25.05 -10.90
C ALA A 485 -23.80 -23.67 -11.05
N VAL A 486 -23.86 -23.00 -12.21
CA VAL A 486 -23.19 -21.68 -12.38
C VAL A 486 -24.16 -20.58 -12.87
N LYS A 487 -25.46 -20.82 -12.87
CA LYS A 487 -26.43 -19.80 -13.31
C LYS A 487 -26.15 -18.48 -12.57
N GLU A 488 -25.75 -18.54 -11.29
CA GLU A 488 -25.63 -17.37 -10.38
C GLU A 488 -24.42 -16.48 -10.78
N PHE A 489 -23.43 -17.05 -11.47
CA PHE A 489 -22.27 -16.30 -12.04
C PHE A 489 -22.63 -15.78 -13.42
N VAL A 490 -23.37 -16.56 -14.19
CA VAL A 490 -23.58 -16.27 -15.64
C VAL A 490 -24.36 -14.96 -15.75
N ALA A 491 -25.37 -14.78 -14.92
CA ALA A 491 -26.30 -13.63 -14.99
C ALA A 491 -25.52 -12.33 -14.84
N PRO A 492 -24.82 -12.09 -13.71
CA PRO A 492 -23.99 -10.88 -13.55
C PRO A 492 -22.88 -10.74 -14.59
N LEU A 493 -22.30 -11.87 -15.03
CA LEU A 493 -21.21 -11.84 -16.04
C LEU A 493 -21.76 -11.25 -17.34
N ALA A 494 -22.94 -11.68 -17.78
CA ALA A 494 -23.59 -11.25 -19.05
C ALA A 494 -24.00 -9.79 -18.91
N GLN A 495 -24.54 -9.38 -17.76
CA GLN A 495 -24.86 -7.94 -17.48
C GLN A 495 -23.58 -7.11 -17.60
N LEU A 496 -22.47 -7.59 -17.04
CA LEU A 496 -21.19 -6.85 -16.97
C LEU A 496 -20.57 -6.85 -18.36
N ASN A 497 -20.67 -7.97 -19.08
CA ASN A 497 -20.02 -8.06 -20.41
C ASN A 497 -20.65 -7.02 -21.34
N LYS A 498 -21.97 -6.88 -21.27
CA LYS A 498 -22.73 -5.87 -22.05
C LYS A 498 -22.29 -4.46 -21.63
N GLU A 499 -22.27 -4.16 -20.33
CA GLU A 499 -21.88 -2.84 -19.76
C GLU A 499 -20.48 -2.44 -20.24
N TRP A 500 -19.56 -3.40 -20.32
CA TRP A 500 -18.16 -3.20 -20.73
C TRP A 500 -18.18 -2.58 -22.13
N GLY A 501 -19.01 -3.13 -23.02
CA GLY A 501 -19.12 -2.63 -24.41
C GLY A 501 -19.76 -1.25 -24.43
N ASP A 502 -20.80 -1.03 -23.61
CA ASP A 502 -21.51 0.28 -23.52
C ASP A 502 -20.52 1.33 -23.03
N LEU A 503 -19.82 1.06 -21.92
CA LEU A 503 -18.84 2.00 -21.31
C LEU A 503 -17.79 2.40 -22.36
N THR A 504 -17.25 1.45 -23.11
CA THR A 504 -16.24 1.73 -24.16
C THR A 504 -16.79 2.85 -25.07
N MET A 505 -18.02 2.70 -25.57
CA MET A 505 -18.66 3.63 -26.54
C MET A 505 -18.85 5.01 -25.91
N LYS A 506 -19.44 5.06 -24.71
CA LYS A 506 -19.63 6.31 -23.93
C LYS A 506 -18.29 7.03 -23.70
N VAL A 507 -17.24 6.32 -23.30
CA VAL A 507 -15.91 6.97 -23.11
C VAL A 507 -15.53 7.55 -24.47
N GLY A 508 -15.70 6.77 -25.54
CA GLY A 508 -15.43 7.24 -26.92
C GLY A 508 -16.16 8.53 -27.26
N MET A 509 -17.46 8.62 -26.98
CA MET A 509 -18.36 9.79 -27.22
C MET A 509 -17.84 11.02 -26.45
N ALA A 510 -17.44 10.76 -25.20
CA ALA A 510 -16.89 11.76 -24.25
C ALA A 510 -15.58 12.30 -24.80
N ALA A 511 -14.72 11.44 -25.37
CA ALA A 511 -13.39 11.84 -25.92
C ALA A 511 -13.60 12.67 -27.20
N MET A 512 -14.69 12.45 -27.93
CA MET A 512 -15.03 13.21 -29.17
C MET A 512 -15.15 14.69 -28.80
N LYS A 513 -15.79 14.96 -27.65
CA LYS A 513 -16.13 16.32 -27.15
C LYS A 513 -14.91 16.91 -26.43
N ASP A 514 -14.14 16.08 -25.75
CA ASP A 514 -13.02 16.53 -24.87
C ASP A 514 -11.95 15.42 -24.76
N ARG A 515 -10.77 15.65 -25.36
CA ARG A 515 -9.68 14.62 -25.45
C ARG A 515 -9.08 14.34 -24.05
N GLU A 516 -9.26 15.25 -23.07
CA GLU A 516 -8.83 15.00 -21.67
C GLU A 516 -9.56 13.72 -21.18
N GLU A 517 -10.74 13.40 -21.71
CA GLU A 517 -11.57 12.27 -21.22
C GLU A 517 -10.78 10.96 -21.33
N VAL A 518 -9.86 10.86 -22.28
CA VAL A 518 -9.09 9.60 -22.44
C VAL A 518 -8.23 9.39 -21.19
N GLY A 519 -7.49 10.39 -20.75
CA GLY A 519 -6.70 10.26 -19.52
C GLY A 519 -7.56 10.19 -18.28
N ALA A 520 -8.65 10.95 -18.26
CA ALA A 520 -9.58 10.99 -17.09
C ALA A 520 -10.21 9.60 -16.81
N ALA A 521 -10.56 8.84 -17.84
CA ALA A 521 -11.24 7.53 -17.71
C ALA A 521 -10.23 6.37 -17.67
N SER A 522 -8.99 6.60 -18.11
CA SER A 522 -8.00 5.54 -18.41
C SER A 522 -7.85 4.52 -17.25
N VAL A 523 -7.44 4.92 -16.06
CA VAL A 523 -7.03 3.95 -15.00
C VAL A 523 -8.28 3.23 -14.47
N ASP A 524 -9.37 3.97 -14.28
CA ASP A 524 -10.70 3.41 -13.93
C ASP A 524 -11.13 2.38 -14.99
N TYR A 525 -10.97 2.67 -16.28
CA TYR A 525 -11.34 1.75 -17.38
C TYR A 525 -10.48 0.46 -17.34
N LEU A 526 -9.20 0.60 -17.05
CA LEU A 526 -8.27 -0.57 -16.99
C LEU A 526 -8.61 -1.41 -15.76
N MET A 527 -8.87 -0.78 -14.60
CA MET A 527 -9.23 -1.51 -13.38
C MET A 527 -10.58 -2.24 -13.58
N TYR A 528 -11.61 -1.57 -14.10
CA TYR A 528 -12.89 -2.21 -14.52
C TYR A 528 -12.59 -3.43 -15.40
N SER A 529 -11.78 -3.23 -16.43
CA SER A 529 -11.44 -4.27 -17.43
C SER A 529 -10.78 -5.44 -16.69
N GLY A 530 -9.90 -5.15 -15.72
CA GLY A 530 -9.24 -6.19 -14.92
C GLY A 530 -10.27 -7.03 -14.19
N TYR A 531 -11.15 -6.38 -13.42
CA TYR A 531 -12.22 -7.04 -12.65
C TYR A 531 -13.12 -7.90 -13.56
N ALA A 532 -13.37 -7.43 -14.80
CA ALA A 532 -14.23 -8.10 -15.80
C ALA A 532 -13.56 -9.38 -16.32
N CYS A 533 -12.26 -9.30 -16.59
CA CYS A 533 -11.45 -10.47 -17.02
C CYS A 533 -11.53 -11.55 -15.94
N LEU A 534 -11.29 -11.18 -14.70
CA LEU A 534 -11.35 -12.13 -13.57
C LEU A 534 -12.80 -12.62 -13.33
N ALA A 535 -13.83 -11.81 -13.59
CA ALA A 535 -15.22 -12.29 -13.46
C ALA A 535 -15.43 -13.47 -14.44
N TYR A 536 -14.95 -13.36 -15.68
CA TYR A 536 -14.98 -14.48 -16.66
C TYR A 536 -14.21 -15.73 -16.15
N PHE A 537 -12.95 -15.54 -15.75
CA PHE A 537 -12.04 -16.63 -15.27
C PHE A 537 -12.63 -17.31 -14.02
N TRP A 538 -13.13 -16.57 -13.04
CA TRP A 538 -13.83 -17.18 -11.88
C TRP A 538 -15.10 -17.91 -12.31
N ALA A 539 -15.92 -17.34 -13.19
CA ALA A 539 -17.10 -18.05 -13.74
C ALA A 539 -16.63 -19.34 -14.43
N ASP A 540 -15.56 -19.28 -15.21
CA ASP A 540 -15.13 -20.46 -16.00
C ASP A 540 -14.57 -21.51 -15.04
N MET A 541 -13.79 -21.10 -14.05
CA MET A 541 -13.22 -22.02 -13.04
C MET A 541 -14.37 -22.62 -12.20
N ALA A 542 -15.44 -21.87 -11.95
CA ALA A 542 -16.64 -22.37 -11.22
C ALA A 542 -17.35 -23.45 -12.07
N ARG A 543 -17.47 -23.23 -13.39
CA ARG A 543 -18.08 -24.19 -14.35
C ARG A 543 -17.29 -25.49 -14.34
N LEU A 544 -15.96 -25.37 -14.45
CA LEU A 544 -15.06 -26.56 -14.48
C LEU A 544 -15.24 -27.36 -13.17
N ALA A 545 -15.25 -26.67 -12.03
CA ALA A 545 -15.36 -27.29 -10.70
C ALA A 545 -16.71 -28.01 -10.53
N ALA A 546 -17.80 -27.44 -11.02
CA ALA A 546 -19.15 -28.07 -11.08
C ALA A 546 -19.09 -29.37 -11.88
N GLU A 547 -18.39 -29.33 -13.01
CA GLU A 547 -18.31 -30.43 -13.99
C GLU A 547 -17.45 -31.55 -13.40
N LYS A 548 -16.45 -31.19 -12.59
CA LYS A 548 -15.56 -32.21 -11.98
C LYS A 548 -16.27 -32.82 -10.77
N LEU A 549 -17.16 -32.07 -10.14
CA LEU A 549 -17.84 -32.57 -8.92
C LEU A 549 -19.04 -33.43 -9.33
N ALA A 550 -19.73 -33.03 -10.40
CA ALA A 550 -20.87 -33.81 -10.91
C ALA A 550 -20.38 -35.17 -11.40
N ALA A 551 -19.15 -35.25 -11.88
CA ALA A 551 -18.61 -36.50 -12.45
C ALA A 551 -17.96 -37.34 -11.36
N GLY A 552 -17.85 -36.81 -10.15
CA GLY A 552 -17.14 -37.54 -9.10
C GLY A 552 -15.63 -37.36 -9.21
N THR A 553 -15.00 -36.85 -8.15
CA THR A 553 -13.54 -36.67 -8.13
C THR A 553 -12.98 -37.05 -6.76
N GLY A 554 -11.75 -37.54 -6.72
CA GLY A 554 -11.09 -37.82 -5.43
C GLY A 554 -10.62 -36.55 -4.73
N GLU A 555 -10.82 -35.37 -5.34
CA GLU A 555 -10.37 -34.04 -4.82
C GLU A 555 -11.59 -33.12 -4.74
N GLU A 556 -12.63 -33.52 -4.02
CA GLU A 556 -13.88 -32.72 -3.92
C GLU A 556 -13.60 -31.35 -3.31
N ALA A 557 -12.95 -31.33 -2.16
CA ALA A 557 -12.60 -30.10 -1.40
C ALA A 557 -11.94 -29.06 -2.33
N PHE A 558 -10.95 -29.48 -3.11
CA PHE A 558 -10.18 -28.60 -4.04
C PHE A 558 -11.16 -27.85 -4.95
N TYR A 559 -12.15 -28.56 -5.51
CA TYR A 559 -13.15 -28.05 -6.47
C TYR A 559 -14.24 -27.29 -5.72
N LYS A 560 -14.66 -27.76 -4.55
CA LYS A 560 -15.62 -26.97 -3.73
C LYS A 560 -14.98 -25.61 -3.40
N ALA A 561 -13.66 -25.53 -3.21
CA ALA A 561 -12.98 -24.29 -2.76
C ALA A 561 -12.97 -23.26 -3.90
N LYS A 562 -12.84 -23.74 -5.15
CA LYS A 562 -12.93 -22.89 -6.37
C LYS A 562 -14.32 -22.22 -6.44
N LEU A 563 -15.40 -22.95 -6.15
CA LEU A 563 -16.80 -22.44 -6.21
C LEU A 563 -16.96 -21.37 -5.14
N GLN A 564 -16.52 -21.67 -3.93
CA GLN A 564 -16.60 -20.72 -2.81
C GLN A 564 -15.77 -19.47 -3.12
N THR A 565 -14.60 -19.59 -3.76
CA THR A 565 -13.74 -18.40 -4.03
C THR A 565 -14.41 -17.56 -5.13
N ALA A 566 -14.99 -18.23 -6.14
CA ALA A 566 -15.66 -17.58 -7.28
C ALA A 566 -16.86 -16.78 -6.74
N ARG A 567 -17.58 -17.33 -5.76
CA ARG A 567 -18.79 -16.69 -5.16
C ARG A 567 -18.37 -15.46 -4.36
N PHE A 568 -17.28 -15.59 -3.59
CA PHE A 568 -16.64 -14.47 -2.85
C PHE A 568 -16.22 -13.36 -3.83
N TYR A 569 -15.59 -13.73 -4.95
CA TYR A 569 -15.04 -12.73 -5.90
C TYR A 569 -16.24 -11.93 -6.42
N PHE A 570 -17.22 -12.64 -6.97
CA PHE A 570 -18.47 -12.04 -7.51
C PHE A 570 -19.19 -11.14 -6.48
N GLN A 571 -19.25 -11.51 -5.21
CA GLN A 571 -20.15 -10.80 -4.26
C GLN A 571 -19.42 -9.66 -3.51
N ARG A 572 -18.11 -9.79 -3.25
CA ARG A 572 -17.38 -8.82 -2.36
C ARG A 572 -16.34 -7.98 -3.13
N ILE A 573 -15.94 -8.37 -4.34
CA ILE A 573 -14.81 -7.71 -5.07
C ILE A 573 -15.30 -7.08 -6.35
N LEU A 574 -15.98 -7.86 -7.20
CA LEU A 574 -16.54 -7.36 -8.48
C LEU A 574 -17.33 -6.06 -8.29
N PRO A 575 -18.10 -5.82 -7.19
CA PRO A 575 -18.82 -4.55 -7.02
C PRO A 575 -17.95 -3.27 -7.05
N ARG A 576 -16.63 -3.40 -6.86
CA ARG A 576 -15.65 -2.28 -7.06
C ARG A 576 -15.86 -1.66 -8.44
N THR A 577 -16.29 -2.45 -9.44
CA THR A 577 -16.62 -1.91 -10.79
C THR A 577 -17.60 -0.72 -10.67
N ARG A 578 -18.46 -0.68 -9.62
CA ARG A 578 -19.51 0.38 -9.45
C ARG A 578 -18.79 1.71 -9.34
N ALA A 579 -17.81 1.80 -8.41
CA ALA A 579 -16.95 2.99 -8.13
C ALA A 579 -16.24 3.45 -9.41
N HIS A 580 -15.64 2.52 -10.15
CA HIS A 580 -14.86 2.79 -11.39
C HIS A 580 -15.79 3.30 -12.50
N VAL A 581 -17.02 2.77 -12.62
CA VAL A 581 -18.02 3.22 -13.62
C VAL A 581 -18.38 4.70 -13.34
N ALA A 582 -18.85 4.98 -12.12
CA ALA A 582 -19.22 6.35 -11.69
C ALA A 582 -18.04 7.32 -11.91
N ALA A 583 -16.83 6.98 -11.49
CA ALA A 583 -15.66 7.86 -11.68
C ALA A 583 -15.46 8.13 -13.17
N MET A 584 -15.42 7.10 -14.01
CA MET A 584 -15.05 7.28 -15.43
C MET A 584 -16.18 8.00 -16.17
N LEU A 585 -17.44 7.95 -15.71
CA LEU A 585 -18.57 8.68 -16.36
C LEU A 585 -18.77 10.08 -15.73
N SER A 586 -17.96 10.43 -14.72
CA SER A 586 -18.05 11.74 -14.00
C SER A 586 -17.59 12.92 -14.84
N GLY A 587 -16.75 12.68 -15.84
CA GLY A 587 -16.23 13.77 -16.68
C GLY A 587 -14.83 14.22 -16.30
N ALA A 588 -14.13 14.82 -17.25
CA ALA A 588 -12.74 15.30 -17.04
C ALA A 588 -12.71 16.63 -16.28
N ASN A 589 -13.78 17.39 -16.34
CA ASN A 589 -13.78 18.77 -15.74
C ASN A 589 -13.50 18.72 -14.23
N ASN A 590 -14.02 17.71 -13.53
CA ASN A 590 -13.75 17.56 -12.08
C ASN A 590 -12.25 17.33 -11.83
N LEU A 591 -11.46 17.11 -12.88
CA LEU A 591 -9.99 16.93 -12.71
C LEU A 591 -9.22 18.10 -13.32
N MET A 592 -9.74 18.75 -14.35
CA MET A 592 -8.94 19.76 -15.09
C MET A 592 -9.29 21.20 -14.72
N GLU A 593 -10.38 21.43 -14.00
CA GLU A 593 -10.85 22.82 -13.74
C GLU A 593 -9.89 23.57 -12.80
N MET A 594 -9.33 22.88 -11.82
CA MET A 594 -8.46 23.57 -10.83
C MET A 594 -7.17 24.04 -11.50
N ALA A 595 -6.91 25.34 -11.45
CA ALA A 595 -5.67 25.89 -12.04
C ALA A 595 -4.47 25.31 -11.29
N GLU A 596 -3.34 25.15 -11.95
CA GLU A 596 -2.18 24.47 -11.30
C GLU A 596 -1.69 25.26 -10.08
N GLU A 597 -1.88 26.57 -10.06
CA GLU A 597 -1.33 27.42 -8.98
C GLU A 597 -2.29 27.47 -7.79
N ASP A 598 -3.40 26.75 -7.85
CA ASP A 598 -4.42 26.85 -6.77
C ASP A 598 -4.53 25.53 -6.01
N PHE A 599 -3.67 24.56 -6.31
CA PHE A 599 -3.73 23.23 -5.66
C PHE A 599 -3.21 23.28 -4.23
N ALA A 600 -2.31 24.22 -3.92
CA ALA A 600 -1.67 24.23 -2.59
C ALA A 600 -1.73 25.63 -1.94
N LEU A 601 -2.93 26.08 -1.60
CA LEU A 601 -3.12 27.44 -1.04
C LEU A 601 -3.32 27.37 0.49
N GLY A 602 -3.10 26.22 1.12
CA GLY A 602 -3.23 26.06 2.59
C GLY A 602 -1.94 26.23 3.37
N TYR A 603 -0.94 26.92 2.83
CA TYR A 603 0.35 26.99 3.56
C TYR A 603 0.63 28.45 3.94
N ASP B 5 10.84 20.20 1.30
CA ASP B 5 11.01 20.59 2.75
C ASP B 5 9.63 20.83 3.38
N TYR B 6 9.33 20.14 4.47
CA TYR B 6 8.05 20.27 5.23
C TYR B 6 7.68 21.74 5.43
N LYS B 7 6.49 22.10 4.96
CA LYS B 7 5.82 23.40 5.19
C LYS B 7 4.48 23.11 5.89
N ALA B 8 4.26 23.70 7.08
CA ALA B 8 3.01 23.49 7.85
C ALA B 8 1.83 24.06 7.10
N PRO B 9 0.67 23.36 7.07
CA PRO B 9 -0.55 23.88 6.43
C PRO B 9 -1.35 24.87 7.29
N LEU B 10 -0.72 25.96 7.73
CA LEU B 10 -1.33 26.91 8.70
C LEU B 10 -2.57 27.57 8.10
N ARG B 11 -2.56 27.89 6.81
CA ARG B 11 -3.72 28.60 6.24
C ARG B 11 -4.90 27.60 6.29
N ASP B 12 -4.63 26.30 6.13
CA ASP B 12 -5.73 25.29 6.07
C ASP B 12 -6.18 24.96 7.49
N ILE B 13 -5.26 24.90 8.44
CA ILE B 13 -5.58 24.72 9.89
C ILE B 13 -6.50 25.84 10.37
N ARG B 14 -6.25 27.08 9.96
CA ARG B 14 -7.08 28.29 10.27
C ARG B 14 -8.44 28.25 9.57
N PHE B 15 -8.46 27.88 8.29
CA PHE B 15 -9.73 27.67 7.57
C PHE B 15 -10.62 26.78 8.44
N VAL B 16 -10.09 25.62 8.84
CA VAL B 16 -10.88 24.54 9.50
C VAL B 16 -11.29 25.00 10.91
N ARG B 17 -10.34 25.46 11.71
CA ARG B 17 -10.58 25.87 13.12
C ARG B 17 -11.46 27.11 13.16
N ASP B 18 -10.98 28.20 12.55
CA ASP B 18 -11.58 29.55 12.73
C ASP B 18 -12.86 29.65 11.92
N GLU B 19 -12.85 29.29 10.64
CA GLU B 19 -13.97 29.64 9.72
C GLU B 19 -15.02 28.53 9.73
N LEU B 20 -14.61 27.27 9.58
CA LEU B 20 -15.59 26.16 9.43
C LEU B 20 -16.19 25.84 10.80
N LEU B 21 -15.40 25.72 11.87
CA LEU B 21 -15.90 25.15 13.15
C LEU B 21 -15.96 26.16 14.31
N GLY B 22 -15.85 27.47 14.07
CA GLY B 22 -16.08 28.58 15.03
C GLY B 22 -15.29 28.41 16.32
N TYR B 23 -13.96 28.27 16.23
CA TYR B 23 -13.11 27.86 17.39
C TYR B 23 -12.93 29.01 18.38
N GLU B 24 -13.13 30.25 17.94
CA GLU B 24 -13.14 31.45 18.82
C GLU B 24 -14.37 31.39 19.72
N ALA B 25 -15.58 31.29 19.17
CA ALA B 25 -16.84 31.09 19.94
C ALA B 25 -16.70 29.92 20.93
N HIS B 26 -16.36 28.72 20.43
CA HIS B 26 -16.10 27.45 21.19
C HIS B 26 -15.20 27.72 22.40
N TYR B 27 -14.05 28.37 22.21
CA TYR B 27 -13.10 28.74 23.30
C TYR B 27 -13.72 29.75 24.28
N GLN B 28 -14.51 30.73 23.80
CA GLN B 28 -15.22 31.75 24.64
C GLN B 28 -16.27 31.07 25.53
N SER B 29 -16.89 29.97 25.07
CA SER B 29 -18.08 29.33 25.68
C SER B 29 -17.66 28.33 26.76
N LEU B 30 -16.41 28.33 27.21
CA LEU B 30 -15.80 27.08 27.70
C LEU B 30 -14.76 27.41 28.76
N PRO B 31 -14.93 26.90 30.01
CA PRO B 31 -14.08 27.24 31.15
C PRO B 31 -12.60 26.89 30.93
N GLY B 32 -11.71 27.87 31.18
CA GLY B 32 -10.25 27.73 31.05
C GLY B 32 -9.75 28.55 29.88
N ALA B 33 -10.56 28.65 28.82
CA ALA B 33 -10.25 29.42 27.59
C ALA B 33 -10.71 30.88 27.78
N GLU B 34 -9.94 31.60 28.61
CA GLU B 34 -9.87 33.09 28.63
C GLU B 34 -8.44 33.50 28.22
N ASP B 35 -7.44 32.64 28.45
CA ASP B 35 -6.01 32.88 28.09
C ASP B 35 -5.76 32.48 26.64
N ALA B 36 -6.68 31.73 26.03
CA ALA B 36 -6.63 31.24 24.64
C ALA B 36 -7.32 32.25 23.71
N THR B 37 -6.87 33.50 23.77
CA THR B 37 -7.18 34.62 22.83
C THR B 37 -6.76 34.23 21.42
N PRO B 38 -7.58 34.57 20.41
CA PRO B 38 -7.17 34.44 19.01
C PRO B 38 -5.69 34.77 18.71
N ASP B 39 -5.17 35.91 19.17
CA ASP B 39 -3.77 36.35 18.90
C ASP B 39 -2.79 35.38 19.58
N MET B 40 -3.12 34.84 20.76
CA MET B 40 -2.21 33.92 21.51
C MET B 40 -2.15 32.55 20.79
N VAL B 41 -3.31 32.03 20.36
CA VAL B 41 -3.48 30.79 19.54
C VAL B 41 -2.62 30.88 18.28
N ASN B 42 -2.79 31.96 17.52
CA ASN B 42 -2.02 32.23 16.27
C ASN B 42 -0.52 32.23 16.52
N ALA B 43 -0.05 32.82 17.63
CA ALA B 43 1.39 32.89 17.98
C ALA B 43 1.89 31.50 18.38
N ILE B 44 1.03 30.72 19.05
CA ILE B 44 1.37 29.32 19.45
C ILE B 44 1.41 28.44 18.20
N LEU B 45 0.41 28.53 17.31
CA LEU B 45 0.49 27.82 15.99
C LEU B 45 1.79 28.16 15.26
N GLU B 46 2.14 29.45 15.18
CA GLU B 46 3.28 29.95 14.36
C GLU B 46 4.58 29.50 15.02
N GLU B 47 4.66 29.50 16.35
CA GLU B 47 5.81 28.94 17.12
C GLU B 47 5.97 27.45 16.86
N GLY B 48 4.84 26.72 16.85
CA GLY B 48 4.76 25.26 16.63
C GLY B 48 5.28 24.92 15.25
N ALA B 49 4.75 25.61 14.25
CA ALA B 49 5.12 25.54 12.82
C ALA B 49 6.64 25.69 12.67
N LYS B 50 7.23 26.67 13.36
CA LYS B 50 8.67 26.98 13.21
C LYS B 50 9.52 25.82 13.75
N PHE B 51 9.19 25.34 14.94
CA PHE B 51 9.89 24.17 15.54
C PHE B 51 9.82 22.95 14.60
N CYS B 52 8.63 22.69 14.06
CA CYS B 52 8.33 21.53 13.19
C CYS B 52 9.17 21.66 11.91
N GLU B 53 9.14 22.82 11.26
CA GLU B 53 9.86 23.09 9.97
C GLU B 53 11.38 23.13 10.18
N GLN B 54 11.89 23.71 11.27
CA GLN B 54 13.34 24.07 11.39
C GLN B 54 14.11 23.04 12.22
N VAL B 55 13.49 22.40 13.20
CA VAL B 55 14.19 21.50 14.17
C VAL B 55 13.92 20.03 13.83
N ILE B 56 12.66 19.54 13.72
CA ILE B 56 12.41 18.06 13.68
C ILE B 56 12.25 17.54 12.25
N ALA B 57 11.67 18.33 11.35
CA ALA B 57 11.50 17.96 9.91
C ALA B 57 12.84 17.57 9.30
N PRO B 58 13.94 18.34 9.47
CA PRO B 58 15.25 17.96 8.93
C PRO B 58 15.87 16.70 9.51
N LEU B 59 15.31 16.17 10.61
CA LEU B 59 15.78 14.92 11.27
C LEU B 59 14.98 13.74 10.74
N ASN B 60 13.95 13.97 9.95
CA ASN B 60 13.06 12.86 9.52
C ASN B 60 13.83 11.79 8.72
N ARG B 61 14.64 12.20 7.73
CA ARG B 61 15.48 11.29 6.90
C ARG B 61 16.55 10.63 7.78
N VAL B 62 17.20 11.43 8.65
CA VAL B 62 18.24 10.92 9.64
C VAL B 62 17.63 9.76 10.41
N GLY B 63 16.47 9.99 11.00
CA GLY B 63 15.76 8.98 11.80
C GLY B 63 15.52 7.70 11.01
N ASP B 64 15.13 7.80 9.74
CA ASP B 64 14.91 6.60 8.89
C ASP B 64 16.23 5.87 8.62
N LEU B 65 17.30 6.58 8.22
CA LEU B 65 18.60 5.96 7.83
C LEU B 65 19.31 5.36 9.05
N GLU B 66 19.39 6.06 10.19
CA GLU B 66 20.16 5.58 11.39
C GLU B 66 19.33 4.59 12.19
N GLY B 67 18.04 4.87 12.36
CA GLY B 67 17.25 4.16 13.36
C GLY B 67 17.91 4.36 14.72
N CYS B 68 17.55 3.50 15.68
CA CYS B 68 18.06 3.47 17.07
C CYS B 68 19.08 2.34 17.18
N THR B 69 19.97 2.39 18.17
CA THR B 69 21.03 1.38 18.41
C THR B 69 20.88 0.82 19.82
N TRP B 70 20.64 -0.49 19.90
CA TRP B 70 20.55 -1.25 21.15
C TRP B 70 21.98 -1.55 21.66
N SER B 71 22.19 -1.47 22.98
CA SER B 71 23.23 -2.23 23.72
C SER B 71 22.64 -2.65 25.07
N ALA B 72 23.37 -3.43 25.85
CA ALA B 72 22.92 -3.89 27.18
C ALA B 72 22.62 -2.67 28.06
N ASP B 73 23.38 -1.58 27.93
CA ASP B 73 23.28 -0.36 28.79
C ASP B 73 22.03 0.47 28.47
N GLY B 74 21.43 0.34 27.28
CA GLY B 74 20.32 1.22 26.86
C GLY B 74 20.22 1.40 25.34
N VAL B 75 19.65 2.53 24.89
CA VAL B 75 19.24 2.72 23.48
C VAL B 75 19.60 4.14 23.02
N LYS B 76 20.46 4.23 22.01
CA LYS B 76 20.80 5.50 21.36
C LYS B 76 19.76 5.82 20.28
N THR B 77 19.29 7.06 20.24
CA THR B 77 18.37 7.58 19.23
C THR B 77 19.17 8.21 18.09
N PRO B 78 18.55 8.39 16.91
CA PRO B 78 19.27 8.98 15.78
C PRO B 78 19.90 10.34 16.13
N THR B 79 20.96 10.68 15.41
CA THR B 79 21.68 11.98 15.51
C THR B 79 20.66 13.11 15.54
N GLY B 80 20.71 13.95 16.57
CA GLY B 80 19.89 15.19 16.62
C GLY B 80 18.53 15.02 17.31
N PHE B 81 18.08 13.79 17.59
CA PHE B 81 16.75 13.51 18.21
C PHE B 81 16.67 14.12 19.63
N LYS B 82 17.57 13.72 20.54
CA LYS B 82 17.58 14.19 21.96
C LYS B 82 17.78 15.71 22.03
N GLU B 83 18.59 16.29 21.15
CA GLU B 83 18.92 17.76 21.18
C GLU B 83 17.67 18.52 20.75
N ALA B 84 16.86 17.95 19.84
CA ALA B 84 15.54 18.51 19.45
C ALA B 84 14.56 18.39 20.62
N TYR B 85 14.65 17.28 21.38
CA TYR B 85 13.78 17.01 22.54
C TYR B 85 14.08 18.04 23.63
N GLN B 86 15.36 18.32 23.92
CA GLN B 86 15.79 19.35 24.91
C GLN B 86 15.16 20.67 24.50
N GLN B 87 15.18 20.99 23.22
CA GLN B 87 14.59 22.26 22.70
C GLN B 87 13.08 22.22 22.85
N PHE B 88 12.43 21.08 22.56
CA PHE B 88 10.97 20.89 22.77
C PHE B 88 10.63 21.14 24.25
N VAL B 89 11.39 20.54 25.19
CA VAL B 89 11.27 20.78 26.66
C VAL B 89 11.37 22.30 26.92
N GLU B 90 12.49 22.94 26.58
CA GLU B 90 12.82 24.36 26.91
C GLU B 90 11.77 25.31 26.35
N GLY B 91 11.07 24.96 25.27
CA GLY B 91 9.95 25.76 24.72
C GLY B 91 8.65 25.54 25.47
N GLY B 92 8.68 24.66 26.49
CA GLY B 92 7.53 24.24 27.32
C GLY B 92 6.38 23.63 26.52
N TRP B 93 6.64 22.99 25.39
CA TRP B 93 5.56 22.33 24.61
C TRP B 93 4.89 21.21 25.40
N PRO B 94 5.62 20.34 26.13
CA PRO B 94 4.98 19.26 26.90
C PRO B 94 3.85 19.75 27.82
N SER B 95 3.96 20.94 28.39
CA SER B 95 3.04 21.44 29.45
C SER B 95 1.80 22.16 28.88
N LEU B 96 1.67 22.32 27.56
CA LEU B 96 0.64 23.17 26.90
C LEU B 96 -0.79 22.84 27.36
N ALA B 97 -1.23 21.56 27.27
CA ALA B 97 -2.64 21.14 27.43
C ALA B 97 -2.87 20.39 28.74
N HIS B 98 -2.12 20.70 29.79
CA HIS B 98 -2.20 20.03 31.12
C HIS B 98 -2.63 21.06 32.19
N ASP B 99 -3.23 20.57 33.28
CA ASP B 99 -3.76 21.36 34.44
C ASP B 99 -2.67 22.30 34.97
N VAL B 100 -3.07 23.55 35.26
CA VAL B 100 -2.17 24.58 35.89
C VAL B 100 -1.74 23.97 37.23
N GLU B 101 -2.65 23.24 37.85
CA GLU B 101 -2.46 22.44 39.08
C GLU B 101 -1.11 21.71 39.02
N HIS B 102 -0.82 20.89 38.00
CA HIS B 102 0.37 19.98 38.03
C HIS B 102 1.51 20.46 37.13
N GLY B 103 1.57 21.77 36.86
CA GLY B 103 2.75 22.44 36.30
C GLY B 103 2.52 22.79 34.83
N GLY B 104 1.27 22.84 34.40
CA GLY B 104 0.91 22.99 32.99
C GLY B 104 0.39 24.37 32.72
N GLN B 105 0.20 24.70 31.43
CA GLN B 105 -0.30 26.01 30.93
C GLN B 105 -1.84 26.04 30.87
N GLY B 106 -2.53 24.89 31.01
CA GLY B 106 -3.99 24.85 31.02
C GLY B 106 -4.65 25.23 29.70
N LEU B 107 -3.93 25.37 28.59
CA LEU B 107 -4.59 25.62 27.28
C LEU B 107 -5.31 24.34 26.85
N PRO B 108 -6.38 24.44 26.03
CA PRO B 108 -7.21 23.28 25.70
C PRO B 108 -6.50 22.18 24.89
N GLU B 109 -7.01 20.96 25.00
CA GLU B 109 -6.52 19.73 24.32
C GLU B 109 -6.47 19.98 22.80
N SER B 110 -7.49 20.65 22.26
CA SER B 110 -7.69 20.91 20.81
C SER B 110 -6.56 21.80 20.24
N LEU B 111 -5.88 22.57 21.08
CA LEU B 111 -4.77 23.46 20.65
C LEU B 111 -3.51 22.62 20.68
N GLY B 112 -3.42 21.71 21.67
CA GLY B 112 -2.40 20.63 21.75
C GLY B 112 -2.40 19.79 20.48
N LEU B 113 -3.60 19.48 19.97
CA LEU B 113 -3.80 18.58 18.83
C LEU B 113 -3.30 19.26 17.56
N ALA B 114 -3.54 20.54 17.39
CA ALA B 114 -2.97 21.31 16.26
C ALA B 114 -1.44 21.20 16.28
N ILE B 115 -0.79 21.32 17.45
CA ILE B 115 0.69 21.18 17.50
C ILE B 115 1.09 19.75 17.12
N SER B 116 0.36 18.75 17.61
CA SER B 116 0.60 17.31 17.30
C SER B 116 0.41 17.06 15.79
N GLU B 117 -0.52 17.77 15.13
CA GLU B 117 -0.76 17.60 13.66
C GLU B 117 0.54 17.90 12.93
N MET B 118 1.18 19.00 13.32
CA MET B 118 2.40 19.51 12.65
C MET B 118 3.60 18.66 13.09
N VAL B 119 3.64 18.22 14.34
CA VAL B 119 4.76 17.37 14.80
C VAL B 119 4.68 16.06 14.00
N GLY B 120 3.49 15.51 13.80
CA GLY B 120 3.40 14.17 13.20
C GLY B 120 3.81 14.21 11.73
N GLN B 121 3.44 15.29 11.06
CA GLN B 121 3.76 15.53 9.63
C GLN B 121 5.28 15.67 9.45
N ALA B 122 5.95 16.40 10.35
CA ALA B 122 7.36 16.81 10.23
C ALA B 122 8.25 15.61 10.54
N ASN B 123 7.91 14.84 11.56
CA ASN B 123 8.75 13.68 11.97
C ASN B 123 7.91 12.81 12.91
N TRP B 124 7.23 11.80 12.35
CA TRP B 124 6.33 10.97 13.20
C TRP B 124 7.14 10.19 14.24
N SER B 125 8.24 9.58 13.83
CA SER B 125 9.03 8.72 14.74
C SER B 125 9.49 9.54 15.96
N TRP B 126 9.91 10.79 15.76
CA TRP B 126 10.33 11.71 16.83
C TRP B 126 9.12 12.10 17.68
N GLY B 127 8.00 12.46 17.04
CA GLY B 127 6.75 12.88 17.69
C GLY B 127 6.15 11.83 18.62
N MET B 128 6.47 10.56 18.43
CA MET B 128 5.92 9.47 19.27
C MET B 128 6.52 9.55 20.68
N TYR B 129 7.74 10.04 20.83
CA TYR B 129 8.38 10.13 22.16
C TYR B 129 7.48 11.04 23.01
N PRO B 130 7.26 12.32 22.64
CA PRO B 130 6.31 13.16 23.37
C PRO B 130 4.88 12.64 23.31
N GLY B 131 4.46 12.08 22.16
CA GLY B 131 3.06 11.62 21.98
C GLY B 131 2.61 10.60 23.00
N LEU B 132 3.37 9.51 23.16
CA LEU B 132 3.01 8.47 24.15
C LEU B 132 2.97 9.09 25.54
N SER B 133 3.99 9.87 25.88
CA SER B 133 4.01 10.55 27.19
C SER B 133 2.69 11.28 27.43
N HIS B 134 2.24 12.09 26.48
CA HIS B 134 0.98 12.88 26.61
C HIS B 134 -0.18 12.00 27.06
N GLY B 135 -0.18 10.74 26.65
CA GLY B 135 -1.24 9.80 27.07
C GLY B 135 -1.11 9.36 28.51
N ALA B 136 0.09 8.98 28.95
CA ALA B 136 0.28 8.47 30.33
C ALA B 136 -0.14 9.56 31.30
N MET B 137 0.03 10.81 30.89
CA MET B 137 -0.45 11.93 31.73
C MET B 137 -1.96 11.78 31.84
N ASN B 138 -2.66 11.78 30.71
CA ASN B 138 -4.13 11.62 30.67
C ASN B 138 -4.54 10.42 31.52
N THR B 139 -3.75 9.36 31.60
CA THR B 139 -4.02 8.20 32.51
C THR B 139 -3.84 8.57 34.00
N LEU B 140 -2.69 9.14 34.36
CA LEU B 140 -2.31 9.55 35.75
C LEU B 140 -3.31 10.61 36.23
N HIS B 141 -3.66 11.54 35.34
CA HIS B 141 -4.58 12.66 35.62
C HIS B 141 -5.95 12.11 36.01
N ALA B 142 -6.44 11.09 35.32
CA ALA B 142 -7.82 10.58 35.44
C ALA B 142 -7.92 9.56 36.59
N HIS B 143 -6.88 8.80 36.94
CA HIS B 143 -7.00 7.64 37.87
C HIS B 143 -5.90 7.65 38.94
N GLY B 144 -4.90 8.52 38.87
CA GLY B 144 -3.82 8.51 39.90
C GLY B 144 -4.27 9.15 41.21
N THR B 145 -3.74 8.68 42.35
CA THR B 145 -3.85 9.37 43.67
C THR B 145 -3.08 10.68 43.59
N ALA B 146 -3.46 11.68 44.38
CA ALA B 146 -2.82 13.02 44.45
C ALA B 146 -1.29 12.91 44.53
N GLU B 147 -0.77 11.97 45.32
CA GLU B 147 0.68 11.69 45.52
C GLU B 147 1.31 11.12 44.22
N GLN B 148 0.60 10.23 43.51
CA GLN B 148 1.06 9.69 42.20
C GLN B 148 1.15 10.85 41.19
N GLN B 149 0.11 11.67 41.09
CA GLN B 149 0.11 12.93 40.30
C GLN B 149 1.30 13.83 40.69
N ALA B 150 1.56 14.02 41.98
CA ALA B 150 2.61 14.92 42.47
C ALA B 150 3.99 14.38 42.04
N THR B 151 4.19 13.07 42.06
CA THR B 151 5.52 12.43 41.82
C THR B 151 5.78 12.27 40.32
N TYR B 152 4.76 11.89 39.57
CA TYR B 152 4.91 11.30 38.20
C TYR B 152 4.42 12.31 37.13
N LEU B 153 3.20 12.83 37.29
CA LEU B 153 2.52 13.73 36.32
C LEU B 153 3.31 15.06 36.20
N THR B 154 3.75 15.64 37.31
CA THR B 154 4.50 16.92 37.30
C THR B 154 5.70 16.78 36.36
N LYS B 155 6.41 15.66 36.44
CA LYS B 155 7.63 15.35 35.66
C LYS B 155 7.29 15.12 34.18
N LEU B 156 6.16 14.47 33.88
CA LEU B 156 5.73 14.22 32.47
C LEU B 156 5.26 15.54 31.81
N VAL B 157 4.57 16.40 32.56
CA VAL B 157 4.01 17.69 32.07
C VAL B 157 5.18 18.61 31.68
N SER B 158 6.30 18.52 32.40
CA SER B 158 7.54 19.30 32.20
C SER B 158 8.33 18.71 31.03
N GLY B 159 8.10 17.42 30.73
CA GLY B 159 8.77 16.68 29.63
C GLY B 159 10.10 16.09 30.05
N GLU B 160 10.57 16.38 31.26
CA GLU B 160 11.87 15.89 31.79
C GLU B 160 11.81 14.36 31.87
N TRP B 161 10.60 13.82 32.10
CA TRP B 161 10.31 12.38 32.11
C TRP B 161 9.34 12.04 30.96
N THR B 162 9.51 10.84 30.38
CA THR B 162 8.65 10.36 29.28
C THR B 162 7.76 9.22 29.77
N GLY B 163 6.68 8.94 29.04
CA GLY B 163 5.77 7.84 29.41
C GLY B 163 5.50 6.83 28.31
N THR B 164 5.27 5.58 28.66
CA THR B 164 4.91 4.47 27.74
C THR B 164 3.62 3.81 28.21
N MET B 165 3.06 2.98 27.34
CA MET B 165 1.92 2.07 27.64
C MET B 165 2.40 0.64 27.33
N CYS B 166 2.49 -0.21 28.36
CA CYS B 166 3.02 -1.59 28.27
C CYS B 166 1.88 -2.61 28.39
N LEU B 167 1.26 -2.92 27.26
CA LEU B 167 0.19 -3.95 27.19
C LEU B 167 0.75 -5.25 26.57
N THR B 168 1.20 -5.12 25.32
CA THR B 168 1.52 -6.28 24.46
C THR B 168 2.56 -7.29 24.94
N GLU B 169 2.20 -8.56 24.82
CA GLU B 169 3.10 -9.72 25.06
C GLU B 169 3.16 -10.55 23.76
N PRO B 170 4.13 -11.51 23.60
CA PRO B 170 4.26 -12.27 22.37
C PRO B 170 2.95 -12.95 21.93
N HIS B 171 2.18 -13.50 22.87
CA HIS B 171 0.98 -14.33 22.60
C HIS B 171 -0.29 -13.45 22.51
N CYS B 172 -0.21 -12.18 22.93
CA CYS B 172 -1.44 -11.35 23.01
C CYS B 172 -1.23 -9.89 22.60
N GLY B 173 -2.08 -9.36 21.73
CA GLY B 173 -2.04 -7.95 21.31
C GLY B 173 -3.44 -7.39 21.36
N THR B 174 -4.35 -7.96 20.60
CA THR B 174 -5.77 -7.57 20.71
C THR B 174 -6.33 -8.22 21.97
N ASP B 175 -6.02 -9.50 22.19
CA ASP B 175 -6.58 -10.29 23.34
C ASP B 175 -5.78 -10.00 24.61
N LEU B 176 -6.03 -8.87 25.26
CA LEU B 176 -5.29 -8.46 26.48
C LEU B 176 -5.72 -9.33 27.67
N GLY B 177 -6.91 -9.91 27.62
CA GLY B 177 -7.35 -10.83 28.67
C GLY B 177 -6.41 -12.01 28.86
N MET B 178 -5.62 -12.34 27.84
CA MET B 178 -4.69 -13.50 27.90
C MET B 178 -3.34 -13.07 28.49
N LEU B 179 -3.16 -11.78 28.77
CA LEU B 179 -1.87 -11.27 29.29
C LEU B 179 -1.47 -12.09 30.53
N ARG B 180 -0.17 -12.15 30.84
CA ARG B 180 0.34 -13.04 31.92
C ARG B 180 1.42 -12.35 32.80
N THR B 181 1.86 -11.13 32.49
CA THR B 181 2.72 -10.32 33.39
C THR B 181 2.04 -10.28 34.77
N LYS B 182 2.82 -10.52 35.82
CA LYS B 182 2.34 -10.66 37.23
C LYS B 182 2.71 -9.41 38.02
N ALA B 183 1.76 -8.90 38.82
CA ALA B 183 2.01 -7.98 39.95
C ALA B 183 1.79 -8.74 41.27
N GLU B 184 2.87 -8.98 42.03
CA GLU B 184 2.86 -9.63 43.37
C GLU B 184 2.92 -8.58 44.49
N PRO B 185 1.83 -8.40 45.26
CA PRO B 185 1.74 -7.33 46.26
C PRO B 185 2.80 -7.53 47.35
N GLN B 186 3.37 -6.42 47.85
CA GLN B 186 4.44 -6.47 48.88
C GLN B 186 3.90 -5.82 50.17
N ALA B 187 4.43 -6.23 51.33
CA ALA B 187 4.11 -5.67 52.68
C ALA B 187 3.92 -4.16 52.62
N ASP B 188 4.84 -3.41 51.99
CA ASP B 188 4.74 -1.92 51.99
C ASP B 188 3.60 -1.43 51.08
N GLY B 189 2.80 -2.33 50.49
CA GLY B 189 1.61 -2.02 49.65
C GLY B 189 1.94 -1.74 48.17
N SER B 190 3.22 -1.74 47.82
CA SER B 190 3.74 -1.70 46.42
C SER B 190 3.81 -3.13 45.91
N TYR B 191 4.13 -3.27 44.61
CA TYR B 191 4.14 -4.54 43.86
C TYR B 191 5.49 -4.79 43.23
N LYS B 192 5.82 -6.06 43.04
CA LYS B 192 6.93 -6.54 42.18
C LYS B 192 6.33 -7.17 40.91
N VAL B 193 6.61 -6.51 39.78
CA VAL B 193 6.10 -6.86 38.42
C VAL B 193 7.14 -7.76 37.74
N THR B 194 6.71 -8.96 37.35
CA THR B 194 7.55 -9.92 36.58
C THR B 194 6.82 -10.22 35.27
N GLY B 195 7.51 -10.06 34.15
CA GLY B 195 6.95 -10.28 32.81
C GLY B 195 7.80 -9.71 31.68
N THR B 196 7.53 -10.16 30.48
CA THR B 196 8.14 -9.63 29.23
C THR B 196 7.01 -8.97 28.42
N LYS B 197 7.11 -7.66 28.21
CA LYS B 197 6.27 -6.85 27.28
C LYS B 197 7.07 -6.57 25.99
N ILE B 198 6.40 -6.65 24.83
CA ILE B 198 7.07 -6.49 23.51
C ILE B 198 6.38 -5.35 22.77
N PHE B 199 7.10 -4.87 21.77
CA PHE B 199 6.71 -3.77 20.86
C PHE B 199 6.50 -2.49 21.68
N ILE B 200 7.31 -2.22 22.73
CA ILE B 200 7.04 -1.05 23.61
C ILE B 200 7.74 0.18 23.02
N SER B 201 6.93 1.05 22.44
CA SER B 201 7.37 2.29 21.76
C SER B 201 7.97 3.20 22.82
N ALA B 202 9.24 3.55 22.65
CA ALA B 202 9.95 4.52 23.51
C ALA B 202 10.24 3.87 24.87
N GLY B 203 10.35 2.54 24.91
CA GLY B 203 10.56 1.76 26.15
C GLY B 203 11.92 2.05 26.79
N GLU B 204 12.92 2.31 25.97
CA GLU B 204 14.29 2.62 26.37
C GLU B 204 14.85 3.61 25.35
N HIS B 205 15.57 4.62 25.81
CA HIS B 205 16.08 5.72 24.95
C HIS B 205 16.90 6.67 25.82
N ASP B 206 17.50 7.69 25.21
CA ASP B 206 18.54 8.57 25.80
C ASP B 206 18.04 10.01 25.71
N MET B 207 16.73 10.19 25.65
CA MET B 207 16.06 11.49 25.38
C MET B 207 15.73 12.21 26.70
N ALA B 208 15.55 11.48 27.81
CA ALA B 208 14.97 12.00 29.08
C ALA B 208 15.70 11.51 30.33
N ASP B 209 15.25 11.96 31.50
CA ASP B 209 15.91 11.73 32.81
C ASP B 209 15.29 10.46 33.43
N ASN B 210 14.07 10.13 33.02
CA ASN B 210 13.37 8.93 33.51
C ASN B 210 12.28 8.58 32.48
N ILE B 211 11.83 7.32 32.53
CA ILE B 211 10.65 6.79 31.78
C ILE B 211 9.69 6.10 32.75
N VAL B 212 8.42 6.47 32.63
CA VAL B 212 7.30 5.97 33.44
C VAL B 212 6.50 4.97 32.60
N HIS B 213 6.71 3.69 32.84
CA HIS B 213 5.86 2.63 32.23
C HIS B 213 4.52 2.53 32.97
N ILE B 214 3.42 2.81 32.28
CA ILE B 214 2.04 2.38 32.64
C ILE B 214 1.82 0.94 32.14
N VAL B 215 1.98 -0.06 33.01
CA VAL B 215 2.01 -1.52 32.67
C VAL B 215 0.68 -2.20 33.03
N LEU B 216 0.08 -2.99 32.12
CA LEU B 216 -1.03 -3.93 32.47
C LEU B 216 -0.42 -5.21 33.08
N ALA B 217 -0.78 -5.61 34.31
CA ALA B 217 -0.44 -6.94 34.87
C ALA B 217 -1.61 -7.51 35.65
N ARG B 218 -1.44 -8.74 36.12
CA ARG B 218 -2.51 -9.44 36.87
C ARG B 218 -2.08 -9.73 38.30
N LEU B 219 -2.96 -9.47 39.25
CA LEU B 219 -2.76 -9.77 40.70
C LEU B 219 -2.92 -11.27 40.94
N PRO B 220 -2.18 -11.86 41.92
CA PRO B 220 -1.94 -13.30 41.98
C PRO B 220 -3.17 -14.22 41.91
N ASP B 221 -4.34 -13.79 42.39
CA ASP B 221 -5.54 -14.67 42.36
C ASP B 221 -6.71 -13.88 41.80
N ALA B 222 -6.45 -13.14 40.74
CA ALA B 222 -7.45 -12.30 40.01
C ALA B 222 -8.31 -13.20 39.13
N PRO B 223 -9.50 -12.74 38.68
CA PRO B 223 -10.30 -13.49 37.72
C PRO B 223 -9.56 -13.62 36.37
N GLN B 224 -10.03 -14.53 35.53
CA GLN B 224 -9.57 -14.78 34.14
C GLN B 224 -10.06 -13.67 33.21
N GLY B 225 -9.27 -13.44 32.16
CA GLY B 225 -9.65 -12.43 31.14
C GLY B 225 -9.45 -10.99 31.56
N THR B 226 -10.12 -10.10 30.83
CA THR B 226 -10.02 -8.65 31.07
C THR B 226 -10.30 -8.33 32.53
N LYS B 227 -11.21 -9.07 33.15
CA LYS B 227 -11.63 -8.72 34.53
C LYS B 227 -10.53 -9.08 35.54
N GLY B 228 -9.38 -9.61 35.09
CA GLY B 228 -8.21 -9.94 35.95
C GLY B 228 -7.02 -9.01 35.73
N ILE B 229 -7.25 -7.93 35.00
CA ILE B 229 -6.15 -7.02 34.60
C ILE B 229 -6.11 -5.76 35.45
N SER B 230 -4.92 -5.41 35.93
CA SER B 230 -4.71 -4.18 36.74
C SER B 230 -3.60 -3.32 36.13
N LEU B 231 -3.60 -2.03 36.45
CA LEU B 231 -2.68 -1.02 35.87
C LEU B 231 -1.62 -0.67 36.91
N PHE B 232 -0.34 -0.65 36.53
CA PHE B 232 0.81 -0.38 37.42
C PHE B 232 1.68 0.74 36.85
N ILE B 233 2.15 1.63 37.74
CA ILE B 233 3.24 2.60 37.48
C ILE B 233 4.56 1.91 37.80
N VAL B 234 5.40 1.72 36.80
CA VAL B 234 6.77 1.13 36.94
C VAL B 234 7.75 2.10 36.30
N PRO B 235 8.47 2.92 37.09
CA PRO B 235 9.41 3.88 36.52
C PRO B 235 10.78 3.20 36.36
N LYS B 236 11.54 3.65 35.36
CA LYS B 236 12.87 3.07 35.07
C LYS B 236 13.75 3.35 36.29
N PHE B 237 13.66 4.58 36.79
CA PHE B 237 14.32 5.06 38.05
C PHE B 237 13.21 5.40 39.06
N LEU B 238 13.23 4.75 40.24
CA LEU B 238 12.32 5.04 41.37
C LEU B 238 12.71 6.41 41.90
N PRO B 239 11.73 7.28 42.23
CA PRO B 239 12.04 8.63 42.70
C PRO B 239 12.96 8.61 43.93
N ASN B 240 13.74 9.68 44.10
CA ASN B 240 14.54 9.95 45.33
C ASN B 240 13.73 10.92 46.21
N ALA B 241 14.32 11.35 47.33
CA ALA B 241 13.70 12.24 48.36
C ALA B 241 13.20 13.54 47.74
N GLU B 242 13.89 14.07 46.73
CA GLU B 242 13.51 15.37 46.07
C GLU B 242 12.55 15.12 44.88
N GLY B 243 12.25 13.87 44.54
CA GLY B 243 11.36 13.48 43.42
C GLY B 243 12.11 13.28 42.10
N ASN B 244 13.41 13.03 42.13
CA ASN B 244 14.25 12.98 40.90
C ASN B 244 14.62 11.54 40.63
N ALA B 245 15.02 11.24 39.39
CA ALA B 245 15.47 9.87 39.06
C ALA B 245 16.29 9.43 40.27
N GLY B 246 15.94 8.34 40.92
CA GLY B 246 16.70 7.82 42.05
C GLY B 246 17.28 6.47 41.71
N GLU B 247 16.89 5.47 42.51
CA GLU B 247 17.35 4.07 42.43
C GLU B 247 16.87 3.43 41.11
N ARG B 248 17.78 2.74 40.42
CA ARG B 248 17.50 2.04 39.14
C ARG B 248 16.62 0.83 39.43
N ASN B 249 15.40 0.87 38.91
CA ASN B 249 14.41 -0.23 38.99
C ASN B 249 14.88 -1.41 38.09
N ALA B 250 14.37 -2.64 38.29
CA ALA B 250 14.78 -3.83 37.48
C ALA B 250 13.85 -3.96 36.26
N VAL B 251 13.82 -2.87 35.48
CA VAL B 251 13.22 -2.72 34.13
C VAL B 251 14.38 -2.60 33.14
N SER B 252 14.49 -3.48 32.15
CA SER B 252 15.52 -3.33 31.09
C SER B 252 14.98 -3.74 29.72
N CYS B 253 15.64 -3.22 28.70
CA CYS B 253 15.37 -3.48 27.27
C CYS B 253 16.32 -4.60 26.82
N GLY B 254 15.79 -5.77 26.50
CA GLY B 254 16.56 -6.94 26.00
C GLY B 254 16.87 -6.81 24.51
N SER B 255 16.12 -5.96 23.75
CA SER B 255 16.29 -5.76 22.28
C SER B 255 15.30 -4.75 21.73
N ILE B 256 15.61 -4.25 20.53
CA ILE B 256 14.68 -3.42 19.73
C ILE B 256 14.36 -4.18 18.44
N GLU B 257 13.29 -3.80 17.76
CA GLU B 257 12.81 -4.53 16.55
C GLU B 257 13.51 -3.94 15.33
N HIS B 258 13.82 -4.77 14.34
CA HIS B 258 14.06 -4.34 12.93
C HIS B 258 12.71 -4.29 12.23
N LYS B 259 12.30 -3.10 11.82
CA LYS B 259 10.95 -2.92 11.25
C LYS B 259 10.99 -2.28 9.85
N MET B 260 9.85 -2.29 9.16
CA MET B 260 9.66 -1.76 7.78
C MET B 260 9.88 -0.27 7.78
N GLY B 261 9.44 0.39 8.86
CA GLY B 261 9.52 1.84 9.00
C GLY B 261 9.52 2.32 10.44
N ILE B 262 9.18 3.59 10.69
CA ILE B 262 9.30 4.22 12.04
C ILE B 262 10.60 3.74 12.72
N HIS B 263 11.72 3.79 11.99
CA HIS B 263 13.02 3.31 12.52
C HIS B 263 13.52 4.19 13.68
N GLY B 264 13.23 5.48 13.65
CA GLY B 264 13.68 6.43 14.71
C GLY B 264 12.93 6.28 16.02
N ASN B 265 11.92 5.42 16.09
CA ASN B 265 11.21 5.16 17.37
C ASN B 265 11.59 3.76 17.87
N ALA B 266 12.36 3.71 18.95
CA ALA B 266 12.80 2.42 19.53
C ALA B 266 11.56 1.63 19.91
N THR B 267 11.48 0.41 19.38
CA THR B 267 10.38 -0.54 19.61
C THR B 267 10.95 -1.69 20.44
N CYS B 268 10.64 -1.73 21.76
CA CYS B 268 11.50 -2.45 22.74
C CYS B 268 10.84 -3.68 23.36
N VAL B 269 11.62 -4.75 23.48
CA VAL B 269 11.35 -5.89 24.41
C VAL B 269 11.76 -5.42 25.81
N MET B 270 10.77 -5.18 26.68
CA MET B 270 10.93 -4.71 28.08
C MET B 270 10.74 -5.88 29.05
N ASN B 271 11.81 -6.27 29.73
CA ASN B 271 11.86 -7.31 30.78
C ASN B 271 11.66 -6.66 32.16
N PHE B 272 10.63 -7.07 32.89
CA PHE B 272 10.36 -6.63 34.29
C PHE B 272 10.78 -7.80 35.19
N ASP B 273 11.89 -7.64 35.91
CA ASP B 273 12.43 -8.66 36.85
C ASP B 273 12.09 -8.22 38.28
N ALA B 274 10.87 -8.51 38.74
CA ALA B 274 10.44 -8.09 40.10
C ALA B 274 10.77 -6.62 40.31
N ALA B 275 10.37 -5.78 39.34
CA ALA B 275 10.54 -4.31 39.35
C ALA B 275 9.45 -3.73 40.25
N THR B 276 9.80 -2.73 41.04
CA THR B 276 8.85 -2.03 41.94
C THR B 276 7.86 -1.27 41.08
N GLY B 277 6.58 -1.52 41.31
CA GLY B 277 5.45 -0.79 40.70
C GLY B 277 4.42 -0.51 41.76
N PHE B 278 3.54 0.45 41.47
CA PHE B 278 2.44 0.97 42.30
C PHE B 278 1.15 0.82 41.52
N LEU B 279 0.12 0.18 42.08
CA LEU B 279 -1.22 0.09 41.47
C LEU B 279 -1.75 1.48 41.17
N ILE B 280 -2.29 1.72 39.99
CA ILE B 280 -3.06 2.98 39.76
C ILE B 280 -4.47 2.58 39.37
N GLY B 281 -5.47 3.17 40.03
CA GLY B 281 -6.91 2.84 39.90
C GLY B 281 -7.28 1.54 40.61
N PRO B 282 -8.56 1.11 40.55
CA PRO B 282 -9.03 -0.03 41.32
C PRO B 282 -8.42 -1.37 40.89
N PRO B 283 -8.16 -2.30 41.83
CA PRO B 283 -7.73 -3.65 41.47
C PRO B 283 -8.66 -4.24 40.40
N ASN B 284 -8.09 -4.92 39.40
CA ASN B 284 -8.84 -5.63 38.32
C ASN B 284 -9.72 -4.68 37.50
N LYS B 285 -9.45 -3.37 37.48
CA LYS B 285 -10.19 -2.38 36.63
C LYS B 285 -9.19 -1.67 35.71
N GLY B 286 -8.05 -2.31 35.49
CA GLY B 286 -6.93 -1.83 34.66
C GLY B 286 -7.36 -1.59 33.21
N LEU B 287 -8.07 -2.55 32.60
CA LEU B 287 -8.55 -2.30 31.23
C LEU B 287 -9.39 -1.01 31.27
N ASN B 288 -10.36 -0.91 32.18
CA ASN B 288 -11.21 0.32 32.21
C ASN B 288 -10.31 1.57 32.27
N CYS B 289 -9.33 1.62 33.17
CA CYS B 289 -8.42 2.79 33.37
C CYS B 289 -7.50 3.03 32.15
N MET B 290 -6.98 1.94 31.52
CA MET B 290 -6.03 2.03 30.36
C MET B 290 -6.73 2.73 29.20
N PHE B 291 -8.07 2.71 29.13
CA PHE B 291 -8.87 3.24 27.99
C PHE B 291 -8.90 4.79 27.96
N THR B 292 -8.36 5.46 28.97
CA THR B 292 -7.98 6.90 28.89
C THR B 292 -6.74 7.04 28.00
N PHE B 293 -5.66 6.28 28.31
CA PHE B 293 -4.40 6.20 27.51
C PHE B 293 -4.70 5.82 26.04
N MET B 294 -5.67 4.92 25.81
CA MET B 294 -6.00 4.35 24.46
C MET B 294 -6.82 5.36 23.58
N ASN B 295 -7.89 6.03 24.07
CA ASN B 295 -8.76 6.92 23.22
C ASN B 295 -8.09 8.28 22.91
N THR B 296 -7.11 8.68 23.70
CA THR B 296 -6.16 9.76 23.35
C THR B 296 -5.52 9.33 22.03
N ALA B 297 -4.76 8.22 22.10
CA ALA B 297 -3.86 7.68 21.05
C ALA B 297 -4.67 7.15 19.86
N ARG B 298 -5.99 6.92 20.01
CA ARG B 298 -6.88 6.52 18.89
C ARG B 298 -7.00 7.75 17.99
N LEU B 299 -7.34 8.89 18.59
CA LEU B 299 -7.40 10.18 17.88
C LEU B 299 -5.97 10.63 17.51
N GLY B 300 -4.98 10.33 18.36
CA GLY B 300 -3.55 10.60 18.11
C GLY B 300 -3.05 9.81 16.90
N THR B 301 -3.59 8.60 16.66
CA THR B 301 -3.20 7.74 15.51
C THR B 301 -4.02 8.16 14.28
N ALA B 302 -5.27 8.55 14.43
CA ALA B 302 -6.04 9.17 13.33
C ALA B 302 -5.24 10.35 12.74
N LEU B 303 -4.50 11.04 13.61
CA LEU B 303 -3.59 12.16 13.28
C LEU B 303 -2.45 11.65 12.40
N GLN B 304 -1.99 10.41 12.63
CA GLN B 304 -0.90 9.81 11.80
C GLN B 304 -1.41 9.69 10.36
N GLY B 305 -2.64 9.18 10.22
CA GLY B 305 -3.32 9.01 8.93
C GLY B 305 -3.41 10.32 8.21
N LEU B 306 -3.72 11.39 8.95
CA LEU B 306 -3.79 12.73 8.34
C LEU B 306 -2.39 13.11 7.88
N ALA B 307 -1.37 12.86 8.70
CA ALA B 307 0.02 13.30 8.40
C ALA B 307 0.53 12.63 7.11
N HIS B 308 0.22 11.36 6.88
CA HIS B 308 0.74 10.60 5.69
C HIS B 308 0.08 11.13 4.41
N ALA B 309 -1.19 11.54 4.46
CA ALA B 309 -1.88 12.14 3.29
C ALA B 309 -1.25 13.51 2.99
N GLU B 310 -1.02 14.32 4.04
CA GLU B 310 -0.42 15.68 3.94
C GLU B 310 1.01 15.61 3.39
N VAL B 311 1.86 14.74 3.92
CA VAL B 311 3.24 14.63 3.40
C VAL B 311 3.18 14.15 1.94
N GLY B 312 2.33 13.17 1.63
CA GLY B 312 2.18 12.67 0.26
C GLY B 312 1.74 13.76 -0.69
N PHE B 313 0.85 14.67 -0.25
CA PHE B 313 0.38 15.79 -1.09
C PHE B 313 1.48 16.85 -1.27
N GLN B 314 2.20 17.20 -0.22
CA GLN B 314 3.25 18.26 -0.29
C GLN B 314 4.26 17.85 -1.36
N GLY B 315 4.74 16.61 -1.29
CA GLY B 315 5.69 16.07 -2.29
C GLY B 315 5.07 16.01 -3.69
N GLY B 316 3.89 15.41 -3.80
CA GLY B 316 3.20 15.26 -5.10
C GLY B 316 3.01 16.60 -5.80
N ILE B 317 2.49 17.62 -5.12
CA ILE B 317 2.18 18.90 -5.82
C ILE B 317 3.47 19.55 -6.34
N ALA B 318 4.54 19.53 -5.54
CA ALA B 318 5.83 20.11 -5.96
C ALA B 318 6.39 19.41 -7.20
N TYR B 319 6.44 18.08 -7.18
CA TYR B 319 7.02 17.30 -8.30
C TYR B 319 6.14 17.43 -9.56
N ALA B 320 4.82 17.45 -9.39
CA ALA B 320 3.89 17.49 -10.54
C ALA B 320 3.97 18.82 -11.30
N ARG B 321 4.49 19.86 -10.64
N ARG B 321 4.50 19.85 -10.64
CA ARG B 321 4.62 21.19 -11.29
CA ARG B 321 4.63 21.19 -11.29
C ARG B 321 6.06 21.38 -11.80
C ARG B 321 6.06 21.40 -11.79
N GLU B 322 6.97 20.51 -11.40
CA GLU B 322 8.40 20.64 -11.81
C GLU B 322 8.80 19.57 -12.84
N ARG B 323 8.28 18.36 -12.73
CA ARG B 323 8.65 17.25 -13.67
C ARG B 323 7.96 17.45 -15.03
N LEU B 324 8.76 17.50 -16.09
CA LEU B 324 8.24 17.57 -17.47
C LEU B 324 8.30 16.14 -18.00
N GLN B 325 7.18 15.67 -18.56
CA GLN B 325 7.09 14.33 -19.21
C GLN B 325 5.86 14.30 -20.12
N MET B 326 6.04 14.05 -21.41
CA MET B 326 4.98 13.89 -22.43
C MET B 326 4.29 15.23 -22.60
N ARG B 327 3.12 15.25 -23.25
CA ARG B 327 2.39 16.49 -23.57
C ARG B 327 0.92 16.30 -23.20
N SER B 328 0.22 17.42 -22.95
CA SER B 328 -1.23 17.45 -22.68
C SER B 328 -1.95 16.72 -23.82
N LEU B 329 -3.13 16.17 -23.55
CA LEU B 329 -3.95 15.51 -24.60
C LEU B 329 -4.62 16.56 -25.49
N THR B 330 -4.70 17.81 -25.04
CA THR B 330 -5.35 18.93 -25.80
C THR B 330 -4.31 19.90 -26.35
N GLY B 331 -3.16 19.37 -26.79
CA GLY B 331 -2.05 20.14 -27.37
C GLY B 331 -1.04 20.57 -26.31
N PRO B 332 0.25 20.76 -26.71
CA PRO B 332 1.31 21.19 -25.78
C PRO B 332 0.99 22.46 -24.97
N LYS B 333 1.07 22.42 -23.66
CA LYS B 333 0.73 23.57 -22.79
C LYS B 333 1.99 24.38 -22.51
N ALA B 334 3.19 23.82 -22.67
CA ALA B 334 4.47 24.53 -22.47
C ALA B 334 5.35 24.24 -23.67
N PRO B 335 4.97 24.78 -24.86
CA PRO B 335 5.67 24.45 -26.11
C PRO B 335 7.11 25.00 -26.15
N GLU B 336 7.45 25.93 -25.24
CA GLU B 336 8.80 26.54 -25.08
C GLU B 336 9.69 25.63 -24.21
N LYS B 337 9.18 24.48 -23.75
CA LYS B 337 9.94 23.46 -22.98
C LYS B 337 9.87 22.12 -23.71
N PRO B 338 10.79 21.18 -23.47
CA PRO B 338 10.82 19.94 -24.23
C PRO B 338 9.66 19.00 -23.85
N ALA B 339 8.96 19.27 -22.73
CA ALA B 339 7.79 18.48 -22.28
C ALA B 339 6.89 19.35 -21.43
N ASP B 340 5.67 18.89 -21.16
CA ASP B 340 4.70 19.62 -20.31
C ASP B 340 4.94 19.17 -18.87
N PRO B 341 4.60 20.00 -17.86
CA PRO B 341 4.66 19.55 -16.47
C PRO B 341 3.62 18.41 -16.34
N ILE B 342 3.86 17.42 -15.48
CA ILE B 342 3.00 16.21 -15.44
C ILE B 342 1.64 16.53 -14.83
N ILE B 343 1.47 17.71 -14.22
CA ILE B 343 0.15 18.18 -13.70
C ILE B 343 -0.88 18.31 -14.83
N VAL B 344 -0.46 18.44 -16.09
CA VAL B 344 -1.39 18.61 -17.24
C VAL B 344 -2.09 17.27 -17.56
N HIS B 345 -1.54 16.17 -17.05
CA HIS B 345 -2.14 14.83 -17.27
C HIS B 345 -3.31 14.59 -16.30
N PRO B 346 -4.49 14.18 -16.80
CA PRO B 346 -5.66 13.92 -15.95
C PRO B 346 -5.45 12.93 -14.78
N ASP B 347 -4.65 11.88 -14.98
CA ASP B 347 -4.38 10.88 -13.91
C ASP B 347 -3.53 11.46 -12.77
N VAL B 348 -2.55 12.31 -13.09
CA VAL B 348 -1.72 12.98 -12.05
C VAL B 348 -2.64 13.87 -11.20
N ARG B 349 -3.55 14.58 -11.84
CA ARG B 349 -4.54 15.43 -11.13
C ARG B 349 -5.46 14.54 -10.28
N ARG B 350 -5.89 13.39 -10.80
CA ARG B 350 -6.71 12.45 -10.01
C ARG B 350 -5.96 12.05 -8.74
N MET B 351 -4.69 11.72 -8.88
CA MET B 351 -3.87 11.32 -7.71
C MET B 351 -3.66 12.50 -6.74
N LEU B 352 -3.37 13.68 -7.27
CA LEU B 352 -3.20 14.89 -6.42
C LEU B 352 -4.51 15.21 -5.69
N LEU B 353 -5.63 15.21 -6.41
CA LEU B 353 -6.93 15.59 -5.82
C LEU B 353 -7.38 14.52 -4.80
N THR B 354 -7.00 13.26 -5.01
CA THR B 354 -7.32 12.22 -4.02
C THR B 354 -6.64 12.58 -2.69
N MET B 355 -5.34 12.85 -2.75
CA MET B 355 -4.58 13.16 -1.52
C MET B 355 -5.17 14.41 -0.87
N LYS B 356 -5.51 15.43 -1.68
CA LYS B 356 -6.04 16.73 -1.23
C LYS B 356 -7.40 16.56 -0.54
N ALA B 357 -8.32 15.81 -1.15
CA ALA B 357 -9.66 15.45 -0.62
C ALA B 357 -9.49 14.73 0.72
N PHE B 358 -8.54 13.80 0.83
CA PHE B 358 -8.30 13.05 2.09
C PHE B 358 -7.61 13.94 3.15
N ALA B 359 -6.57 14.68 2.80
CA ALA B 359 -5.86 15.55 3.77
C ALA B 359 -6.85 16.58 4.35
N GLU B 360 -7.54 17.36 3.51
CA GLU B 360 -8.37 18.53 3.92
C GLU B 360 -9.68 18.03 4.55
N GLY B 361 -10.25 16.97 3.99
CA GLY B 361 -11.42 16.27 4.56
C GLY B 361 -11.15 15.80 5.96
N ASN B 362 -10.04 15.07 6.15
CA ASN B 362 -9.74 14.45 7.47
C ASN B 362 -9.33 15.54 8.45
N ARG B 363 -8.74 16.65 7.97
CA ARG B 363 -8.38 17.77 8.86
C ARG B 363 -9.69 18.30 9.50
N ALA B 364 -10.75 18.48 8.71
CA ALA B 364 -12.05 18.97 9.19
C ALA B 364 -12.61 18.02 10.26
N MET B 365 -12.71 16.72 9.93
CA MET B 365 -13.22 15.68 10.86
C MET B 365 -12.38 15.68 12.14
N LEU B 366 -11.07 15.82 12.02
CA LEU B 366 -10.20 15.72 13.21
C LEU B 366 -10.50 16.89 14.19
N TYR B 367 -10.61 18.15 13.72
CA TYR B 367 -10.81 19.33 14.60
C TYR B 367 -12.28 19.44 15.00
N PHE B 368 -13.19 18.78 14.27
CA PHE B 368 -14.59 18.60 14.72
C PHE B 368 -14.59 17.71 15.97
N ALA B 369 -13.83 16.60 15.92
CA ALA B 369 -13.72 15.62 17.03
C ALA B 369 -13.05 16.31 18.19
N ALA B 370 -12.06 17.15 17.92
CA ALA B 370 -11.23 17.76 18.97
C ALA B 370 -12.09 18.72 19.81
N LYS B 371 -13.09 19.35 19.21
CA LYS B 371 -14.05 20.22 19.95
C LYS B 371 -14.80 19.37 20.96
N GLN B 372 -15.19 18.14 20.57
CA GLN B 372 -15.89 17.19 21.48
C GLN B 372 -14.98 16.88 22.65
N VAL B 373 -13.71 16.60 22.39
CA VAL B 373 -12.73 16.27 23.46
C VAL B 373 -12.65 17.41 24.48
N ASP B 374 -12.59 18.68 24.03
CA ASP B 374 -12.57 19.90 24.90
C ASP B 374 -13.79 19.94 25.82
N ILE B 375 -14.98 19.79 25.25
CA ILE B 375 -16.30 19.73 25.95
C ILE B 375 -16.25 18.67 27.05
N VAL B 376 -15.91 17.42 26.73
CA VAL B 376 -15.83 16.31 27.73
C VAL B 376 -14.85 16.67 28.85
N GLN B 377 -13.74 17.35 28.54
CA GLN B 377 -12.73 17.70 29.58
C GLN B 377 -13.13 18.92 30.42
N ARG B 378 -14.05 19.80 29.98
CA ARG B 378 -14.21 21.17 30.55
C ARG B 378 -15.65 21.66 30.71
N SER B 379 -16.64 21.15 29.97
CA SER B 379 -18.02 21.65 30.12
C SER B 379 -18.54 21.33 31.52
N GLN B 380 -19.51 22.12 31.97
CA GLN B 380 -20.24 21.98 33.26
C GLN B 380 -21.59 21.31 33.00
N ASP B 381 -22.16 21.59 31.84
CA ASP B 381 -23.48 21.07 31.39
C ASP B 381 -23.34 19.56 31.09
N GLU B 382 -24.07 18.69 31.81
CA GLU B 382 -23.98 17.21 31.71
C GLU B 382 -24.69 16.72 30.44
N GLU B 383 -25.68 17.48 29.94
CA GLU B 383 -26.34 17.23 28.63
C GLU B 383 -25.30 17.38 27.53
N GLN B 384 -24.47 18.42 27.63
CA GLN B 384 -23.46 18.81 26.63
C GLN B 384 -22.24 17.87 26.73
N LYS B 385 -21.80 17.46 27.93
CA LYS B 385 -20.71 16.46 28.10
C LYS B 385 -21.17 15.13 27.50
N LYS B 386 -22.41 14.73 27.78
CA LYS B 386 -22.87 13.36 27.45
C LYS B 386 -23.06 13.26 25.93
N ALA B 387 -23.53 14.32 25.27
CA ALA B 387 -23.69 14.36 23.80
C ALA B 387 -22.30 14.40 23.11
N ALA B 388 -21.33 15.09 23.72
CA ALA B 388 -19.92 15.16 23.25
C ALA B 388 -19.30 13.77 23.42
N ASP B 389 -19.59 13.09 24.52
CA ASP B 389 -18.98 11.79 24.89
C ASP B 389 -19.47 10.68 23.94
N SER B 390 -20.74 10.70 23.61
CA SER B 390 -21.34 9.75 22.65
C SER B 390 -20.82 10.03 21.23
N MET B 391 -20.55 11.30 20.89
CA MET B 391 -20.01 11.71 19.55
C MET B 391 -18.56 11.21 19.42
N LEU B 392 -17.71 11.46 20.42
CA LEU B 392 -16.33 10.92 20.48
C LEU B 392 -16.33 9.41 20.31
N ALA B 393 -17.26 8.70 20.96
CA ALA B 393 -17.28 7.22 20.96
C ALA B 393 -17.66 6.72 19.56
N PHE B 394 -18.48 7.46 18.82
CA PHE B 394 -18.81 7.15 17.42
C PHE B 394 -17.63 7.52 16.49
N LEU B 395 -17.00 8.69 16.65
CA LEU B 395 -16.03 9.22 15.65
C LEU B 395 -14.62 8.64 15.88
N THR B 396 -14.28 8.28 17.12
CA THR B 396 -12.90 7.83 17.48
C THR B 396 -12.47 6.66 16.61
N PRO B 397 -13.20 5.51 16.58
CA PRO B 397 -12.82 4.39 15.73
C PRO B 397 -12.89 4.70 14.23
N ILE B 398 -13.84 5.53 13.80
CA ILE B 398 -13.97 5.91 12.36
C ILE B 398 -12.68 6.65 11.99
N ALA B 399 -12.31 7.66 12.79
CA ALA B 399 -11.15 8.52 12.53
C ALA B 399 -9.91 7.63 12.50
N LYS B 400 -9.71 6.79 13.51
CA LYS B 400 -8.48 5.97 13.59
C LYS B 400 -8.37 5.08 12.33
N ALA B 401 -9.32 4.19 12.06
CA ALA B 401 -9.21 3.19 10.97
C ALA B 401 -9.28 3.89 9.60
N PHE B 402 -10.23 4.79 9.40
CA PHE B 402 -10.47 5.41 8.06
C PHE B 402 -9.33 6.37 7.70
N MET B 403 -8.88 7.20 8.63
CA MET B 403 -7.83 8.18 8.25
C MET B 403 -6.51 7.46 7.95
N THR B 404 -6.17 6.37 8.67
CA THR B 404 -4.91 5.62 8.45
C THR B 404 -5.01 4.89 7.10
N GLU B 405 -6.10 4.17 6.88
CA GLU B 405 -6.31 3.45 5.62
C GLU B 405 -6.16 4.42 4.44
N VAL B 406 -6.87 5.55 4.41
CA VAL B 406 -6.79 6.43 3.21
C VAL B 406 -5.50 7.27 3.26
N GLY B 407 -4.91 7.45 4.44
CA GLY B 407 -3.57 8.08 4.58
C GLY B 407 -2.52 7.24 3.85
N PHE B 408 -2.58 5.92 4.01
CA PHE B 408 -1.65 4.97 3.37
C PHE B 408 -1.90 4.94 1.86
N GLU B 409 -3.16 4.92 1.45
CA GLU B 409 -3.49 5.09 0.01
C GLU B 409 -2.87 6.41 -0.50
N SER B 410 -2.98 7.49 0.28
CA SER B 410 -2.58 8.86 -0.14
C SER B 410 -1.06 8.87 -0.28
N ALA B 411 -0.36 8.16 0.61
CA ALA B 411 1.11 8.09 0.63
C ALA B 411 1.56 7.41 -0.67
N ASN B 412 0.84 6.38 -1.09
CA ASN B 412 1.15 5.62 -2.32
C ASN B 412 0.92 6.48 -3.56
N HIS B 413 -0.12 7.32 -3.60
CA HIS B 413 -0.32 8.28 -4.72
C HIS B 413 0.91 9.18 -4.82
N GLY B 414 1.35 9.74 -3.69
CA GLY B 414 2.61 10.52 -3.61
C GLY B 414 3.76 9.85 -4.35
N VAL B 415 4.05 8.59 -3.99
CA VAL B 415 5.10 7.79 -4.67
C VAL B 415 4.77 7.70 -6.17
N GLN B 416 3.55 7.28 -6.54
CA GLN B 416 3.16 7.07 -7.96
C GLN B 416 3.42 8.30 -8.81
N ILE B 417 3.11 9.48 -8.29
CA ILE B 417 3.35 10.77 -9.00
C ILE B 417 4.84 10.93 -9.35
N PHE B 418 5.76 10.41 -8.53
CA PHE B 418 7.22 10.51 -8.81
C PHE B 418 7.62 9.41 -9.80
N GLY B 419 6.73 8.50 -10.16
CA GLY B 419 7.11 7.35 -11.02
C GLY B 419 8.20 6.54 -10.35
N GLY B 420 9.13 5.97 -11.15
CA GLY B 420 10.31 5.25 -10.66
C GLY B 420 11.00 5.96 -9.52
N HIS B 421 11.33 7.24 -9.70
CA HIS B 421 11.98 8.13 -8.73
C HIS B 421 11.34 7.99 -7.32
N GLY B 422 10.02 7.74 -7.24
CA GLY B 422 9.34 7.58 -5.93
C GLY B 422 9.87 6.40 -5.11
N PHE B 423 10.48 5.41 -5.75
CA PHE B 423 10.95 4.18 -5.07
C PHE B 423 12.29 4.42 -4.40
N ILE B 424 12.92 5.55 -4.72
CA ILE B 424 14.34 5.86 -4.33
C ILE B 424 14.29 6.64 -3.03
N ALA B 425 15.14 6.28 -2.07
CA ALA B 425 15.14 6.76 -0.65
C ALA B 425 15.20 8.29 -0.52
N GLU B 426 16.09 8.91 -1.28
CA GLU B 426 16.47 10.35 -1.19
C GLU B 426 15.25 11.27 -1.30
N HIS B 427 14.16 10.89 -1.96
CA HIS B 427 13.00 11.81 -2.12
C HIS B 427 12.02 11.69 -0.94
N GLY B 428 12.24 10.79 0.03
CA GLY B 428 11.40 10.74 1.26
C GLY B 428 9.97 10.23 1.04
N MET B 429 9.53 10.00 -0.19
CA MET B 429 8.13 9.63 -0.47
C MET B 429 7.91 8.17 -0.06
N GLU B 430 8.92 7.35 -0.24
CA GLU B 430 8.82 5.91 0.07
C GLU B 430 8.91 5.72 1.59
N GLN B 431 9.71 6.51 2.30
CA GLN B 431 9.72 6.52 3.79
C GLN B 431 8.31 6.81 4.31
N ASN B 432 7.64 7.81 3.75
CA ASN B 432 6.24 8.15 4.13
C ASN B 432 5.35 6.90 4.07
N VAL B 433 5.40 6.14 2.98
CA VAL B 433 4.60 4.88 2.84
C VAL B 433 4.97 3.88 3.97
N ARG B 434 6.26 3.64 4.14
CA ARG B 434 6.80 2.70 5.16
C ARG B 434 6.32 3.13 6.57
N ASP B 435 6.42 4.41 6.91
CA ASP B 435 5.99 4.93 8.22
C ASP B 435 4.47 4.82 8.35
N SER B 436 3.76 4.95 7.24
CA SER B 436 2.27 4.90 7.24
C SER B 436 1.81 3.48 7.57
N ARG B 437 2.53 2.45 7.14
CA ARG B 437 1.97 1.07 7.19
C ARG B 437 1.65 0.62 8.62
N ILE B 438 2.40 1.01 9.65
CA ILE B 438 2.13 0.54 11.04
C ILE B 438 0.83 1.14 11.56
N SER B 439 0.43 2.29 11.03
CA SER B 439 -0.71 3.08 11.56
C SER B 439 -2.02 2.27 11.47
N MET B 440 -2.11 1.28 10.58
CA MET B 440 -3.31 0.41 10.42
C MET B 440 -3.17 -0.85 11.28
N LEU B 441 -2.03 -1.06 11.95
CA LEU B 441 -1.79 -2.28 12.78
C LEU B 441 -1.83 -1.95 14.29
N TYR B 442 -1.24 -0.83 14.69
CA TYR B 442 -1.17 -0.55 16.13
C TYR B 442 -2.31 0.36 16.60
N GLU B 443 -2.42 0.52 17.92
CA GLU B 443 -3.51 1.29 18.57
C GLU B 443 -4.86 0.74 18.10
N GLY B 444 -5.01 -0.58 18.09
CA GLY B 444 -6.21 -1.27 17.55
C GLY B 444 -6.18 -1.40 16.05
N THR B 445 -6.13 -2.62 15.52
CA THR B 445 -6.03 -2.86 14.05
C THR B 445 -7.28 -2.32 13.39
N THR B 446 -7.22 -2.01 12.10
CA THR B 446 -8.38 -1.61 11.29
C THR B 446 -9.53 -2.54 11.66
N GLY B 447 -9.28 -3.86 11.70
CA GLY B 447 -10.36 -4.86 11.86
C GLY B 447 -10.97 -4.79 13.24
N VAL B 448 -10.14 -4.56 14.25
CA VAL B 448 -10.59 -4.47 15.67
C VAL B 448 -11.39 -3.19 15.86
N GLN B 449 -10.92 -2.09 15.25
CA GLN B 449 -11.63 -0.79 15.29
C GLN B 449 -13.00 -0.96 14.62
N ALA B 450 -13.07 -1.67 13.52
CA ALA B 450 -14.33 -1.77 12.76
C ALA B 450 -15.30 -2.53 13.66
N LEU B 451 -14.81 -3.62 14.25
CA LEU B 451 -15.61 -4.48 15.14
C LEU B 451 -16.12 -3.62 16.31
N ASP B 452 -15.27 -2.77 16.87
CA ASP B 452 -15.64 -1.84 17.97
C ASP B 452 -16.78 -0.92 17.49
N LEU B 453 -16.59 -0.25 16.36
CA LEU B 453 -17.60 0.70 15.85
C LEU B 453 -18.93 -0.06 15.66
N LEU B 454 -18.97 -1.16 14.93
CA LEU B 454 -20.29 -1.70 14.48
C LEU B 454 -20.97 -2.45 15.62
N GLY B 455 -20.23 -3.29 16.35
CA GLY B 455 -20.77 -4.24 17.34
C GLY B 455 -21.02 -3.57 18.69
N ARG B 456 -19.99 -2.97 19.27
CA ARG B 456 -20.01 -2.40 20.64
C ARG B 456 -20.71 -1.03 20.61
N LYS B 457 -20.44 -0.17 19.63
CA LYS B 457 -20.89 1.25 19.65
C LYS B 457 -22.27 1.41 18.98
N VAL B 458 -22.43 0.86 17.77
CA VAL B 458 -23.63 1.10 16.94
C VAL B 458 -24.66 0.03 17.32
N LEU B 459 -24.40 -1.25 17.07
CA LEU B 459 -25.41 -2.33 17.22
C LEU B 459 -25.83 -2.51 18.69
N MET B 460 -24.91 -2.22 19.62
CA MET B 460 -25.10 -2.36 21.10
C MET B 460 -25.90 -1.17 21.64
N THR B 461 -25.99 -0.05 20.92
CA THR B 461 -26.87 1.10 21.27
C THR B 461 -28.12 1.08 20.38
N GLN B 462 -28.32 -0.03 19.68
CA GLN B 462 -29.44 -0.22 18.71
C GLN B 462 -29.54 0.97 17.77
N GLY B 463 -28.40 1.55 17.41
CA GLY B 463 -28.27 2.55 16.34
C GLY B 463 -28.17 3.96 16.89
N GLU B 464 -28.26 4.17 18.21
CA GLU B 464 -28.33 5.53 18.81
C GLU B 464 -27.00 6.25 18.60
N ALA B 465 -25.87 5.53 18.70
CA ALA B 465 -24.50 6.08 18.52
C ALA B 465 -24.38 6.81 17.16
N LEU B 466 -25.11 6.38 16.12
CA LEU B 466 -25.06 6.93 14.73
C LEU B 466 -25.85 8.25 14.69
N LYS B 467 -26.90 8.35 15.52
CA LYS B 467 -27.98 9.35 15.41
C LYS B 467 -27.45 10.76 15.70
N GLY B 468 -26.54 10.90 16.66
CA GLY B 468 -25.81 12.15 16.95
C GLY B 468 -25.30 12.80 15.67
N PHE B 469 -24.63 12.01 14.81
CA PHE B 469 -23.98 12.49 13.56
C PHE B 469 -25.02 12.67 12.45
N THR B 470 -25.91 11.70 12.21
CA THR B 470 -26.91 11.77 11.12
C THR B 470 -27.94 12.87 11.39
N LYS B 471 -28.11 13.25 12.66
CA LYS B 471 -28.88 14.47 13.05
C LYS B 471 -28.21 15.71 12.43
N ILE B 472 -26.93 15.99 12.74
CA ILE B 472 -26.17 17.16 12.18
C ILE B 472 -26.26 17.15 10.65
N VAL B 473 -26.10 16.01 10.00
CA VAL B 473 -26.15 15.95 8.51
C VAL B 473 -27.54 16.33 8.04
N HIS B 474 -28.58 15.78 8.68
CA HIS B 474 -29.98 16.04 8.28
C HIS B 474 -30.31 17.52 8.46
N LYS B 475 -29.83 18.17 9.52
CA LYS B 475 -29.99 19.63 9.74
C LYS B 475 -29.28 20.44 8.65
N PHE B 476 -28.10 20.01 8.16
CA PHE B 476 -27.34 20.70 7.09
C PHE B 476 -28.14 20.65 5.76
N CYS B 477 -28.66 19.48 5.40
CA CYS B 477 -29.40 19.30 4.12
C CYS B 477 -30.71 20.12 4.13
N GLN B 478 -31.27 20.36 5.33
CA GLN B 478 -32.52 21.14 5.51
C GLN B 478 -32.23 22.63 5.38
N ALA B 479 -31.19 23.12 6.06
CA ALA B 479 -30.84 24.54 6.07
C ALA B 479 -30.28 24.97 4.71
N ASN B 480 -29.80 24.02 3.90
CA ASN B 480 -29.05 24.32 2.65
C ASN B 480 -29.71 23.66 1.45
N GLU B 481 -30.92 23.11 1.61
CA GLU B 481 -31.63 22.40 0.51
C GLU B 481 -31.86 23.35 -0.66
N ALA B 482 -32.20 24.61 -0.40
CA ALA B 482 -32.55 25.62 -1.43
C ALA B 482 -31.38 26.62 -1.64
N ASN B 483 -30.20 26.33 -1.09
CA ASN B 483 -28.92 27.00 -1.40
C ASN B 483 -28.41 26.54 -2.76
N GLU B 484 -28.48 27.40 -3.77
CA GLU B 484 -28.16 27.08 -5.20
C GLU B 484 -26.71 26.63 -5.40
N ALA B 485 -25.75 27.14 -4.61
CA ALA B 485 -24.31 26.88 -4.78
C ALA B 485 -23.96 25.44 -4.32
N VAL B 486 -24.71 24.87 -3.37
CA VAL B 486 -24.42 23.50 -2.84
C VAL B 486 -25.61 22.57 -3.06
N LYS B 487 -26.50 22.90 -4.00
CA LYS B 487 -27.60 22.00 -4.46
C LYS B 487 -27.01 20.62 -4.77
N GLU B 488 -25.92 20.60 -5.55
CA GLU B 488 -25.32 19.37 -6.12
C GLU B 488 -24.73 18.49 -5.01
N PHE B 489 -24.30 19.07 -3.89
CA PHE B 489 -23.72 18.37 -2.71
C PHE B 489 -24.85 17.88 -1.79
N VAL B 490 -25.87 18.71 -1.54
CA VAL B 490 -26.94 18.41 -0.53
C VAL B 490 -27.76 17.20 -1.00
N ALA B 491 -28.11 17.12 -2.28
CA ALA B 491 -28.96 16.04 -2.83
C ALA B 491 -28.35 14.69 -2.49
N PRO B 492 -27.16 14.32 -3.03
CA PRO B 492 -26.53 13.04 -2.70
C PRO B 492 -26.15 12.88 -1.23
N LEU B 493 -25.93 13.98 -0.49
CA LEU B 493 -25.63 13.91 0.96
C LEU B 493 -26.89 13.46 1.72
N ALA B 494 -28.05 14.06 1.41
CA ALA B 494 -29.34 13.66 2.02
C ALA B 494 -29.59 12.18 1.70
N GLN B 495 -29.41 11.78 0.45
CA GLN B 495 -29.64 10.37 0.04
C GLN B 495 -28.72 9.44 0.85
N LEU B 496 -27.44 9.75 0.96
CA LEU B 496 -26.45 8.89 1.67
C LEU B 496 -26.79 8.88 3.16
N ASN B 497 -27.26 10.02 3.69
CA ASN B 497 -27.59 10.10 5.14
C ASN B 497 -28.73 9.12 5.43
N LYS B 498 -29.71 9.03 4.55
CA LYS B 498 -30.81 8.05 4.71
C LYS B 498 -30.20 6.64 4.72
N GLU B 499 -29.42 6.33 3.69
CA GLU B 499 -28.96 4.96 3.38
C GLU B 499 -28.09 4.52 4.56
N TRP B 500 -27.29 5.43 5.10
CA TRP B 500 -26.46 5.16 6.31
C TRP B 500 -27.28 4.47 7.40
N GLY B 501 -28.44 5.05 7.74
CA GLY B 501 -29.36 4.55 8.80
C GLY B 501 -30.03 3.26 8.36
N ASP B 502 -30.44 3.18 7.08
CA ASP B 502 -31.10 1.96 6.51
C ASP B 502 -30.16 0.77 6.65
N LEU B 503 -28.90 0.93 6.21
CA LEU B 503 -27.85 -0.10 6.23
C LEU B 503 -27.65 -0.54 7.67
N THR B 504 -27.66 0.41 8.60
CA THR B 504 -27.37 0.15 10.05
C THR B 504 -28.45 -0.84 10.52
N MET B 505 -29.71 -0.58 10.14
CA MET B 505 -30.89 -1.40 10.48
C MET B 505 -30.78 -2.79 9.81
N LYS B 506 -30.47 -2.87 8.51
CA LYS B 506 -30.38 -4.17 7.76
C LYS B 506 -29.30 -5.07 8.38
N VAL B 507 -28.19 -4.47 8.80
CA VAL B 507 -27.03 -5.18 9.39
C VAL B 507 -27.43 -5.71 10.78
N GLY B 508 -28.15 -4.92 11.60
CA GLY B 508 -28.71 -5.37 12.89
C GLY B 508 -29.64 -6.56 12.74
N MET B 509 -30.47 -6.53 11.69
CA MET B 509 -31.42 -7.60 11.28
C MET B 509 -30.64 -8.88 10.91
N ALA B 510 -29.62 -8.74 10.07
CA ALA B 510 -28.81 -9.86 9.55
C ALA B 510 -28.11 -10.48 10.77
N ALA B 511 -27.62 -9.62 11.66
CA ALA B 511 -26.83 -9.99 12.85
C ALA B 511 -27.73 -10.74 13.85
N MET B 512 -29.02 -10.40 13.91
CA MET B 512 -30.00 -11.15 14.77
C MET B 512 -30.11 -12.61 14.28
N LYS B 513 -30.08 -12.89 12.98
CA LYS B 513 -30.14 -14.27 12.43
C LYS B 513 -28.79 -14.97 12.59
N ASP B 514 -27.67 -14.27 12.33
CA ASP B 514 -26.29 -14.83 12.35
C ASP B 514 -25.29 -13.78 12.87
N ARG B 515 -24.76 -13.98 14.07
CA ARG B 515 -23.74 -13.13 14.75
C ARG B 515 -22.48 -12.92 13.90
N GLU B 516 -22.19 -13.83 12.97
CA GLU B 516 -21.01 -13.75 12.05
C GLU B 516 -21.12 -12.47 11.21
N GLU B 517 -22.35 -11.94 11.02
CA GLU B 517 -22.65 -10.71 10.27
C GLU B 517 -21.94 -9.47 10.87
N VAL B 518 -21.80 -9.38 12.18
CA VAL B 518 -21.20 -8.15 12.76
C VAL B 518 -19.77 -8.06 12.22
N GLY B 519 -19.05 -9.18 12.25
CA GLY B 519 -17.69 -9.27 11.70
C GLY B 519 -17.71 -9.12 10.18
N ALA B 520 -18.64 -9.76 9.48
CA ALA B 520 -18.69 -9.78 8.00
C ALA B 520 -18.88 -8.36 7.42
N ALA B 521 -19.53 -7.47 8.14
CA ALA B 521 -19.95 -6.15 7.61
C ALA B 521 -19.00 -5.07 8.11
N SER B 522 -18.26 -5.39 9.18
CA SER B 522 -17.63 -4.41 10.10
C SER B 522 -16.72 -3.42 9.33
N VAL B 523 -15.73 -3.91 8.57
CA VAL B 523 -14.75 -2.99 7.94
C VAL B 523 -15.43 -2.26 6.78
N ASP B 524 -16.23 -2.96 6.00
CA ASP B 524 -17.07 -2.36 4.94
C ASP B 524 -17.92 -1.23 5.55
N TYR B 525 -18.49 -1.45 6.73
CA TYR B 525 -19.34 -0.45 7.41
C TYR B 525 -18.49 0.75 7.87
N LEU B 526 -17.33 0.48 8.44
CA LEU B 526 -16.48 1.55 9.00
C LEU B 526 -15.98 2.45 7.87
N MET B 527 -15.66 1.85 6.73
CA MET B 527 -15.12 2.59 5.55
C MET B 527 -16.23 3.43 4.92
N TYR B 528 -17.41 2.85 4.71
CA TYR B 528 -18.65 3.61 4.34
C TYR B 528 -18.88 4.81 5.28
N SER B 529 -18.91 4.58 6.59
CA SER B 529 -19.03 5.63 7.63
C SER B 529 -17.98 6.75 7.42
N GLY B 530 -16.75 6.36 7.08
CA GLY B 530 -15.66 7.34 6.85
C GLY B 530 -15.97 8.21 5.64
N TYR B 531 -16.40 7.61 4.52
CA TYR B 531 -16.70 8.39 3.29
C TYR B 531 -17.91 9.30 3.54
N ALA B 532 -18.82 8.90 4.44
CA ALA B 532 -20.11 9.61 4.69
C ALA B 532 -19.81 10.81 5.57
N CYS B 533 -19.02 10.64 6.62
CA CYS B 533 -18.43 11.76 7.41
C CYS B 533 -17.79 12.83 6.50
N LEU B 534 -16.95 12.43 5.56
CA LEU B 534 -16.15 13.34 4.69
C LEU B 534 -17.06 13.95 3.61
N ALA B 535 -18.13 13.26 3.20
CA ALA B 535 -19.17 13.83 2.31
C ALA B 535 -19.78 15.05 3.02
N TYR B 536 -20.13 14.91 4.28
CA TYR B 536 -20.68 16.02 5.10
C TYR B 536 -19.62 17.13 5.24
N PHE B 537 -18.35 16.81 5.49
CA PHE B 537 -17.37 17.87 5.80
C PHE B 537 -17.04 18.66 4.54
N TRP B 538 -17.07 17.99 3.39
CA TRP B 538 -16.84 18.59 2.05
C TRP B 538 -18.06 19.39 1.60
N ALA B 539 -19.28 18.93 1.85
CA ALA B 539 -20.50 19.71 1.57
C ALA B 539 -20.49 21.00 2.41
N ASP B 540 -20.01 20.94 3.65
CA ASP B 540 -19.97 22.10 4.57
C ASP B 540 -18.81 23.04 4.22
N MET B 541 -17.64 22.53 3.84
CA MET B 541 -16.52 23.40 3.41
C MET B 541 -16.95 24.11 2.11
N ALA B 542 -17.66 23.41 1.22
CA ALA B 542 -18.23 23.96 -0.03
C ALA B 542 -19.23 25.08 0.29
N ARG B 543 -20.16 24.86 1.22
CA ARG B 543 -21.11 25.88 1.74
C ARG B 543 -20.34 27.12 2.23
N LEU B 544 -19.34 26.97 3.08
CA LEU B 544 -18.55 28.10 3.60
C LEU B 544 -17.85 28.80 2.45
N ALA B 545 -17.31 28.02 1.51
CA ALA B 545 -16.53 28.53 0.35
C ALA B 545 -17.43 29.46 -0.47
N ALA B 546 -18.64 29.00 -0.80
CA ALA B 546 -19.68 29.74 -1.57
C ALA B 546 -20.16 30.98 -0.81
N GLU B 547 -20.30 30.91 0.52
CA GLU B 547 -20.64 32.06 1.41
C GLU B 547 -19.58 33.16 1.28
N LYS B 548 -18.30 32.78 1.37
CA LYS B 548 -17.20 33.77 1.32
C LYS B 548 -17.11 34.36 -0.08
N LEU B 549 -17.30 33.54 -1.10
CA LEU B 549 -17.13 34.02 -2.49
C LEU B 549 -18.25 35.00 -2.84
N ALA B 550 -19.44 34.78 -2.29
CA ALA B 550 -20.59 35.65 -2.59
C ALA B 550 -20.47 36.97 -1.82
N ALA B 551 -19.70 36.98 -0.75
CA ALA B 551 -19.57 38.19 0.08
C ALA B 551 -18.31 38.96 -0.30
N GLY B 552 -17.62 38.54 -1.35
CA GLY B 552 -16.35 39.16 -1.71
C GLY B 552 -15.23 38.75 -0.77
N THR B 553 -14.04 38.51 -1.31
CA THR B 553 -12.95 37.99 -0.46
C THR B 553 -11.56 38.24 -1.03
N GLY B 554 -10.61 38.61 -0.16
CA GLY B 554 -9.20 38.68 -0.58
C GLY B 554 -8.68 37.39 -1.21
N GLU B 555 -9.35 36.24 -1.04
CA GLU B 555 -8.72 34.92 -1.34
C GLU B 555 -9.64 34.09 -2.26
N GLU B 556 -10.01 34.63 -3.41
CA GLU B 556 -10.94 33.96 -4.37
C GLU B 556 -10.44 32.53 -4.60
N ALA B 557 -9.15 32.37 -4.92
CA ALA B 557 -8.60 31.09 -5.40
C ALA B 557 -8.71 30.05 -4.26
N PHE B 558 -8.51 30.46 -3.01
CA PHE B 558 -8.55 29.58 -1.83
C PHE B 558 -9.92 28.88 -1.80
N TYR B 559 -11.01 29.65 -1.86
CA TYR B 559 -12.40 29.14 -1.75
C TYR B 559 -12.84 28.44 -3.04
N LYS B 560 -12.42 28.87 -4.21
CA LYS B 560 -12.76 28.12 -5.46
C LYS B 560 -12.15 26.72 -5.42
N ALA B 561 -10.95 26.58 -4.87
CA ALA B 561 -10.23 25.30 -4.72
C ALA B 561 -11.05 24.38 -3.82
N LYS B 562 -11.60 24.91 -2.71
CA LYS B 562 -12.48 24.13 -1.79
C LYS B 562 -13.69 23.59 -2.56
N LEU B 563 -14.33 24.40 -3.40
CA LEU B 563 -15.49 23.93 -4.18
C LEU B 563 -15.05 22.84 -5.16
N GLN B 564 -13.88 23.02 -5.79
CA GLN B 564 -13.38 22.07 -6.81
C GLN B 564 -12.93 20.76 -6.15
N THR B 565 -12.33 20.80 -4.96
CA THR B 565 -12.03 19.57 -4.22
C THR B 565 -13.33 18.87 -3.77
N ALA B 566 -14.27 19.56 -3.15
CA ALA B 566 -15.57 18.97 -2.76
C ALA B 566 -16.20 18.22 -3.95
N ARG B 567 -16.23 18.82 -5.14
CA ARG B 567 -16.91 18.21 -6.32
C ARG B 567 -16.14 16.95 -6.77
N PHE B 568 -14.81 17.00 -6.68
CA PHE B 568 -13.96 15.83 -6.97
C PHE B 568 -14.31 14.74 -5.96
N TYR B 569 -14.44 15.10 -4.67
CA TYR B 569 -14.70 14.11 -3.62
C TYR B 569 -16.00 13.40 -3.96
N PHE B 570 -17.07 14.14 -4.26
CA PHE B 570 -18.43 13.56 -4.41
C PHE B 570 -18.44 12.72 -5.68
N GLN B 571 -17.84 13.20 -6.75
CA GLN B 571 -18.03 12.48 -8.05
C GLN B 571 -17.04 11.36 -8.29
N ARG B 572 -15.91 11.34 -7.60
CA ARG B 572 -14.83 10.39 -7.98
C ARG B 572 -14.44 9.49 -6.82
N ILE B 573 -14.68 9.90 -5.58
CA ILE B 573 -14.23 9.17 -4.36
C ILE B 573 -15.45 8.58 -3.65
N LEU B 574 -16.51 9.36 -3.40
CA LEU B 574 -17.66 8.91 -2.59
C LEU B 574 -18.32 7.67 -3.21
N PRO B 575 -18.35 7.47 -4.56
CA PRO B 575 -18.99 6.28 -5.16
C PRO B 575 -18.37 4.94 -4.72
N ARG B 576 -17.18 4.96 -4.10
CA ARG B 576 -16.60 3.75 -3.45
C ARG B 576 -17.59 3.20 -2.42
N THR B 577 -18.49 4.05 -1.90
CA THR B 577 -19.63 3.62 -1.03
C THR B 577 -20.39 2.47 -1.71
N ARG B 578 -20.55 2.47 -3.03
CA ARG B 578 -21.37 1.46 -3.73
C ARG B 578 -20.80 0.06 -3.43
N ALA B 579 -19.47 -0.08 -3.44
CA ALA B 579 -18.79 -1.38 -3.25
C ALA B 579 -18.87 -1.78 -1.78
N HIS B 580 -18.71 -0.82 -0.85
CA HIS B 580 -18.86 -1.10 0.59
C HIS B 580 -20.29 -1.58 0.88
N VAL B 581 -21.31 -0.92 0.32
CA VAL B 581 -22.73 -1.34 0.49
C VAL B 581 -22.95 -2.78 -0.05
N ALA B 582 -22.56 -3.05 -1.31
CA ALA B 582 -22.77 -4.35 -1.97
C ALA B 582 -22.11 -5.45 -1.14
N ALA B 583 -20.86 -5.25 -0.70
CA ALA B 583 -20.08 -6.24 0.08
C ALA B 583 -20.77 -6.51 1.42
N MET B 584 -21.21 -5.45 2.12
CA MET B 584 -21.80 -5.60 3.47
C MET B 584 -23.19 -6.25 3.40
N LEU B 585 -24.01 -5.95 2.39
CA LEU B 585 -25.32 -6.63 2.16
C LEU B 585 -25.17 -8.07 1.63
N SER B 586 -23.97 -8.51 1.21
CA SER B 586 -23.77 -9.84 0.58
C SER B 586 -23.88 -10.97 1.62
N GLY B 587 -23.74 -10.67 2.92
CA GLY B 587 -23.92 -11.65 4.02
C GLY B 587 -22.65 -12.42 4.36
N ALA B 588 -22.65 -13.03 5.55
CA ALA B 588 -21.46 -13.66 6.17
C ALA B 588 -21.12 -14.98 5.50
N ASN B 589 -22.08 -15.63 4.83
CA ASN B 589 -21.88 -16.99 4.28
C ASN B 589 -20.76 -17.04 3.24
N ASN B 590 -20.51 -15.97 2.47
CA ASN B 590 -19.53 -16.05 1.37
C ASN B 590 -18.13 -15.98 1.99
N LEU B 591 -18.03 -15.54 3.26
CA LEU B 591 -16.77 -15.55 4.05
C LEU B 591 -16.63 -16.84 4.84
N MET B 592 -17.72 -17.41 5.36
CA MET B 592 -17.65 -18.41 6.46
C MET B 592 -17.82 -19.84 5.93
N GLU B 593 -18.25 -20.05 4.70
CA GLU B 593 -18.62 -21.41 4.24
C GLU B 593 -17.37 -22.26 4.02
N MET B 594 -16.27 -21.66 3.58
CA MET B 594 -15.04 -22.43 3.25
C MET B 594 -14.42 -22.98 4.54
N ALA B 595 -14.06 -24.26 4.51
CA ALA B 595 -13.41 -24.89 5.67
C ALA B 595 -11.97 -24.39 5.78
N GLU B 596 -11.46 -24.29 6.99
CA GLU B 596 -10.08 -23.82 7.22
C GLU B 596 -9.10 -24.67 6.43
N GLU B 597 -9.31 -25.99 6.39
CA GLU B 597 -8.38 -26.93 5.72
C GLU B 597 -8.50 -26.89 4.20
N ASP B 598 -9.43 -26.10 3.66
CA ASP B 598 -9.68 -26.08 2.21
C ASP B 598 -9.21 -24.76 1.56
N PHE B 599 -8.56 -23.89 2.32
CA PHE B 599 -8.11 -22.56 1.80
C PHE B 599 -6.85 -22.70 0.95
N ALA B 600 -6.02 -23.72 1.18
CA ALA B 600 -4.71 -23.80 0.49
C ALA B 600 -4.47 -25.20 -0.09
N LEU B 601 -5.38 -25.69 -0.92
CA LEU B 601 -5.26 -27.05 -1.54
C LEU B 601 -4.48 -27.02 -2.87
N GLY B 602 -3.94 -25.85 -3.28
CA GLY B 602 -3.28 -25.67 -4.59
C GLY B 602 -1.78 -25.89 -4.54
N TYR B 603 -1.26 -26.58 -3.52
CA TYR B 603 0.21 -26.81 -3.28
C TYR B 603 0.46 -28.32 -3.44
PA FAD C . 7.87 9.76 -15.36
O1A FAD C . 8.46 11.10 -15.09
O2A FAD C . 7.92 9.22 -16.74
O5B FAD C . 6.36 9.75 -14.84
C5B FAD C . 6.04 10.44 -13.60
C4B FAD C . 4.55 10.38 -13.37
O4B FAD C . 3.86 11.04 -14.46
C3B FAD C . 3.94 8.97 -13.29
O3B FAD C . 2.85 8.94 -12.36
C2B FAD C . 3.45 8.75 -14.72
O2B FAD C . 2.44 7.78 -14.83
C1B FAD C . 2.92 10.15 -15.03
N9A FAD C . 2.83 10.42 -16.44
C8A FAD C . 3.84 10.70 -17.32
N7A FAD C . 3.41 10.88 -18.55
C5A FAD C . 2.03 10.70 -18.46
C6A FAD C . 1.00 10.77 -19.42
N6A FAD C . 1.19 11.03 -20.70
N1A FAD C . -0.26 10.55 -18.98
C2A FAD C . -0.45 10.28 -17.68
N3A FAD C . 0.44 10.19 -16.70
C4A FAD C . 1.67 10.42 -17.17
N1 FAD C . 14.46 1.57 -17.03
C2 FAD C . 15.18 0.88 -17.92
O2 FAD C . 15.29 1.28 -19.07
N3 FAD C . 15.75 -0.31 -17.63
C4 FAD C . 15.65 -0.87 -16.39
O4 FAD C . 16.20 -1.93 -16.16
C4X FAD C . 14.97 -0.14 -15.40
N5 FAD C . 14.92 -0.63 -14.18
C5X FAD C . 14.33 0.15 -13.22
C6 FAD C . 14.32 -0.30 -11.90
C7 FAD C . 13.79 0.45 -10.88
C7M FAD C . 13.83 -0.05 -9.47
C8 FAD C . 13.20 1.70 -11.19
C8M FAD C . 12.59 2.57 -10.12
C9 FAD C . 13.14 2.13 -12.49
C9A FAD C . 13.73 1.38 -13.52
N10 FAD C . 13.74 1.83 -14.84
C10 FAD C . 14.40 1.11 -15.80
C1' FAD C . 13.10 3.11 -15.18
C2' FAD C . 11.57 2.99 -15.08
O2' FAD C . 11.04 2.22 -16.15
C3' FAD C . 10.89 4.36 -15.02
O3' FAD C . 10.85 4.77 -13.67
C4' FAD C . 9.46 4.39 -15.57
O4' FAD C . 9.49 4.20 -16.99
C5' FAD C . 8.75 5.69 -15.24
O5' FAD C . 9.61 6.82 -15.58
P FAD C . 9.94 7.93 -14.49
O1P FAD C . 10.24 7.31 -13.18
O2P FAD C . 10.94 8.86 -15.08
O3P FAD C . 8.55 8.70 -14.39
C1 PEG D . 3.88 -9.74 -24.91
O1 PEG D . 3.61 -9.49 -23.52
C2 PEG D . 2.71 -9.39 -25.81
O2 PEG D . 3.06 -8.38 -26.76
C3 PEG D . 1.96 -7.92 -27.57
C4 PEG D . 1.08 -6.97 -26.78
O4 PEG D . 1.17 -5.60 -27.21
N1A CO8 E . 3.01 -2.50 -27.99
C2A CO8 E . 3.90 -2.57 -28.99
N3A CO8 E . 4.52 -1.59 -29.64
C4A CO8 E . 4.11 -0.40 -29.18
C5A CO8 E . 3.21 -0.16 -28.17
C6A CO8 E . 2.62 -1.27 -27.55
N6A CO8 E . 1.74 -1.20 -26.56
N7A CO8 E . 3.06 1.21 -27.98
C8A CO8 E . 3.87 1.76 -28.86
N9A CO8 E . 4.53 0.84 -29.62
C1B CO8 E . 5.52 1.06 -30.66
C2B CO8 E . 4.96 1.06 -32.08
O2B CO8 E . 5.93 0.58 -33.00
C3B CO8 E . 4.63 2.53 -32.31
O3B CO8 E . 4.78 2.85 -33.69
P3B CO8 E . 3.36 2.87 -34.47
O7A CO8 E . 3.66 3.38 -35.86
O8A CO8 E . 2.86 1.44 -34.48
O9A CO8 E . 2.45 3.80 -33.70
C4B CO8 E . 5.70 3.25 -31.50
O4B CO8 E . 6.08 2.35 -30.44
C5B CO8 E . 5.27 4.56 -30.90
O5B CO8 E . 3.89 4.45 -30.49
P1A CO8 E . 3.14 5.78 -30.02
O1A CO8 E . 3.41 6.87 -31.00
O2A CO8 E . 1.73 5.46 -29.67
O3A CO8 E . 3.95 6.10 -28.68
P2A CO8 E . 4.99 7.26 -28.32
O4A CO8 E . 6.01 7.33 -29.40
O5A CO8 E . 4.24 8.50 -27.95
O6A CO8 E . 5.66 6.67 -27.00
CBP CO8 E . 6.56 4.92 -25.59
CCP CO8 E . 5.96 5.24 -26.96
CDP CO8 E . 7.26 6.17 -25.04
CEP CO8 E . 7.59 3.81 -25.73
CAP CO8 E . 5.45 4.46 -24.63
OAP CO8 E . 5.24 3.08 -24.86
C9P CO8 E . 5.77 4.69 -23.16
O9P CO8 E . 5.34 5.71 -22.61
N8P CO8 E . 6.48 3.78 -22.54
C7P CO8 E . 7.19 4.02 -21.28
C6P CO8 E . 8.64 3.58 -21.34
C5P CO8 E . 8.88 2.24 -20.67
O5P CO8 E . 7.96 1.45 -20.46
N4P CO8 E . 10.14 1.96 -20.32
C3P CO8 E . 10.52 1.23 -19.12
C2P CO8 E . 10.94 -0.19 -19.42
S1P CO8 E . 12.55 -0.64 -18.74
C1' CO8 E . 12.11 -1.19 -17.13
O1' CO8 E . 11.42 -0.56 -16.37
C2' CO8 E . 12.69 -2.54 -16.81
C3' CO8 E . 12.53 -2.94 -15.37
C4' CO8 E . 11.50 -4.04 -15.18
C5' CO8 E . 12.05 -5.32 -14.63
C6' CO8 E . 11.24 -6.54 -14.98
C7' CO8 E . 12.08 -7.75 -15.28
C8' CO8 E . 11.28 -8.93 -15.80
C1 PEG F . 13.72 -2.88 6.51
O1 PEG F . 12.60 -3.74 6.85
C2 PEG F . 13.38 -1.38 6.47
O2 PEG F . 13.57 -0.84 5.15
C3 PEG F . 14.90 -0.95 4.66
C4 PEG F . 15.20 0.20 3.74
O4 PEG F . 14.30 0.29 2.66
PA FAD G . -3.32 -9.81 16.70
O1A FAD G . -4.01 -9.16 17.83
O2A FAD G . -2.89 -11.23 16.83
O5B FAD G . -4.18 -9.63 15.37
C5B FAD G . -3.78 -10.35 14.18
C4B FAD G . -4.87 -10.20 13.15
O4B FAD G . -6.09 -10.78 13.66
C3B FAD G . -5.23 -8.78 12.73
O3B FAD G . -5.58 -8.72 11.36
C2B FAD G . -6.44 -8.48 13.63
O2B FAD G . -7.27 -7.47 13.13
C1B FAD G . -7.13 -9.84 13.59
N9A FAD G . -8.04 -10.06 14.68
C8A FAD G . -7.74 -10.40 15.98
N7A FAD G . -8.80 -10.53 16.73
C5A FAD G . -9.87 -10.25 15.87
C6A FAD G . -11.26 -10.22 16.06
N6A FAD G . -11.86 -10.48 17.23
N1A FAD G . -12.02 -9.90 15.00
C2A FAD G . -11.41 -9.65 13.83
N3A FAD G . -10.12 -9.65 13.54
C4A FAD G . -9.40 -9.97 14.62
N1 FAD G . 1.74 -2.29 22.12
C2 FAD G . 1.80 -1.65 23.29
O2 FAD G . 1.17 -2.06 24.25
N3 FAD G . 2.51 -0.51 23.45
C4 FAD G . 3.23 0.04 22.42
O4 FAD G . 3.88 1.06 22.62
C4X FAD G . 3.24 -0.63 21.20
N5 FAD G . 3.96 -0.14 20.22
C5X FAD G . 4.02 -0.87 19.06
C6 FAD G . 4.84 -0.41 18.02
C7 FAD G . 4.97 -1.12 16.84
C7M FAD G . 5.87 -0.61 15.76
C8 FAD G . 4.23 -2.31 16.67
C8M FAD G . 4.33 -3.10 15.39
C9 FAD G . 3.38 -2.74 17.66
C9A FAD G . 3.28 -2.05 18.87
N10 FAD G . 2.48 -2.50 19.91
C10 FAD G . 2.46 -1.84 21.12
C1' FAD G . 1.69 -3.73 19.75
C2' FAD G . 0.48 -3.47 18.85
O2' FAD G . -0.48 -2.68 19.54
C3' FAD G . -0.15 -4.77 18.36
O3' FAD G . 0.63 -5.28 17.31
C4' FAD G . -1.59 -4.63 17.86
O4' FAD G . -2.46 -4.41 18.97
C5' FAD G . -2.04 -5.86 17.10
O5' FAD G . -1.80 -7.04 17.91
P FAD G . -0.96 -8.26 17.30
O1P FAD G . 0.18 -7.74 16.49
O2P FAD G . -0.67 -9.19 18.42
O3P FAD G . -2.03 -8.94 16.33
N1A CO8 H . -13.78 3.09 24.74
C2A CO8 H . -13.65 3.10 26.07
N3A CO8 H . -13.59 2.08 26.92
C4A CO8 H . -13.67 0.91 26.26
C5A CO8 H . -13.81 0.73 24.90
C6A CO8 H . -13.86 1.89 24.10
N6A CO8 H . -13.98 1.87 22.78
N7A CO8 H . -13.86 -0.62 24.60
C8A CO8 H . -13.75 -1.23 25.76
N9A CO8 H . -13.64 -0.35 26.80
C1B CO8 H . -13.50 -0.65 28.21
C2B CO8 H . -14.76 -0.47 29.03
O2B CO8 H . -14.44 -0.07 30.35
C3B CO8 H . -15.40 -1.85 28.96
O3B CO8 H . -16.22 -2.09 30.10
P3B CO8 H . -17.71 -2.52 29.69
O7A CO8 H . -18.23 -1.46 28.74
O8A CO8 H . -17.61 -3.87 29.02
O9A CO8 H . -18.51 -2.57 30.97
C4B CO8 H . -14.18 -2.76 28.98
O4B CO8 H . -13.13 -2.00 28.33
C5B CO8 H . -14.36 -4.06 28.26
O5B CO8 H . -15.04 -3.81 27.01
P1A CO8 H . -15.34 -5.06 26.06
O1A CO8 H . -15.99 -6.14 26.86
O2A CO8 H . -16.02 -4.58 24.82
O3A CO8 H . -13.85 -5.51 25.71
P2A CO8 H . -13.04 -6.88 25.98
O4A CO8 H . -13.04 -7.16 27.44
O5A CO8 H . -13.53 -7.93 25.04
O6A CO8 H . -11.56 -6.47 25.54
CBP CO8 H . -10.12 -5.46 23.91
CCP CO8 H . -11.22 -6.48 24.13
CDP CO8 H . -8.92 -5.81 24.80
CEP CO8 H . -10.64 -4.08 24.34
CAP CO8 H . -9.66 -5.42 22.45
OAP CO8 H . -10.78 -5.45 21.56
C9P CO8 H . -8.78 -4.22 22.14
O9P CO8 H . -9.30 -3.16 21.81
N8P CO8 H . -7.48 -4.39 22.25
C7P CO8 H . -6.59 -4.37 21.09
C6P CO8 H . -6.65 -3.06 20.36
C5P CO8 H . -5.96 -1.97 21.15
O5P CO8 H . -6.28 -0.79 21.03
N4P CO8 H . -4.97 -2.35 21.95
C3P CO8 H . -4.04 -1.40 22.56
C2P CO8 H . -2.98 -0.96 21.59
S1P CO8 H . -1.36 -1.33 22.29
C1' CO8 H . -0.48 0.14 21.91
O1' CO8 H . -0.02 0.86 22.76
C2' CO8 H . -0.39 0.40 20.44
C3' CO8 H . 0.85 1.13 20.02
C4' CO8 H . 0.85 2.60 20.40
C5' CO8 H . 1.66 3.48 19.50
C6' CO8 H . 0.86 4.52 18.76
C7' CO8 H . 1.59 5.81 18.51
C8' CO8 H . 0.90 7.04 19.03
#